data_2MZJ
#
_entry.id   2MZJ
#
_entity_poly.entity_id   1
_entity_poly.type   'polypeptide(L)'
_entity_poly.pdbx_seq_one_letter_code
;GNRFIVFVGSLPRDITAVELQNHFKNSSPDQIRLRADKGIAFLEFDADKDRTGIQRRMDIALLQHGTLLKEKKINVELTV
GG
;
_entity_poly.pdbx_strand_id   A
#
# COMPACT_ATOMS: atom_id res chain seq x y z
N GLY A 1 -12.53 2.99 11.32
CA GLY A 1 -12.99 1.93 12.24
C GLY A 1 -12.49 0.58 11.78
N ASN A 2 -13.34 -0.16 11.07
CA ASN A 2 -13.08 -1.49 10.52
C ASN A 2 -12.15 -1.44 9.32
N ARG A 3 -11.09 -0.63 9.32
CA ARG A 3 -10.13 -0.56 8.22
C ARG A 3 -8.78 -0.09 8.72
N PHE A 4 -7.75 -0.43 7.95
CA PHE A 4 -6.35 -0.10 8.20
C PHE A 4 -5.83 0.58 6.95
N ILE A 5 -4.70 1.27 7.05
CA ILE A 5 -4.07 1.98 5.95
C ILE A 5 -2.60 1.57 5.88
N VAL A 6 -2.04 1.59 4.68
CA VAL A 6 -0.66 1.25 4.39
C VAL A 6 0.06 2.55 3.99
N PHE A 7 1.16 2.87 4.68
CA PHE A 7 1.96 4.06 4.40
C PHE A 7 3.02 3.60 3.42
N VAL A 8 2.83 3.87 2.13
CA VAL A 8 3.81 3.49 1.12
C VAL A 8 4.54 4.77 0.73
N GLY A 9 5.87 4.83 0.67
CA GLY A 9 6.57 6.06 0.26
C GLY A 9 7.92 5.81 -0.42
N SER A 10 8.58 6.90 -0.81
CA SER A 10 9.88 6.97 -1.51
C SER A 10 9.72 6.70 -3.02
N LEU A 11 8.51 6.74 -3.54
CA LEU A 11 8.15 6.47 -4.93
C LEU A 11 8.89 7.33 -5.96
N PRO A 12 8.97 6.85 -7.22
CA PRO A 12 9.61 7.54 -8.33
C PRO A 12 8.76 8.74 -8.77
N ARG A 13 9.41 9.75 -9.35
CA ARG A 13 8.74 10.96 -9.83
C ARG A 13 7.73 10.64 -10.94
N ASP A 14 8.04 9.65 -11.77
CA ASP A 14 7.22 9.21 -12.89
C ASP A 14 6.21 8.12 -12.57
N ILE A 15 5.96 7.80 -11.29
CA ILE A 15 5.01 6.75 -10.88
C ILE A 15 3.66 6.78 -11.62
N THR A 16 3.12 5.60 -11.96
CA THR A 16 1.84 5.44 -12.64
C THR A 16 0.95 4.53 -11.79
N ALA A 17 -0.37 4.76 -11.82
CA ALA A 17 -1.35 3.98 -11.07
C ALA A 17 -1.31 2.51 -11.46
N VAL A 18 -0.93 2.22 -12.71
CA VAL A 18 -0.81 0.87 -13.24
C VAL A 18 0.19 0.09 -12.40
N GLU A 19 1.32 0.73 -12.08
CA GLU A 19 2.41 0.17 -11.30
C GLU A 19 2.06 0.03 -9.82
N LEU A 20 1.03 0.76 -9.36
CA LEU A 20 0.55 0.66 -7.99
C LEU A 20 -0.46 -0.48 -7.88
N GLN A 21 -1.37 -0.57 -8.85
CA GLN A 21 -2.41 -1.59 -8.89
C GLN A 21 -1.79 -2.98 -9.01
N ASN A 22 -0.80 -3.17 -9.88
CA ASN A 22 -0.16 -4.46 -10.11
C ASN A 22 0.62 -4.98 -8.91
N HIS A 23 1.11 -4.10 -8.05
CA HIS A 23 1.88 -4.42 -6.87
C HIS A 23 0.96 -4.97 -5.80
N PHE A 24 -0.01 -4.17 -5.37
CA PHE A 24 -0.96 -4.52 -4.32
C PHE A 24 -2.14 -5.37 -4.79
N LYS A 25 -2.16 -5.79 -6.05
CA LYS A 25 -3.21 -6.61 -6.65
C LYS A 25 -3.50 -7.82 -5.77
N ASN A 26 -2.49 -8.60 -5.36
CA ASN A 26 -2.67 -9.78 -4.49
C ASN A 26 -3.29 -9.41 -3.13
N SER A 27 -2.81 -8.33 -2.50
CA SER A 27 -3.32 -7.87 -1.21
C SER A 27 -4.74 -7.27 -1.30
N SER A 28 -5.22 -6.92 -2.49
CA SER A 28 -6.54 -6.37 -2.78
C SER A 28 -6.99 -5.17 -1.91
N PRO A 29 -6.39 -3.97 -2.10
CA PRO A 29 -6.77 -2.77 -1.35
C PRO A 29 -8.19 -2.34 -1.72
N ASP A 30 -8.74 -1.45 -0.90
CA ASP A 30 -10.07 -0.87 -1.04
C ASP A 30 -9.93 0.50 -1.68
N GLN A 31 -8.99 1.30 -1.15
CA GLN A 31 -8.73 2.65 -1.60
C GLN A 31 -7.31 2.76 -2.17
N ILE A 32 -7.07 3.64 -3.15
CA ILE A 32 -5.78 3.85 -3.81
C ILE A 32 -5.70 5.35 -4.17
N ARG A 33 -4.80 6.11 -3.54
CA ARG A 33 -4.60 7.55 -3.75
C ARG A 33 -3.11 7.88 -3.71
N LEU A 34 -2.47 8.11 -4.86
CA LEU A 34 -1.04 8.43 -5.02
C LEU A 34 -0.82 9.95 -4.95
N ARG A 35 0.09 10.41 -4.09
CA ARG A 35 0.48 11.82 -3.91
C ARG A 35 1.97 11.94 -4.23
N ALA A 36 2.30 12.13 -5.51
CA ALA A 36 3.68 12.26 -5.98
C ALA A 36 4.41 13.43 -5.30
N ASP A 37 3.67 14.41 -4.77
CA ASP A 37 4.13 15.61 -4.07
C ASP A 37 5.13 15.29 -2.95
N LYS A 38 5.01 14.08 -2.36
CA LYS A 38 5.86 13.54 -1.30
C LYS A 38 6.26 12.09 -1.63
N GLY A 39 5.96 11.61 -2.84
CA GLY A 39 6.26 10.26 -3.28
C GLY A 39 5.66 9.21 -2.36
N ILE A 40 4.46 9.47 -1.82
CA ILE A 40 3.72 8.60 -0.92
C ILE A 40 2.32 8.39 -1.49
N ALA A 41 1.58 7.47 -0.91
CA ALA A 41 0.23 7.12 -1.30
C ALA A 41 -0.48 6.58 -0.06
N PHE A 42 -1.78 6.39 -0.19
CA PHE A 42 -2.63 5.88 0.87
C PHE A 42 -3.40 4.72 0.24
N LEU A 43 -3.49 3.62 0.97
CA LEU A 43 -4.18 2.42 0.54
C LEU A 43 -4.95 1.91 1.75
N GLU A 44 -6.27 2.05 1.73
CA GLU A 44 -7.13 1.59 2.81
C GLU A 44 -7.49 0.14 2.49
N PHE A 45 -7.80 -0.65 3.51
CA PHE A 45 -8.16 -2.05 3.39
C PHE A 45 -9.30 -2.32 4.36
N ASP A 46 -10.47 -2.68 3.83
CA ASP A 46 -11.66 -2.96 4.62
C ASP A 46 -11.51 -4.25 5.42
N ALA A 47 -11.36 -4.12 6.73
CA ALA A 47 -11.23 -5.23 7.66
C ALA A 47 -12.54 -6.00 7.75
N ASP A 48 -13.67 -5.30 7.59
CA ASP A 48 -15.00 -5.89 7.65
C ASP A 48 -15.25 -6.84 6.48
N LYS A 49 -14.50 -6.69 5.39
CA LYS A 49 -14.61 -7.54 4.21
C LYS A 49 -14.27 -8.98 4.61
N ASP A 50 -13.30 -9.20 5.50
CA ASP A 50 -12.90 -10.53 5.96
C ASP A 50 -12.17 -10.47 7.30
N ARG A 51 -12.89 -10.81 8.38
CA ARG A 51 -12.34 -10.83 9.74
C ARG A 51 -11.05 -11.63 9.86
N THR A 52 -10.90 -12.71 9.11
CA THR A 52 -9.72 -13.58 9.20
C THR A 52 -8.84 -13.55 7.95
N GLY A 53 -9.06 -12.61 7.03
CA GLY A 53 -8.31 -12.44 5.80
C GLY A 53 -7.56 -11.11 5.74
N ILE A 54 -8.04 -10.08 6.47
CA ILE A 54 -7.41 -8.77 6.51
C ILE A 54 -5.93 -8.89 6.93
N GLN A 55 -5.62 -9.85 7.79
CA GLN A 55 -4.26 -10.13 8.28
C GLN A 55 -3.34 -10.39 7.09
N ARG A 56 -3.62 -11.44 6.31
CA ARG A 56 -2.78 -11.79 5.17
C ARG A 56 -2.72 -10.66 4.16
N ARG A 57 -3.82 -9.93 3.94
CA ARG A 57 -3.81 -8.82 3.00
C ARG A 57 -2.75 -7.81 3.46
N MET A 58 -2.68 -7.51 4.76
CA MET A 58 -1.71 -6.59 5.31
C MET A 58 -0.32 -7.21 5.16
N ASP A 59 -0.11 -8.48 5.51
CA ASP A 59 1.19 -9.17 5.40
C ASP A 59 1.76 -9.00 3.99
N ILE A 60 0.94 -9.31 2.98
CA ILE A 60 1.29 -9.24 1.57
C ILE A 60 1.67 -7.81 1.20
N ALA A 61 0.99 -6.80 1.74
CA ALA A 61 1.31 -5.41 1.46
C ALA A 61 2.60 -5.02 2.18
N LEU A 62 2.78 -5.43 3.43
CA LEU A 62 3.93 -5.14 4.28
C LEU A 62 5.20 -5.79 3.74
N LEU A 63 5.07 -6.92 3.05
CA LEU A 63 6.20 -7.62 2.46
C LEU A 63 6.81 -6.79 1.32
N GLN A 64 6.14 -5.72 0.87
CA GLN A 64 6.62 -4.83 -0.18
C GLN A 64 7.50 -3.71 0.42
N HIS A 65 7.81 -3.76 1.72
CA HIS A 65 8.67 -2.79 2.39
C HIS A 65 10.08 -3.11 1.92
N GLY A 66 10.69 -2.18 1.21
CA GLY A 66 12.03 -2.29 0.67
C GLY A 66 12.02 -2.90 -0.73
N THR A 67 10.87 -3.16 -1.34
CA THR A 67 10.89 -3.70 -2.69
C THR A 67 11.27 -2.55 -3.63
N LEU A 68 11.68 -2.93 -4.83
CA LEU A 68 12.08 -2.08 -5.91
C LEU A 68 10.88 -1.87 -6.82
N LEU A 69 10.70 -0.64 -7.31
CA LEU A 69 9.62 -0.20 -8.18
C LEU A 69 10.19 0.86 -9.12
N LYS A 70 10.09 0.65 -10.44
CA LYS A 70 10.58 1.57 -11.47
C LYS A 70 11.96 2.17 -11.14
N GLU A 71 12.89 1.30 -10.73
CA GLU A 71 14.28 1.61 -10.37
C GLU A 71 14.48 2.49 -9.13
N LYS A 72 13.50 2.49 -8.23
CA LYS A 72 13.52 3.19 -6.94
C LYS A 72 13.22 2.12 -5.91
N LYS A 73 13.68 2.29 -4.68
CA LYS A 73 13.41 1.34 -3.58
C LYS A 73 12.35 2.07 -2.77
N ILE A 74 11.29 1.41 -2.34
CA ILE A 74 10.21 2.06 -1.61
C ILE A 74 9.97 1.44 -0.24
N ASN A 75 9.29 2.18 0.64
CA ASN A 75 8.96 1.77 2.01
C ASN A 75 7.49 1.45 2.14
N VAL A 76 7.14 0.64 3.14
CA VAL A 76 5.79 0.23 3.48
C VAL A 76 5.71 0.04 4.99
N GLU A 77 4.89 0.82 5.69
CA GLU A 77 4.70 0.75 7.14
C GLU A 77 3.21 0.97 7.50
N LEU A 78 2.86 0.83 8.77
CA LEU A 78 1.50 0.99 9.28
C LEU A 78 1.18 2.46 9.54
N THR A 79 -0.10 2.79 9.42
CA THR A 79 -0.62 4.13 9.63
C THR A 79 -2.08 3.95 10.03
N VAL A 80 -2.43 4.37 11.25
CA VAL A 80 -3.73 4.33 11.91
C VAL A 80 -3.44 4.48 13.40
N GLY A 81 -2.77 3.50 13.97
CA GLY A 81 -2.37 3.43 15.37
C GLY A 81 -0.95 3.94 15.48
N GLY A 82 -0.79 5.25 15.29
CA GLY A 82 0.51 5.90 15.33
C GLY A 82 1.08 5.81 13.93
N GLY A 1 -9.92 1.51 13.93
CA GLY A 1 -11.25 0.90 13.91
C GLY A 1 -11.31 -0.18 12.85
N ASN A 2 -12.41 -0.25 12.10
CA ASN A 2 -12.59 -1.25 11.04
C ASN A 2 -11.82 -0.96 9.76
N ARG A 3 -10.97 0.07 9.68
CA ARG A 3 -10.26 0.33 8.44
C ARG A 3 -8.86 0.83 8.72
N PHE A 4 -7.89 0.07 8.27
CA PHE A 4 -6.47 0.35 8.39
C PHE A 4 -6.02 1.03 7.09
N ILE A 5 -4.85 1.67 7.16
CA ILE A 5 -4.24 2.39 6.05
C ILE A 5 -2.76 2.00 6.03
N VAL A 6 -2.21 1.77 4.84
CA VAL A 6 -0.80 1.44 4.69
C VAL A 6 -0.12 2.77 4.36
N PHE A 7 1.11 2.96 4.81
CA PHE A 7 1.94 4.13 4.59
C PHE A 7 3.01 3.68 3.59
N VAL A 8 2.85 4.10 2.35
CA VAL A 8 3.72 3.79 1.24
C VAL A 8 4.43 5.09 0.86
N GLY A 9 5.77 5.18 0.88
CA GLY A 9 6.52 6.39 0.54
C GLY A 9 7.82 6.08 -0.21
N SER A 10 8.55 7.14 -0.59
CA SER A 10 9.81 7.12 -1.35
C SER A 10 9.60 6.70 -2.82
N LEU A 11 8.37 6.86 -3.31
CA LEU A 11 7.95 6.50 -4.66
C LEU A 11 8.67 7.31 -5.74
N PRO A 12 8.86 6.72 -6.93
CA PRO A 12 9.51 7.39 -8.05
C PRO A 12 8.63 8.52 -8.57
N ARG A 13 9.24 9.57 -9.11
CA ARG A 13 8.54 10.71 -9.67
C ARG A 13 7.63 10.26 -10.82
N ASP A 14 8.07 9.27 -11.60
CA ASP A 14 7.35 8.72 -12.74
C ASP A 14 6.39 7.57 -12.41
N ILE A 15 6.07 7.36 -11.13
CA ILE A 15 5.16 6.30 -10.67
C ILE A 15 3.86 6.27 -11.51
N THR A 16 3.32 5.07 -11.78
CA THR A 16 2.11 4.88 -12.55
C THR A 16 1.13 4.07 -11.71
N ALA A 17 -0.16 4.31 -11.90
CA ALA A 17 -1.21 3.60 -11.18
C ALA A 17 -1.14 2.11 -11.48
N VAL A 18 -0.73 1.71 -12.69
CA VAL A 18 -0.62 0.30 -13.05
C VAL A 18 0.38 -0.39 -12.12
N GLU A 19 1.52 0.26 -11.83
CA GLU A 19 2.54 -0.33 -10.97
C GLU A 19 2.01 -0.43 -9.54
N LEU A 20 1.31 0.60 -9.05
CA LEU A 20 0.76 0.62 -7.71
C LEU A 20 -0.34 -0.42 -7.54
N GLN A 21 -1.19 -0.58 -8.55
CA GLN A 21 -2.26 -1.56 -8.53
C GLN A 21 -1.62 -2.95 -8.52
N ASN A 22 -0.63 -3.16 -9.40
CA ASN A 22 0.08 -4.41 -9.55
C ASN A 22 0.84 -4.86 -8.29
N HIS A 23 1.62 -3.97 -7.66
CA HIS A 23 2.38 -4.34 -6.47
C HIS A 23 1.51 -4.80 -5.30
N PHE A 24 0.27 -4.33 -5.20
CA PHE A 24 -0.65 -4.70 -4.14
C PHE A 24 -1.84 -5.53 -4.63
N LYS A 25 -1.83 -5.98 -5.88
CA LYS A 25 -2.89 -6.76 -6.48
C LYS A 25 -3.20 -8.03 -5.69
N ASN A 26 -2.19 -8.65 -5.06
CA ASN A 26 -2.38 -9.86 -4.25
C ASN A 26 -2.93 -9.50 -2.87
N SER A 27 -2.53 -8.36 -2.32
CA SER A 27 -2.99 -7.89 -1.02
C SER A 27 -4.45 -7.42 -1.15
N SER A 28 -4.88 -6.96 -2.33
CA SER A 28 -6.21 -6.51 -2.66
C SER A 28 -6.74 -5.32 -1.81
N PRO A 29 -6.11 -4.13 -1.93
CA PRO A 29 -6.51 -2.93 -1.20
C PRO A 29 -7.92 -2.46 -1.59
N ASP A 30 -8.49 -1.59 -0.77
CA ASP A 30 -9.82 -1.01 -0.92
C ASP A 30 -9.71 0.28 -1.72
N GLN A 31 -8.68 1.08 -1.43
CA GLN A 31 -8.44 2.35 -2.11
C GLN A 31 -6.97 2.53 -2.45
N ILE A 32 -6.68 3.48 -3.33
CA ILE A 32 -5.35 3.84 -3.79
C ILE A 32 -5.40 5.31 -4.17
N ARG A 33 -4.49 6.10 -3.61
CA ARG A 33 -4.34 7.52 -3.86
C ARG A 33 -2.86 7.82 -3.91
N LEU A 34 -2.30 8.03 -5.09
CA LEU A 34 -0.88 8.34 -5.24
C LEU A 34 -0.74 9.85 -5.12
N ARG A 35 0.11 10.34 -4.21
CA ARG A 35 0.38 11.76 -4.01
C ARG A 35 1.83 11.98 -4.44
N ALA A 36 2.03 12.21 -5.74
CA ALA A 36 3.34 12.44 -6.32
C ALA A 36 4.06 13.60 -5.63
N ASP A 37 3.29 14.57 -5.11
CA ASP A 37 3.73 15.77 -4.41
C ASP A 37 4.68 15.47 -3.23
N LYS A 38 4.61 14.26 -2.68
CA LYS A 38 5.45 13.81 -1.57
C LYS A 38 6.05 12.42 -1.82
N GLY A 39 5.76 11.80 -2.97
CA GLY A 39 6.24 10.48 -3.33
C GLY A 39 5.71 9.44 -2.37
N ILE A 40 4.44 9.54 -2.00
CA ILE A 40 3.76 8.64 -1.09
C ILE A 40 2.38 8.32 -1.63
N ALA A 41 1.73 7.33 -1.05
CA ALA A 41 0.41 6.90 -1.41
C ALA A 41 -0.34 6.49 -0.14
N PHE A 42 -1.65 6.33 -0.27
CA PHE A 42 -2.54 5.91 0.81
C PHE A 42 -3.37 4.79 0.21
N LEU A 43 -3.27 3.61 0.80
CA LEU A 43 -3.96 2.41 0.41
C LEU A 43 -4.70 1.93 1.65
N GLU A 44 -6.03 2.07 1.60
CA GLU A 44 -6.97 1.70 2.64
C GLU A 44 -7.29 0.21 2.52
N PHE A 45 -7.67 -0.42 3.63
CA PHE A 45 -8.04 -1.82 3.70
C PHE A 45 -9.17 -1.99 4.74
N ASP A 46 -10.39 -2.26 4.28
CA ASP A 46 -11.56 -2.45 5.15
C ASP A 46 -11.46 -3.80 5.86
N ALA A 47 -11.35 -3.72 7.18
CA ALA A 47 -11.25 -4.83 8.11
C ALA A 47 -12.61 -5.49 8.34
N ASP A 48 -13.69 -4.76 8.11
CA ASP A 48 -15.03 -5.28 8.30
C ASP A 48 -15.43 -6.16 7.13
N LYS A 49 -14.87 -5.92 5.93
CA LYS A 49 -15.17 -6.69 4.74
C LYS A 49 -14.56 -8.09 4.83
N ASP A 50 -13.37 -8.21 5.41
CA ASP A 50 -12.63 -9.46 5.53
C ASP A 50 -12.14 -9.67 6.97
N ARG A 51 -13.03 -10.08 7.88
CA ARG A 51 -12.68 -10.31 9.31
C ARG A 51 -11.50 -11.25 9.50
N THR A 52 -11.50 -12.37 8.80
CA THR A 52 -10.45 -13.37 8.92
C THR A 52 -9.33 -13.20 7.90
N GLY A 53 -9.34 -12.15 7.08
CA GLY A 53 -8.32 -11.96 6.06
C GLY A 53 -7.74 -10.56 5.98
N ILE A 54 -8.23 -9.57 6.72
CA ILE A 54 -7.66 -8.22 6.69
C ILE A 54 -6.17 -8.30 7.03
N GLN A 55 -5.82 -9.12 8.03
CA GLN A 55 -4.44 -9.31 8.44
C GLN A 55 -3.65 -9.80 7.22
N ARG A 56 -4.08 -10.92 6.61
CA ARG A 56 -3.46 -11.51 5.43
C ARG A 56 -3.24 -10.46 4.34
N ARG A 57 -4.28 -9.67 4.03
CA ARG A 57 -4.22 -8.62 3.03
C ARG A 57 -3.07 -7.66 3.36
N MET A 58 -2.98 -7.21 4.60
CA MET A 58 -1.93 -6.30 5.03
C MET A 58 -0.55 -6.99 5.07
N ASP A 59 -0.47 -8.29 5.35
CA ASP A 59 0.76 -9.10 5.42
C ASP A 59 1.49 -9.05 4.09
N ILE A 60 0.74 -9.33 3.03
CA ILE A 60 1.20 -9.35 1.65
C ILE A 60 1.66 -7.95 1.28
N ALA A 61 0.93 -6.92 1.73
CA ALA A 61 1.30 -5.55 1.45
C ALA A 61 2.59 -5.20 2.18
N LEU A 62 2.76 -5.62 3.45
CA LEU A 62 3.98 -5.29 4.21
C LEU A 62 5.20 -5.95 3.60
N LEU A 63 5.02 -7.13 2.99
CA LEU A 63 6.11 -7.84 2.35
C LEU A 63 6.65 -7.08 1.14
N GLN A 64 5.94 -6.05 0.66
CA GLN A 64 6.36 -5.26 -0.48
C GLN A 64 7.30 -4.12 -0.04
N HIS A 65 7.73 -4.03 1.21
CA HIS A 65 8.63 -3.02 1.73
C HIS A 65 10.03 -3.29 1.23
N GLY A 66 10.61 -2.33 0.52
CA GLY A 66 11.96 -2.42 -0.03
C GLY A 66 12.02 -2.82 -1.49
N THR A 67 10.88 -2.98 -2.18
CA THR A 67 10.82 -3.33 -3.58
C THR A 67 11.35 -2.14 -4.40
N LEU A 68 11.91 -2.43 -5.57
CA LEU A 68 12.44 -1.42 -6.48
C LEU A 68 11.36 -1.15 -7.51
N LEU A 69 10.77 0.03 -7.46
CA LEU A 69 9.73 0.48 -8.36
C LEU A 69 10.33 1.62 -9.15
N LYS A 70 10.40 1.47 -10.47
CA LYS A 70 10.98 2.45 -11.41
C LYS A 70 12.32 2.96 -10.87
N GLU A 71 13.25 2.04 -10.64
CA GLU A 71 14.59 2.27 -10.11
C GLU A 71 14.64 2.94 -8.73
N LYS A 72 13.53 3.00 -7.97
CA LYS A 72 13.46 3.61 -6.65
C LYS A 72 13.01 2.60 -5.61
N LYS A 73 13.84 2.41 -4.58
CA LYS A 73 13.53 1.49 -3.49
C LYS A 73 12.49 2.22 -2.66
N ILE A 74 11.31 1.65 -2.43
CA ILE A 74 10.27 2.31 -1.67
C ILE A 74 10.05 1.70 -0.27
N ASN A 75 9.26 2.37 0.56
CA ASN A 75 8.91 1.94 1.91
C ASN A 75 7.43 1.60 1.96
N VAL A 76 7.06 0.61 2.76
CA VAL A 76 5.69 0.14 2.96
C VAL A 76 5.58 -0.24 4.44
N GLU A 77 4.85 0.54 5.22
CA GLU A 77 4.63 0.33 6.65
C GLU A 77 3.14 0.50 6.96
N LEU A 78 2.69 0.20 8.17
CA LEU A 78 1.29 0.29 8.58
C LEU A 78 0.96 1.54 9.37
N THR A 79 -0.30 1.97 9.29
CA THR A 79 -0.82 3.12 10.01
C THR A 79 -2.25 2.80 10.48
N VAL A 80 -2.67 3.50 11.53
CA VAL A 80 -3.96 3.43 12.18
C VAL A 80 -4.33 2.03 12.69
N GLY A 81 -3.89 1.71 13.91
CA GLY A 81 -4.15 0.45 14.58
C GLY A 81 -3.00 -0.09 15.42
N GLY A 82 -1.81 0.52 15.34
CA GLY A 82 -0.61 0.13 16.09
C GLY A 82 -0.21 1.27 17.01
N GLY A 1 -10.35 0.28 14.88
CA GLY A 1 -11.71 -0.08 14.47
C GLY A 1 -11.70 -1.10 13.35
N ASN A 2 -12.43 -0.85 12.27
CA ASN A 2 -12.52 -1.74 11.11
C ASN A 2 -11.80 -1.24 9.86
N ARG A 3 -11.03 -0.16 9.94
CA ARG A 3 -10.32 0.39 8.78
C ARG A 3 -8.86 0.56 9.14
N PHE A 4 -7.99 0.21 8.21
CA PHE A 4 -6.53 0.29 8.33
C PHE A 4 -6.01 0.80 6.99
N ILE A 5 -4.81 1.39 7.03
CA ILE A 5 -4.17 1.97 5.86
C ILE A 5 -2.69 1.58 5.83
N VAL A 6 -2.19 1.42 4.62
CA VAL A 6 -0.82 1.07 4.27
C VAL A 6 -0.18 2.35 3.72
N PHE A 7 0.87 2.80 4.39
CA PHE A 7 1.68 3.96 4.03
C PHE A 7 2.74 3.41 3.09
N VAL A 8 3.02 4.08 1.98
CA VAL A 8 4.03 3.65 1.04
C VAL A 8 4.75 4.93 0.62
N GLY A 9 6.07 5.05 0.78
CA GLY A 9 6.80 6.27 0.36
C GLY A 9 8.01 5.91 -0.47
N SER A 10 8.81 6.91 -0.86
CA SER A 10 9.99 6.78 -1.70
C SER A 10 9.63 6.43 -3.15
N LEU A 11 8.38 6.64 -3.56
CA LEU A 11 7.91 6.34 -4.91
C LEU A 11 8.58 7.28 -5.92
N PRO A 12 8.83 6.82 -7.15
CA PRO A 12 9.44 7.64 -8.18
C PRO A 12 8.51 8.75 -8.61
N ARG A 13 9.03 9.88 -9.08
CA ARG A 13 8.20 10.98 -9.56
C ARG A 13 7.39 10.50 -10.77
N ASP A 14 7.95 9.57 -11.54
CA ASP A 14 7.39 8.94 -12.74
C ASP A 14 6.35 7.85 -12.46
N ILE A 15 6.07 7.54 -11.19
CA ILE A 15 5.12 6.50 -10.79
C ILE A 15 3.78 6.59 -11.53
N THR A 16 3.25 5.43 -11.94
CA THR A 16 2.00 5.27 -12.65
C THR A 16 1.05 4.48 -11.76
N ALA A 17 -0.25 4.73 -11.90
CA ALA A 17 -1.28 4.07 -11.11
C ALA A 17 -1.36 2.59 -11.47
N VAL A 18 -1.02 2.22 -12.72
CA VAL A 18 -1.06 0.84 -13.13
C VAL A 18 0.02 0.05 -12.39
N GLU A 19 1.19 0.66 -12.16
CA GLU A 19 2.28 0.00 -11.45
C GLU A 19 1.86 -0.18 -10.00
N LEU A 20 1.23 0.82 -9.39
CA LEU A 20 0.76 0.74 -8.01
C LEU A 20 -0.28 -0.37 -7.89
N GLN A 21 -1.29 -0.36 -8.76
CA GLN A 21 -2.36 -1.35 -8.80
C GLN A 21 -1.75 -2.74 -8.89
N ASN A 22 -0.83 -2.89 -9.85
CA ASN A 22 -0.13 -4.12 -10.12
C ASN A 22 0.66 -4.58 -8.90
N HIS A 23 1.34 -3.67 -8.20
CA HIS A 23 2.13 -4.04 -7.03
C HIS A 23 1.33 -4.53 -5.84
N PHE A 24 0.10 -4.04 -5.66
CA PHE A 24 -0.75 -4.42 -4.55
C PHE A 24 -1.87 -5.36 -4.98
N LYS A 25 -1.84 -5.88 -6.20
CA LYS A 25 -2.83 -6.78 -6.76
C LYS A 25 -3.11 -8.00 -5.88
N ASN A 26 -2.06 -8.62 -5.32
CA ASN A 26 -2.19 -9.80 -4.47
C ASN A 26 -2.79 -9.45 -3.10
N SER A 27 -2.62 -8.21 -2.65
CA SER A 27 -3.16 -7.75 -1.36
C SER A 27 -4.59 -7.22 -1.56
N SER A 28 -4.90 -6.68 -2.74
CA SER A 28 -6.16 -6.11 -3.16
C SER A 28 -6.62 -4.97 -2.24
N PRO A 29 -6.09 -3.74 -2.44
CA PRO A 29 -6.47 -2.59 -1.63
C PRO A 29 -7.91 -2.17 -1.94
N ASP A 30 -8.51 -1.40 -1.04
CA ASP A 30 -9.87 -0.89 -1.14
C ASP A 30 -9.83 0.48 -1.80
N GLN A 31 -8.76 1.23 -1.54
CA GLN A 31 -8.57 2.57 -2.07
C GLN A 31 -7.12 2.77 -2.50
N ILE A 32 -6.87 3.63 -3.49
CA ILE A 32 -5.52 3.92 -3.98
C ILE A 32 -5.43 5.40 -4.34
N ARG A 33 -4.50 6.12 -3.71
CA ARG A 33 -4.21 7.53 -3.93
C ARG A 33 -2.69 7.67 -3.92
N LEU A 34 -2.12 8.30 -4.94
CA LEU A 34 -0.70 8.53 -5.11
C LEU A 34 -0.49 10.05 -5.08
N ARG A 35 0.25 10.55 -4.08
CA ARG A 35 0.54 11.98 -3.95
C ARG A 35 2.03 12.12 -4.24
N ALA A 36 2.37 12.27 -5.53
CA ALA A 36 3.74 12.40 -5.98
C ALA A 36 4.48 13.58 -5.37
N ASP A 37 3.75 14.56 -4.82
CA ASP A 37 4.25 15.76 -4.17
C ASP A 37 5.28 15.43 -3.09
N LYS A 38 5.19 14.24 -2.49
CA LYS A 38 6.10 13.72 -1.48
C LYS A 38 6.49 12.28 -1.84
N GLY A 39 6.03 11.75 -2.98
CA GLY A 39 6.28 10.41 -3.48
C GLY A 39 5.81 9.38 -2.49
N ILE A 40 4.54 9.48 -2.11
CA ILE A 40 3.89 8.60 -1.16
C ILE A 40 2.50 8.26 -1.65
N ALA A 41 1.97 7.11 -1.21
CA ALA A 41 0.66 6.61 -1.54
C ALA A 41 -0.02 6.12 -0.27
N PHE A 42 -1.35 6.11 -0.30
CA PHE A 42 -2.22 5.68 0.79
C PHE A 42 -3.12 4.62 0.21
N LEU A 43 -3.02 3.40 0.75
CA LEU A 43 -3.79 2.26 0.33
C LEU A 43 -4.59 1.79 1.52
N GLU A 44 -5.88 2.08 1.50
CA GLU A 44 -6.82 1.71 2.55
C GLU A 44 -7.30 0.30 2.32
N PHE A 45 -7.76 -0.35 3.39
CA PHE A 45 -8.28 -1.70 3.40
C PHE A 45 -9.43 -1.69 4.40
N ASP A 46 -10.49 -2.44 4.13
CA ASP A 46 -11.65 -2.57 5.03
C ASP A 46 -11.55 -3.91 5.76
N ALA A 47 -11.28 -3.87 7.07
CA ALA A 47 -11.16 -5.06 7.91
C ALA A 47 -12.51 -5.72 8.11
N ASP A 48 -13.60 -4.96 8.03
CA ASP A 48 -14.95 -5.49 8.20
C ASP A 48 -15.21 -6.51 7.08
N LYS A 49 -14.63 -6.24 5.89
CA LYS A 49 -14.76 -7.07 4.70
C LYS A 49 -14.21 -8.49 4.87
N ASP A 50 -13.28 -8.75 5.80
CA ASP A 50 -12.72 -10.09 6.01
C ASP A 50 -11.96 -10.15 7.34
N ARG A 51 -12.62 -10.65 8.40
CA ARG A 51 -12.06 -10.76 9.75
C ARG A 51 -10.72 -11.48 9.90
N THR A 52 -10.39 -12.47 9.08
CA THR A 52 -9.12 -13.18 9.22
C THR A 52 -8.21 -13.05 8.00
N GLY A 53 -8.74 -12.49 6.91
CA GLY A 53 -8.01 -12.27 5.68
C GLY A 53 -7.46 -10.85 5.62
N ILE A 54 -7.97 -9.90 6.43
CA ILE A 54 -7.46 -8.53 6.44
C ILE A 54 -5.97 -8.60 6.79
N GLN A 55 -5.62 -9.49 7.72
CA GLN A 55 -4.28 -9.76 8.18
C GLN A 55 -3.43 -10.09 6.96
N ARG A 56 -3.77 -11.16 6.22
CA ARG A 56 -3.02 -11.56 5.04
C ARG A 56 -2.83 -10.40 4.07
N ARG A 57 -3.92 -9.68 3.75
CA ARG A 57 -3.88 -8.54 2.84
C ARG A 57 -2.83 -7.53 3.30
N MET A 58 -2.83 -7.15 4.58
CA MET A 58 -1.87 -6.21 5.13
C MET A 58 -0.46 -6.79 5.09
N ASP A 59 -0.27 -8.08 5.40
CA ASP A 59 1.04 -8.74 5.38
C ASP A 59 1.65 -8.68 3.99
N ILE A 60 0.85 -8.99 2.97
CA ILE A 60 1.25 -8.98 1.56
C ILE A 60 1.67 -7.57 1.19
N ALA A 61 0.96 -6.55 1.69
CA ALA A 61 1.30 -5.16 1.42
C ALA A 61 2.60 -4.80 2.16
N LEU A 62 2.76 -5.25 3.42
CA LEU A 62 3.94 -4.97 4.23
C LEU A 62 5.19 -5.58 3.62
N LEU A 63 5.05 -6.75 2.97
CA LEU A 63 6.14 -7.45 2.31
C LEU A 63 6.73 -6.65 1.16
N GLN A 64 6.11 -5.54 0.74
CA GLN A 64 6.62 -4.70 -0.35
C GLN A 64 7.64 -3.68 0.22
N HIS A 65 7.87 -3.66 1.53
CA HIS A 65 8.81 -2.79 2.19
C HIS A 65 10.20 -3.17 1.69
N GLY A 66 10.85 -2.21 1.05
CA GLY A 66 12.19 -2.35 0.48
C GLY A 66 12.22 -2.93 -0.91
N THR A 67 11.09 -3.17 -1.58
CA THR A 67 11.16 -3.72 -2.93
C THR A 67 11.52 -2.56 -3.88
N LEU A 68 11.98 -2.89 -5.09
CA LEU A 68 12.35 -1.91 -6.11
C LEU A 68 11.22 -1.83 -7.10
N LEU A 69 10.54 -0.70 -7.02
CA LEU A 69 9.39 -0.33 -7.83
C LEU A 69 9.81 0.86 -8.69
N LYS A 70 9.72 0.72 -10.01
CA LYS A 70 10.06 1.76 -10.97
C LYS A 70 11.41 2.43 -10.69
N GLU A 71 12.41 1.60 -10.38
CA GLU A 71 13.80 1.95 -10.10
C GLU A 71 14.01 2.72 -8.79
N LYS A 72 13.05 2.66 -7.87
CA LYS A 72 13.13 3.32 -6.57
C LYS A 72 12.87 2.29 -5.50
N LYS A 73 13.81 2.14 -4.56
CA LYS A 73 13.64 1.21 -3.45
C LYS A 73 12.64 1.94 -2.57
N ILE A 74 11.45 1.40 -2.41
CA ILE A 74 10.39 2.05 -1.62
C ILE A 74 10.31 1.55 -0.19
N ASN A 75 9.52 2.25 0.63
CA ASN A 75 9.28 1.96 2.04
C ASN A 75 7.79 1.74 2.24
N VAL A 76 7.41 0.88 3.19
CA VAL A 76 6.02 0.57 3.51
C VAL A 76 5.89 0.39 5.03
N GLU A 77 4.80 0.91 5.62
CA GLU A 77 4.47 0.85 7.04
C GLU A 77 2.96 1.11 7.22
N LEU A 78 2.44 1.02 8.43
CA LEU A 78 1.02 1.27 8.72
C LEU A 78 0.81 2.75 9.00
N THR A 79 -0.39 3.26 8.71
CA THR A 79 -0.75 4.65 8.98
C THR A 79 -2.19 4.61 9.48
N VAL A 80 -2.32 4.29 10.77
CA VAL A 80 -3.56 4.15 11.52
C VAL A 80 -3.10 3.92 12.96
N GLY A 81 -3.99 4.06 13.96
CA GLY A 81 -3.64 3.84 15.35
C GLY A 81 -4.88 3.60 16.19
N GLY A 82 -4.70 2.93 17.33
CA GLY A 82 -5.75 2.59 18.29
C GLY A 82 -5.55 1.18 18.81
N GLY A 1 -12.34 3.98 11.51
CA GLY A 1 -13.14 2.75 11.45
C GLY A 1 -12.26 1.52 11.57
N ASN A 2 -12.82 0.33 11.30
CA ASN A 2 -12.12 -0.95 11.36
C ASN A 2 -11.13 -1.14 10.21
N ARG A 3 -11.08 -0.21 9.27
CA ARG A 3 -10.20 -0.29 8.12
C ARG A 3 -8.84 0.33 8.45
N PHE A 4 -7.79 -0.44 8.15
CA PHE A 4 -6.40 -0.06 8.38
C PHE A 4 -5.88 0.61 7.09
N ILE A 5 -4.73 1.29 7.18
CA ILE A 5 -4.09 1.99 6.07
C ILE A 5 -2.59 1.67 6.08
N VAL A 6 -1.96 1.64 4.91
CA VAL A 6 -0.54 1.37 4.70
C VAL A 6 0.09 2.67 4.19
N PHE A 7 1.27 3.03 4.71
CA PHE A 7 2.02 4.21 4.33
C PHE A 7 3.20 3.78 3.50
N VAL A 8 3.25 4.21 2.24
CA VAL A 8 4.35 3.86 1.35
C VAL A 8 5.00 5.16 0.86
N GLY A 9 6.34 5.27 0.83
CA GLY A 9 7.00 6.48 0.33
C GLY A 9 8.29 6.15 -0.42
N SER A 10 8.88 7.14 -1.09
CA SER A 10 10.10 7.11 -1.92
C SER A 10 9.76 6.60 -3.33
N LEU A 11 8.47 6.62 -3.72
CA LEU A 11 7.98 6.14 -5.00
C LEU A 11 8.71 6.78 -6.19
N PRO A 12 8.79 6.08 -7.34
CA PRO A 12 9.45 6.59 -8.53
C PRO A 12 8.91 7.97 -8.90
N ARG A 13 9.76 8.82 -9.50
CA ARG A 13 9.36 10.17 -9.89
C ARG A 13 8.21 10.14 -10.88
N ASP A 14 8.17 9.09 -11.71
CA ASP A 14 7.16 8.88 -12.73
C ASP A 14 6.30 7.66 -12.43
N ILE A 15 6.06 7.39 -11.14
CA ILE A 15 5.23 6.29 -10.67
C ILE A 15 3.86 6.39 -11.37
N THR A 16 3.24 5.27 -11.72
CA THR A 16 1.94 5.25 -12.38
C THR A 16 0.98 4.42 -11.54
N ALA A 17 -0.31 4.78 -11.54
CA ALA A 17 -1.31 4.08 -10.76
C ALA A 17 -1.41 2.61 -11.20
N VAL A 18 -1.11 2.26 -12.45
CA VAL A 18 -1.16 0.87 -12.90
C VAL A 18 -0.14 0.04 -12.12
N GLU A 19 1.01 0.61 -11.78
CA GLU A 19 2.06 -0.07 -11.04
C GLU A 19 1.55 -0.37 -9.65
N LEU A 20 0.98 0.64 -9.01
CA LEU A 20 0.42 0.54 -7.68
C LEU A 20 -0.68 -0.52 -7.67
N GLN A 21 -1.64 -0.40 -8.59
CA GLN A 21 -2.75 -1.29 -8.74
C GLN A 21 -2.25 -2.73 -8.98
N ASN A 22 -1.15 -2.90 -9.71
CA ASN A 22 -0.54 -4.19 -10.01
C ASN A 22 0.22 -4.79 -8.83
N HIS A 23 1.04 -3.99 -8.14
CA HIS A 23 1.84 -4.43 -7.01
C HIS A 23 0.97 -4.83 -5.82
N PHE A 24 -0.15 -4.12 -5.60
CA PHE A 24 -1.07 -4.39 -4.50
C PHE A 24 -2.28 -5.24 -4.91
N LYS A 25 -2.39 -5.64 -6.18
CA LYS A 25 -3.46 -6.44 -6.73
C LYS A 25 -3.73 -7.71 -5.92
N ASN A 26 -2.67 -8.38 -5.45
CA ASN A 26 -2.80 -9.59 -4.65
C ASN A 26 -3.43 -9.24 -3.30
N SER A 27 -2.91 -8.22 -2.63
CA SER A 27 -3.39 -7.73 -1.33
C SER A 27 -4.80 -7.11 -1.42
N SER A 28 -5.29 -6.75 -2.61
CA SER A 28 -6.61 -6.17 -2.84
C SER A 28 -6.96 -5.01 -1.88
N PRO A 29 -6.40 -3.80 -2.11
CA PRO A 29 -6.69 -2.62 -1.29
C PRO A 29 -8.14 -2.17 -1.46
N ASP A 30 -8.61 -1.34 -0.54
CA ASP A 30 -9.95 -0.78 -0.53
C ASP A 30 -9.97 0.44 -1.44
N GLN A 31 -8.93 1.26 -1.37
CA GLN A 31 -8.76 2.47 -2.17
C GLN A 31 -7.26 2.68 -2.38
N ILE A 32 -6.91 3.49 -3.38
CA ILE A 32 -5.54 3.82 -3.80
C ILE A 32 -5.47 5.32 -4.03
N ARG A 33 -4.48 5.97 -3.41
CA ARG A 33 -4.23 7.41 -3.52
C ARG A 33 -2.73 7.66 -3.59
N LEU A 34 -2.21 7.96 -4.77
CA LEU A 34 -0.79 8.26 -5.01
C LEU A 34 -0.63 9.78 -4.91
N ARG A 35 0.27 10.29 -4.06
CA ARG A 35 0.55 11.72 -3.90
C ARG A 35 2.00 11.99 -4.27
N ALA A 36 2.23 12.31 -5.53
CA ALA A 36 3.55 12.63 -6.07
C ALA A 36 4.13 13.88 -5.38
N ASP A 37 3.26 14.69 -4.78
CA ASP A 37 3.58 15.92 -4.05
C ASP A 37 4.66 15.64 -3.01
N LYS A 38 4.67 14.43 -2.45
CA LYS A 38 5.63 13.94 -1.45
C LYS A 38 6.19 12.56 -1.81
N GLY A 39 5.85 11.99 -2.97
CA GLY A 39 6.33 10.68 -3.42
C GLY A 39 5.87 9.57 -2.49
N ILE A 40 4.66 9.68 -1.93
CA ILE A 40 4.06 8.73 -1.01
C ILE A 40 2.70 8.28 -1.53
N ALA A 41 2.11 7.28 -0.89
CA ALA A 41 0.81 6.74 -1.25
C ALA A 41 0.05 6.27 -0.02
N PHE A 42 -1.24 6.07 -0.22
CA PHE A 42 -2.19 5.63 0.79
C PHE A 42 -2.98 4.47 0.21
N LEU A 43 -3.17 3.42 1.00
CA LEU A 43 -3.90 2.22 0.61
C LEU A 43 -4.67 1.77 1.83
N GLU A 44 -6.00 1.87 1.79
CA GLU A 44 -6.85 1.43 2.89
C GLU A 44 -7.09 -0.07 2.73
N PHE A 45 -7.48 -0.75 3.81
CA PHE A 45 -7.78 -2.17 3.84
C PHE A 45 -8.93 -2.37 4.83
N ASP A 46 -10.13 -2.61 4.30
CA ASP A 46 -11.36 -2.82 5.09
C ASP A 46 -11.37 -4.16 5.80
N ALA A 47 -11.25 -4.15 7.13
CA ALA A 47 -11.24 -5.37 7.91
C ALA A 47 -12.54 -6.16 7.82
N ASP A 48 -13.69 -5.51 7.66
CA ASP A 48 -14.96 -6.23 7.59
C ASP A 48 -15.15 -6.94 6.24
N LYS A 49 -14.48 -6.46 5.19
CA LYS A 49 -14.60 -7.09 3.87
C LYS A 49 -14.10 -8.53 3.93
N ASP A 50 -13.13 -8.82 4.79
CA ASP A 50 -12.58 -10.16 4.94
C ASP A 50 -11.96 -10.28 6.32
N ARG A 51 -12.76 -10.59 7.35
CA ARG A 51 -12.29 -10.72 8.72
C ARG A 51 -11.11 -11.67 8.85
N THR A 52 -11.13 -12.76 8.09
CA THR A 52 -10.10 -13.78 8.12
C THR A 52 -8.96 -13.52 7.13
N GLY A 53 -9.02 -12.49 6.27
CA GLY A 53 -8.00 -12.20 5.28
C GLY A 53 -7.38 -10.81 5.38
N ILE A 54 -7.97 -9.87 6.13
CA ILE A 54 -7.44 -8.52 6.30
C ILE A 54 -5.97 -8.56 6.71
N GLN A 55 -5.64 -9.44 7.65
CA GLN A 55 -4.30 -9.64 8.16
C GLN A 55 -3.39 -9.97 6.98
N ARG A 56 -3.76 -10.96 6.14
CA ARG A 56 -2.99 -11.38 4.96
C ARG A 56 -2.81 -10.17 4.03
N ARG A 57 -3.88 -9.43 3.73
CA ARG A 57 -3.80 -8.26 2.86
C ARG A 57 -2.71 -7.31 3.36
N MET A 58 -2.75 -6.96 4.64
CA MET A 58 -1.76 -6.08 5.24
C MET A 58 -0.37 -6.71 5.20
N ASP A 59 -0.24 -8.02 5.44
CA ASP A 59 1.03 -8.74 5.43
C ASP A 59 1.68 -8.63 4.06
N ILE A 60 0.92 -8.93 3.01
CA ILE A 60 1.36 -8.88 1.61
C ILE A 60 1.82 -7.45 1.30
N ALA A 61 1.12 -6.44 1.80
CA ALA A 61 1.48 -5.05 1.58
C ALA A 61 2.75 -4.70 2.38
N LEU A 62 2.88 -5.18 3.62
CA LEU A 62 4.02 -4.91 4.50
C LEU A 62 5.29 -5.48 3.89
N LEU A 63 5.19 -6.66 3.28
CA LEU A 63 6.28 -7.38 2.63
C LEU A 63 6.90 -6.64 1.44
N GLN A 64 6.37 -5.46 1.07
CA GLN A 64 6.91 -4.66 -0.01
C GLN A 64 7.94 -3.63 0.51
N HIS A 65 8.25 -3.59 1.81
CA HIS A 65 9.20 -2.68 2.42
C HIS A 65 10.61 -2.93 1.89
N GLY A 66 11.15 -1.93 1.19
CA GLY A 66 12.48 -1.96 0.58
C GLY A 66 12.44 -2.53 -0.83
N THR A 67 11.26 -2.83 -1.39
CA THR A 67 11.20 -3.35 -2.74
C THR A 67 11.62 -2.26 -3.73
N LEU A 68 12.05 -2.71 -4.90
CA LEU A 68 12.49 -1.87 -6.00
C LEU A 68 11.36 -1.83 -7.01
N LEU A 69 10.74 -0.66 -7.15
CA LEU A 69 9.64 -0.41 -8.06
C LEU A 69 10.12 0.63 -9.07
N LYS A 70 10.19 0.24 -10.35
CA LYS A 70 10.63 1.09 -11.46
C LYS A 70 11.96 1.79 -11.14
N GLU A 71 12.97 1.02 -10.77
CA GLU A 71 14.32 1.45 -10.43
C GLU A 71 14.37 2.48 -9.29
N LYS A 72 13.42 2.40 -8.36
CA LYS A 72 13.31 3.26 -7.20
C LYS A 72 12.94 2.40 -6.00
N LYS A 73 13.81 2.37 -5.00
CA LYS A 73 13.56 1.61 -3.79
C LYS A 73 12.56 2.41 -2.99
N ILE A 74 11.63 1.70 -2.36
CA ILE A 74 10.56 2.30 -1.56
C ILE A 74 10.48 1.72 -0.16
N ASN A 75 9.69 2.34 0.70
CA ASN A 75 9.48 1.94 2.10
C ASN A 75 8.01 1.74 2.39
N VAL A 76 7.68 0.96 3.41
CA VAL A 76 6.32 0.66 3.86
C VAL A 76 6.28 0.72 5.40
N GLU A 77 5.14 1.12 5.99
CA GLU A 77 4.85 1.23 7.42
C GLU A 77 3.33 1.37 7.63
N LEU A 78 2.85 1.37 8.88
CA LEU A 78 1.44 1.49 9.23
C LEU A 78 1.09 2.96 9.46
N THR A 79 -0.17 3.31 9.22
CA THR A 79 -0.68 4.66 9.43
C THR A 79 -2.07 4.56 10.02
N VAL A 80 -2.12 4.37 11.34
CA VAL A 80 -3.37 4.26 12.08
C VAL A 80 -3.08 4.37 13.57
N GLY A 81 -1.99 3.78 14.03
CA GLY A 81 -1.61 3.82 15.43
C GLY A 81 -0.15 3.44 15.62
N GLY A 82 0.25 2.29 15.07
CA GLY A 82 1.59 1.76 15.14
C GLY A 82 1.45 0.35 15.63
N GLY A 1 -14.99 3.16 12.54
CA GLY A 1 -13.74 2.90 11.83
C GLY A 1 -13.27 1.47 12.03
N ASN A 2 -13.05 0.75 10.94
CA ASN A 2 -12.58 -0.63 10.90
C ASN A 2 -11.80 -0.85 9.61
N ARG A 3 -10.92 0.09 9.25
CA ARG A 3 -10.10 -0.01 8.06
C ARG A 3 -8.68 0.38 8.44
N PHE A 4 -7.72 -0.44 8.03
CA PHE A 4 -6.30 -0.22 8.29
C PHE A 4 -5.75 0.48 7.07
N ILE A 5 -4.57 1.09 7.21
CA ILE A 5 -3.93 1.82 6.12
C ILE A 5 -2.46 1.43 6.06
N VAL A 6 -1.93 1.48 4.84
CA VAL A 6 -0.55 1.19 4.53
C VAL A 6 0.02 2.44 3.88
N PHE A 7 0.98 3.07 4.55
CA PHE A 7 1.67 4.25 4.08
C PHE A 7 2.78 3.71 3.19
N VAL A 8 3.02 4.36 2.05
CA VAL A 8 4.05 3.96 1.12
C VAL A 8 4.82 5.24 0.79
N GLY A 9 6.16 5.21 0.74
CA GLY A 9 6.92 6.40 0.40
C GLY A 9 8.12 6.05 -0.46
N SER A 10 8.93 7.04 -0.82
CA SER A 10 10.12 6.94 -1.65
C SER A 10 9.80 6.56 -3.11
N LEU A 11 8.53 6.65 -3.50
CA LEU A 11 8.03 6.31 -4.85
C LEU A 11 8.77 7.08 -5.95
N PRO A 12 8.91 6.48 -7.15
CA PRO A 12 9.57 7.11 -8.28
C PRO A 12 8.80 8.34 -8.73
N ARG A 13 9.50 9.33 -9.29
CA ARG A 13 8.93 10.57 -9.79
C ARG A 13 7.80 10.28 -10.78
N ASP A 14 8.04 9.36 -11.71
CA ASP A 14 7.08 8.98 -12.75
C ASP A 14 6.13 7.85 -12.37
N ILE A 15 5.95 7.51 -11.10
CA ILE A 15 5.06 6.45 -10.63
C ILE A 15 3.68 6.49 -11.35
N THR A 16 3.17 5.32 -11.75
CA THR A 16 1.91 5.16 -12.46
C THR A 16 0.94 4.36 -11.58
N ALA A 17 -0.37 4.60 -11.72
CA ALA A 17 -1.39 3.89 -10.94
C ALA A 17 -1.38 2.40 -11.28
N VAL A 18 -0.99 2.02 -12.49
CA VAL A 18 -0.94 0.61 -12.87
C VAL A 18 0.13 -0.11 -12.04
N GLU A 19 1.27 0.53 -11.78
CA GLU A 19 2.33 -0.10 -10.98
C GLU A 19 1.84 -0.28 -9.54
N LEU A 20 1.09 0.71 -9.03
CA LEU A 20 0.55 0.67 -7.68
C LEU A 20 -0.45 -0.48 -7.58
N GLN A 21 -1.44 -0.49 -8.47
CA GLN A 21 -2.47 -1.51 -8.53
C GLN A 21 -1.82 -2.87 -8.63
N ASN A 22 -0.84 -3.02 -9.51
CA ASN A 22 -0.13 -4.27 -9.74
C ASN A 22 0.64 -4.79 -8.53
N HIS A 23 1.32 -3.93 -7.76
CA HIS A 23 2.06 -4.40 -6.58
C HIS A 23 1.09 -4.86 -5.50
N PHE A 24 0.06 -4.07 -5.23
CA PHE A 24 -0.94 -4.38 -4.20
C PHE A 24 -2.08 -5.27 -4.69
N LYS A 25 -2.06 -5.74 -5.95
CA LYS A 25 -3.09 -6.61 -6.53
C LYS A 25 -3.32 -7.84 -5.65
N ASN A 26 -2.22 -8.38 -5.13
CA ASN A 26 -2.17 -9.55 -4.28
C ASN A 26 -2.72 -9.27 -2.89
N SER A 27 -2.58 -8.05 -2.40
CA SER A 27 -3.05 -7.63 -1.08
C SER A 27 -4.49 -7.11 -1.11
N SER A 28 -5.09 -6.86 -2.28
CA SER A 28 -6.47 -6.39 -2.44
C SER A 28 -6.87 -5.19 -1.55
N PRO A 29 -6.35 -3.97 -1.82
CA PRO A 29 -6.68 -2.78 -1.06
C PRO A 29 -8.12 -2.33 -1.32
N ASP A 30 -8.64 -1.50 -0.41
CA ASP A 30 -9.98 -0.92 -0.45
C ASP A 30 -9.87 0.42 -1.16
N GLN A 31 -8.79 1.16 -0.89
CA GLN A 31 -8.54 2.47 -1.46
C GLN A 31 -7.08 2.58 -1.92
N ILE A 32 -6.77 3.50 -2.84
CA ILE A 32 -5.44 3.76 -3.38
C ILE A 32 -5.37 5.26 -3.65
N ARG A 33 -4.36 5.96 -3.12
CA ARG A 33 -4.17 7.39 -3.29
C ARG A 33 -2.69 7.69 -3.47
N LEU A 34 -2.26 8.02 -4.69
CA LEU A 34 -0.87 8.34 -5.03
C LEU A 34 -0.63 9.84 -4.92
N ARG A 35 0.31 10.29 -4.09
CA ARG A 35 0.66 11.70 -3.93
C ARG A 35 2.13 11.87 -4.31
N ALA A 36 2.39 11.96 -5.61
CA ALA A 36 3.74 12.13 -6.17
C ALA A 36 4.39 13.41 -5.65
N ASP A 37 3.60 14.38 -5.17
CA ASP A 37 4.06 15.67 -4.62
C ASP A 37 5.08 15.49 -3.49
N LYS A 38 5.12 14.31 -2.85
CA LYS A 38 6.07 13.95 -1.79
C LYS A 38 6.69 12.57 -2.10
N GLY A 39 6.23 11.88 -3.16
CA GLY A 39 6.71 10.56 -3.55
C GLY A 39 6.17 9.52 -2.56
N ILE A 40 4.91 9.65 -2.17
CA ILE A 40 4.25 8.79 -1.21
C ILE A 40 2.88 8.34 -1.73
N ALA A 41 2.24 7.40 -1.03
CA ALA A 41 0.91 6.89 -1.34
C ALA A 41 0.26 6.39 -0.05
N PHE A 42 -1.05 6.17 -0.11
CA PHE A 42 -1.91 5.69 0.96
C PHE A 42 -2.78 4.62 0.34
N LEU A 43 -3.06 3.56 1.10
CA LEU A 43 -3.89 2.45 0.70
C LEU A 43 -4.68 2.02 1.92
N GLU A 44 -6.00 2.18 1.90
CA GLU A 44 -6.89 1.79 2.98
C GLU A 44 -7.30 0.33 2.71
N PHE A 45 -7.69 -0.43 3.74
CA PHE A 45 -8.10 -1.83 3.68
C PHE A 45 -9.21 -2.09 4.70
N ASP A 46 -10.43 -2.40 4.25
CA ASP A 46 -11.59 -2.64 5.11
C ASP A 46 -11.52 -3.97 5.87
N ALA A 47 -11.40 -3.92 7.20
CA ALA A 47 -11.32 -5.06 8.10
C ALA A 47 -12.67 -5.77 8.26
N ASP A 48 -13.78 -5.14 7.89
CA ASP A 48 -15.09 -5.78 8.00
C ASP A 48 -15.36 -6.62 6.73
N LYS A 49 -14.68 -6.30 5.62
CA LYS A 49 -14.84 -7.02 4.37
C LYS A 49 -14.42 -8.48 4.57
N ASP A 50 -13.30 -8.72 5.25
CA ASP A 50 -12.79 -10.07 5.45
C ASP A 50 -12.11 -10.21 6.81
N ARG A 51 -12.89 -10.57 7.84
CA ARG A 51 -12.39 -10.71 9.22
C ARG A 51 -11.15 -11.60 9.35
N THR A 52 -11.02 -12.68 8.59
CA THR A 52 -9.83 -13.54 8.71
C THR A 52 -8.77 -13.22 7.64
N GLY A 53 -9.14 -12.57 6.55
CA GLY A 53 -8.24 -12.23 5.45
C GLY A 53 -7.63 -10.83 5.54
N ILE A 54 -8.15 -9.90 6.34
CA ILE A 54 -7.59 -8.55 6.47
C ILE A 54 -6.11 -8.64 6.86
N GLN A 55 -5.79 -9.63 7.72
CA GLN A 55 -4.45 -9.91 8.18
C GLN A 55 -3.59 -10.26 6.96
N ARG A 56 -3.94 -11.32 6.21
CA ARG A 56 -3.21 -11.73 5.02
C ARG A 56 -3.01 -10.55 4.07
N ARG A 57 -4.04 -9.73 3.84
CA ARG A 57 -3.94 -8.56 2.98
C ARG A 57 -2.81 -7.67 3.49
N MET A 58 -2.81 -7.35 4.79
CA MET A 58 -1.80 -6.52 5.44
C MET A 58 -0.44 -7.16 5.25
N ASP A 59 -0.29 -8.46 5.50
CA ASP A 59 0.97 -9.22 5.39
C ASP A 59 1.58 -9.07 4.00
N ILE A 60 0.78 -9.37 2.99
CA ILE A 60 1.17 -9.32 1.59
C ILE A 60 1.57 -7.89 1.24
N ALA A 61 0.89 -6.88 1.79
CA ALA A 61 1.21 -5.49 1.53
C ALA A 61 2.51 -5.12 2.28
N LEU A 62 2.68 -5.59 3.53
CA LEU A 62 3.85 -5.30 4.37
C LEU A 62 5.12 -5.87 3.77
N LEU A 63 5.00 -7.03 3.11
CA LEU A 63 6.10 -7.71 2.46
C LEU A 63 6.65 -6.91 1.28
N GLN A 64 5.97 -5.83 0.85
CA GLN A 64 6.45 -5.01 -0.26
C GLN A 64 7.46 -3.95 0.25
N HIS A 65 7.75 -3.85 1.55
CA HIS A 65 8.69 -2.88 2.12
C HIS A 65 10.09 -3.14 1.57
N GLY A 66 10.57 -2.21 0.75
CA GLY A 66 11.88 -2.27 0.12
C GLY A 66 11.82 -2.75 -1.33
N THR A 67 10.63 -2.91 -1.92
CA THR A 67 10.53 -3.34 -3.31
C THR A 67 11.10 -2.24 -4.21
N LEU A 68 11.71 -2.66 -5.31
CA LEU A 68 12.28 -1.77 -6.31
C LEU A 68 11.17 -1.58 -7.33
N LEU A 69 10.77 -0.33 -7.51
CA LEU A 69 9.72 0.08 -8.42
C LEU A 69 10.27 1.15 -9.33
N LYS A 70 10.26 0.87 -10.63
CA LYS A 70 10.72 1.76 -11.68
C LYS A 70 12.12 2.33 -11.40
N GLU A 71 12.99 1.48 -10.86
CA GLU A 71 14.38 1.71 -10.49
C GLU A 71 14.56 2.63 -9.28
N LYS A 72 13.59 2.62 -8.36
CA LYS A 72 13.55 3.39 -7.13
C LYS A 72 13.06 2.49 -6.00
N LYS A 73 13.87 2.31 -4.96
CA LYS A 73 13.46 1.49 -3.83
C LYS A 73 12.43 2.31 -3.07
N ILE A 74 11.37 1.66 -2.62
CA ILE A 74 10.28 2.28 -1.88
C ILE A 74 10.14 1.66 -0.50
N ASN A 75 9.31 2.26 0.37
CA ASN A 75 9.04 1.80 1.73
C ASN A 75 7.56 1.58 1.96
N VAL A 76 7.22 0.77 2.97
CA VAL A 76 5.87 0.42 3.38
C VAL A 76 5.83 0.30 4.90
N GLU A 77 4.82 0.92 5.53
CA GLU A 77 4.58 0.90 6.98
C GLU A 77 3.08 0.98 7.22
N LEU A 78 2.63 0.58 8.41
CA LEU A 78 1.25 0.59 8.82
C LEU A 78 0.89 1.95 9.40
N THR A 79 -0.36 2.35 9.20
CA THR A 79 -0.95 3.58 9.66
C THR A 79 -2.40 3.29 10.04
N VAL A 80 -2.96 4.12 10.92
CA VAL A 80 -4.32 4.05 11.41
C VAL A 80 -4.74 2.59 11.63
N GLY A 81 -4.30 2.01 12.73
CA GLY A 81 -4.65 0.63 12.98
C GLY A 81 -3.71 0.06 14.00
N GLY A 82 -4.11 0.24 15.26
CA GLY A 82 -3.38 -0.20 16.42
C GLY A 82 -3.97 0.60 17.54
N GLY A 1 -14.06 2.11 13.93
CA GLY A 1 -13.82 1.92 12.50
C GLY A 1 -13.30 0.52 12.25
N ASN A 2 -13.71 -0.07 11.13
CA ASN A 2 -13.34 -1.43 10.71
C ASN A 2 -12.36 -1.43 9.53
N ARG A 3 -11.58 -0.37 9.29
CA ARG A 3 -10.60 -0.37 8.19
C ARG A 3 -9.22 -0.05 8.76
N PHE A 4 -8.19 -0.48 8.05
CA PHE A 4 -6.79 -0.27 8.35
C PHE A 4 -6.21 0.52 7.18
N ILE A 5 -5.07 1.16 7.37
CA ILE A 5 -4.38 1.98 6.38
C ILE A 5 -2.89 1.66 6.36
N VAL A 6 -2.32 1.60 5.15
CA VAL A 6 -0.91 1.34 4.93
C VAL A 6 -0.30 2.62 4.37
N PHE A 7 0.92 2.90 4.79
CA PHE A 7 1.73 4.03 4.40
C PHE A 7 2.77 3.47 3.43
N VAL A 8 2.97 4.14 2.31
CA VAL A 8 3.92 3.71 1.29
C VAL A 8 4.64 4.98 0.84
N GLY A 9 5.98 5.03 0.77
CA GLY A 9 6.69 6.26 0.35
C GLY A 9 7.95 6.02 -0.45
N SER A 10 8.61 7.12 -0.85
CA SER A 10 9.83 7.22 -1.64
C SER A 10 9.56 6.94 -3.13
N LEU A 11 8.29 7.01 -3.56
CA LEU A 11 7.85 6.74 -4.93
C LEU A 11 8.37 7.77 -5.93
N PRO A 12 8.66 7.34 -7.19
CA PRO A 12 9.14 8.22 -8.25
C PRO A 12 8.08 9.22 -8.68
N ARG A 13 8.50 10.23 -9.47
CA ARG A 13 7.59 11.24 -10.00
C ARG A 13 6.77 10.60 -11.14
N ASP A 14 7.40 9.70 -11.89
CA ASP A 14 6.80 8.98 -13.02
C ASP A 14 5.95 7.80 -12.56
N ILE A 15 5.65 7.68 -11.26
CA ILE A 15 4.85 6.59 -10.73
C ILE A 15 3.51 6.53 -11.47
N THR A 16 2.98 5.33 -11.71
CA THR A 16 1.74 5.10 -12.42
C THR A 16 0.82 4.21 -11.61
N ALA A 17 -0.50 4.42 -11.74
CA ALA A 17 -1.50 3.64 -11.06
C ALA A 17 -1.41 2.17 -11.46
N VAL A 18 -0.98 1.86 -12.69
CA VAL A 18 -0.88 0.48 -13.13
C VAL A 18 0.15 -0.26 -12.28
N GLU A 19 1.25 0.41 -11.91
CA GLU A 19 2.29 -0.20 -11.12
C GLU A 19 1.79 -0.39 -9.70
N LEU A 20 1.10 0.61 -9.15
CA LEU A 20 0.54 0.59 -7.81
C LEU A 20 -0.50 -0.53 -7.68
N GLN A 21 -1.44 -0.60 -8.61
CA GLN A 21 -2.49 -1.60 -8.63
C GLN A 21 -1.86 -2.99 -8.68
N ASN A 22 -0.82 -3.16 -9.50
CA ASN A 22 -0.10 -4.42 -9.67
C ASN A 22 0.72 -4.83 -8.44
N HIS A 23 1.38 -3.90 -7.78
CA HIS A 23 2.21 -4.20 -6.60
C HIS A 23 1.36 -4.69 -5.42
N PHE A 24 0.20 -4.05 -5.20
CA PHE A 24 -0.72 -4.39 -4.11
C PHE A 24 -1.89 -5.26 -4.54
N LYS A 25 -1.94 -5.71 -5.78
CA LYS A 25 -2.99 -6.56 -6.33
C LYS A 25 -3.19 -7.77 -5.41
N ASN A 26 -2.11 -8.43 -5.01
CA ASN A 26 -2.14 -9.59 -4.12
C ASN A 26 -2.81 -9.26 -2.79
N SER A 27 -2.55 -8.07 -2.24
CA SER A 27 -3.08 -7.60 -0.97
C SER A 27 -4.50 -7.01 -1.10
N SER A 28 -5.00 -6.79 -2.32
CA SER A 28 -6.35 -6.28 -2.59
C SER A 28 -6.75 -5.01 -1.77
N PRO A 29 -6.09 -3.86 -1.99
CA PRO A 29 -6.41 -2.62 -1.28
C PRO A 29 -7.83 -2.18 -1.69
N ASP A 30 -8.51 -1.47 -0.80
CA ASP A 30 -9.84 -0.98 -1.02
C ASP A 30 -9.75 0.35 -1.71
N GLN A 31 -8.90 1.22 -1.18
CA GLN A 31 -8.66 2.55 -1.71
C GLN A 31 -7.17 2.70 -1.97
N ILE A 32 -6.82 3.57 -2.92
CA ILE A 32 -5.45 3.84 -3.32
C ILE A 32 -5.40 5.33 -3.68
N ARG A 33 -4.57 6.09 -2.98
CA ARG A 33 -4.38 7.50 -3.23
C ARG A 33 -2.90 7.74 -3.34
N LEU A 34 -2.40 8.00 -4.54
CA LEU A 34 -0.99 8.28 -4.81
C LEU A 34 -0.83 9.80 -4.79
N ARG A 35 0.10 10.32 -3.96
CA ARG A 35 0.42 11.74 -3.83
C ARG A 35 1.88 11.86 -4.26
N ALA A 36 2.11 12.09 -5.55
CA ALA A 36 3.46 12.24 -6.10
C ALA A 36 4.18 13.44 -5.49
N ASP A 37 3.42 14.34 -4.86
CA ASP A 37 3.86 15.57 -4.20
C ASP A 37 5.02 15.29 -3.24
N LYS A 38 4.93 14.18 -2.53
CA LYS A 38 5.92 13.70 -1.57
C LYS A 38 6.31 12.25 -1.90
N GLY A 39 5.85 11.69 -3.02
CA GLY A 39 6.16 10.33 -3.42
C GLY A 39 5.63 9.35 -2.38
N ILE A 40 4.41 9.55 -1.88
CA ILE A 40 3.78 8.71 -0.87
C ILE A 40 2.40 8.30 -1.37
N ALA A 41 1.85 7.26 -0.76
CA ALA A 41 0.53 6.75 -1.08
C ALA A 41 -0.14 6.24 0.19
N PHE A 42 -1.48 6.29 0.20
CA PHE A 42 -2.32 5.81 1.30
C PHE A 42 -3.17 4.73 0.65
N LEU A 43 -3.31 3.59 1.33
CA LEU A 43 -4.10 2.47 0.86
C LEU A 43 -4.95 2.04 2.03
N GLU A 44 -6.27 2.02 1.86
CA GLU A 44 -7.22 1.62 2.90
C GLU A 44 -7.56 0.16 2.66
N PHE A 45 -7.89 -0.59 3.72
CA PHE A 45 -8.25 -2.00 3.65
C PHE A 45 -9.36 -2.22 4.66
N ASP A 46 -10.57 -2.50 4.18
CA ASP A 46 -11.75 -2.76 5.02
C ASP A 46 -11.65 -4.17 5.60
N ALA A 47 -11.58 -4.26 6.93
CA ALA A 47 -11.50 -5.47 7.75
C ALA A 47 -12.85 -6.14 7.93
N ASP A 48 -13.96 -5.43 7.70
CA ASP A 48 -15.27 -6.03 7.81
C ASP A 48 -15.48 -6.85 6.54
N LYS A 49 -14.88 -6.43 5.41
CA LYS A 49 -14.96 -7.09 4.13
C LYS A 49 -14.39 -8.50 4.16
N ASP A 50 -13.30 -8.75 4.90
CA ASP A 50 -12.67 -10.07 4.98
C ASP A 50 -12.06 -10.23 6.37
N ARG A 51 -12.80 -10.90 7.25
CA ARG A 51 -12.42 -11.15 8.64
C ARG A 51 -11.05 -11.75 8.86
N THR A 52 -10.51 -12.58 7.97
CA THR A 52 -9.18 -13.16 8.17
C THR A 52 -8.20 -12.74 7.07
N GLY A 53 -8.72 -12.30 5.91
CA GLY A 53 -7.87 -11.87 4.81
C GLY A 53 -7.21 -10.55 5.13
N ILE A 54 -7.85 -9.68 5.92
CA ILE A 54 -7.31 -8.39 6.31
C ILE A 54 -5.87 -8.49 6.84
N GLN A 55 -5.59 -9.50 7.66
CA GLN A 55 -4.27 -9.71 8.24
C GLN A 55 -3.27 -10.09 7.16
N ARG A 56 -3.48 -11.22 6.48
CA ARG A 56 -2.56 -11.67 5.44
C ARG A 56 -2.38 -10.60 4.35
N ARG A 57 -3.38 -9.77 4.10
CA ARG A 57 -3.27 -8.70 3.12
C ARG A 57 -2.31 -7.65 3.65
N MET A 58 -2.36 -7.32 4.95
CA MET A 58 -1.44 -6.36 5.55
C MET A 58 -0.03 -6.96 5.45
N ASP A 59 0.14 -8.25 5.78
CA ASP A 59 1.42 -8.94 5.71
C ASP A 59 2.00 -8.82 4.31
N ILE A 60 1.18 -9.10 3.29
CA ILE A 60 1.56 -9.01 1.88
C ILE A 60 1.97 -7.58 1.54
N ALA A 61 1.26 -6.58 2.04
CA ALA A 61 1.59 -5.19 1.78
C ALA A 61 2.92 -4.84 2.45
N LEU A 62 3.14 -5.28 3.69
CA LEU A 62 4.36 -5.03 4.44
C LEU A 62 5.56 -5.67 3.75
N LEU A 63 5.34 -6.80 3.09
CA LEU A 63 6.40 -7.49 2.36
C LEU A 63 6.89 -6.65 1.17
N GLN A 64 6.17 -5.59 0.80
CA GLN A 64 6.56 -4.70 -0.29
C GLN A 64 7.50 -3.60 0.23
N HIS A 65 7.89 -3.63 1.51
CA HIS A 65 8.79 -2.68 2.12
C HIS A 65 10.18 -2.90 1.53
N GLY A 66 10.66 -1.94 0.76
CA GLY A 66 11.96 -1.99 0.11
C GLY A 66 11.88 -2.64 -1.25
N THR A 67 10.74 -3.16 -1.71
CA THR A 67 10.74 -3.75 -3.03
C THR A 67 11.02 -2.64 -4.03
N LEU A 68 11.85 -2.89 -5.03
CA LEU A 68 12.18 -1.93 -6.04
C LEU A 68 10.97 -1.86 -6.96
N LEU A 69 10.46 -0.65 -7.17
CA LEU A 69 9.33 -0.35 -8.02
C LEU A 69 9.78 0.79 -8.91
N LYS A 70 9.72 0.61 -10.22
CA LYS A 70 10.12 1.57 -11.24
C LYS A 70 11.54 2.10 -10.98
N GLU A 71 12.45 1.19 -10.66
CA GLU A 71 13.87 1.40 -10.37
C GLU A 71 14.10 2.38 -9.20
N LYS A 72 13.19 2.34 -8.22
CA LYS A 72 13.20 3.15 -7.01
C LYS A 72 12.90 2.25 -5.83
N LYS A 73 13.75 2.31 -4.80
CA LYS A 73 13.60 1.53 -3.58
C LYS A 73 12.53 2.29 -2.80
N ILE A 74 11.35 1.72 -2.63
CA ILE A 74 10.26 2.36 -1.91
C ILE A 74 10.11 1.75 -0.51
N ASN A 75 9.31 2.35 0.36
CA ASN A 75 9.08 1.89 1.73
C ASN A 75 7.61 1.62 1.98
N VAL A 76 7.31 0.80 2.99
CA VAL A 76 5.97 0.43 3.40
C VAL A 76 5.97 0.25 4.93
N GLU A 77 4.88 0.65 5.59
CA GLU A 77 4.69 0.55 7.03
C GLU A 77 3.20 0.68 7.35
N LEU A 78 2.80 0.23 8.53
CA LEU A 78 1.44 0.29 9.03
C LEU A 78 1.20 1.63 9.70
N THR A 79 -0.05 2.09 9.69
CA THR A 79 -0.48 3.34 10.29
C THR A 79 -1.93 3.19 10.74
N VAL A 80 -2.33 3.80 11.85
CA VAL A 80 -3.69 3.76 12.41
C VAL A 80 -4.15 2.33 12.72
N GLY A 81 -3.70 1.80 13.85
CA GLY A 81 -4.06 0.45 14.28
C GLY A 81 -2.96 -0.21 15.09
N GLY A 82 -2.10 0.57 15.74
CA GLY A 82 -0.99 0.09 16.55
C GLY A 82 -0.24 1.27 17.08
N GLY A 1 -12.42 3.50 11.10
CA GLY A 1 -13.33 2.48 11.67
C GLY A 1 -12.80 1.09 11.42
N ASN A 2 -13.56 0.23 10.73
CA ASN A 2 -13.15 -1.15 10.44
C ASN A 2 -12.14 -1.20 9.28
N ARG A 3 -11.06 -0.42 9.38
CA ARG A 3 -10.01 -0.39 8.37
C ARG A 3 -8.70 0.09 8.98
N PHE A 4 -7.63 -0.26 8.30
CA PHE A 4 -6.24 0.05 8.57
C PHE A 4 -5.68 0.59 7.26
N ILE A 5 -4.59 1.33 7.32
CA ILE A 5 -3.96 1.95 6.16
C ILE A 5 -2.47 1.63 6.14
N VAL A 6 -1.93 1.55 4.94
CA VAL A 6 -0.54 1.26 4.65
C VAL A 6 0.10 2.55 4.14
N PHE A 7 1.21 2.95 4.77
CA PHE A 7 1.99 4.12 4.40
C PHE A 7 3.03 3.59 3.41
N VAL A 8 3.18 4.20 2.24
CA VAL A 8 4.16 3.75 1.26
C VAL A 8 4.86 5.01 0.76
N GLY A 9 6.21 5.06 0.73
CA GLY A 9 6.95 6.24 0.27
C GLY A 9 8.16 5.90 -0.58
N SER A 10 8.93 6.92 -0.97
CA SER A 10 10.13 6.87 -1.79
C SER A 10 9.79 6.55 -3.27
N LEU A 11 8.52 6.68 -3.66
CA LEU A 11 8.02 6.41 -5.01
C LEU A 11 8.66 7.33 -6.06
N PRO A 12 8.81 6.85 -7.30
CA PRO A 12 9.35 7.62 -8.40
C PRO A 12 8.38 8.73 -8.80
N ARG A 13 8.87 9.70 -9.57
CA ARG A 13 8.10 10.82 -10.08
C ARG A 13 7.22 10.36 -11.23
N ASP A 14 7.69 9.36 -11.99
CA ASP A 14 7.00 8.78 -13.14
C ASP A 14 6.00 7.67 -12.77
N ILE A 15 5.71 7.52 -11.48
CA ILE A 15 4.78 6.52 -10.96
C ILE A 15 3.39 6.65 -11.59
N THR A 16 2.75 5.53 -11.92
CA THR A 16 1.41 5.49 -12.50
C THR A 16 0.52 4.54 -11.70
N ALA A 17 -0.79 4.79 -11.74
CA ALA A 17 -1.84 4.05 -11.07
C ALA A 17 -1.81 2.58 -11.47
N VAL A 18 -1.43 2.28 -12.70
CA VAL A 18 -1.37 0.92 -13.19
C VAL A 18 -0.28 0.15 -12.45
N GLU A 19 0.84 0.78 -12.14
CA GLU A 19 1.96 0.16 -11.46
C GLU A 19 1.54 -0.11 -10.00
N LEU A 20 0.88 0.88 -9.40
CA LEU A 20 0.38 0.84 -8.03
C LEU A 20 -0.61 -0.30 -7.87
N GLN A 21 -1.65 -0.31 -8.71
CA GLN A 21 -2.68 -1.33 -8.67
C GLN A 21 -2.02 -2.70 -8.88
N ASN A 22 -1.10 -2.81 -9.84
CA ASN A 22 -0.41 -4.05 -10.14
C ASN A 22 0.39 -4.59 -8.97
N HIS A 23 1.14 -3.76 -8.25
CA HIS A 23 1.93 -4.22 -7.11
C HIS A 23 1.02 -4.74 -5.99
N PHE A 24 -0.02 -3.99 -5.62
CA PHE A 24 -0.94 -4.37 -4.55
C PHE A 24 -2.07 -5.32 -4.96
N LYS A 25 -2.13 -5.75 -6.22
CA LYS A 25 -3.16 -6.65 -6.74
C LYS A 25 -3.36 -7.91 -5.91
N ASN A 26 -2.25 -8.51 -5.44
CA ASN A 26 -2.27 -9.72 -4.62
C ASN A 26 -2.95 -9.44 -3.27
N SER A 27 -2.83 -8.22 -2.73
CA SER A 27 -3.41 -7.84 -1.44
C SER A 27 -4.86 -7.33 -1.54
N SER A 28 -5.24 -6.74 -2.67
CA SER A 28 -6.56 -6.17 -2.96
C SER A 28 -6.92 -5.00 -2.02
N PRO A 29 -6.33 -3.80 -2.22
CA PRO A 29 -6.61 -2.61 -1.41
C PRO A 29 -8.04 -2.12 -1.66
N ASP A 30 -8.58 -1.33 -0.74
CA ASP A 30 -9.91 -0.74 -0.77
C ASP A 30 -9.84 0.55 -1.57
N GLN A 31 -8.83 1.37 -1.26
CA GLN A 31 -8.64 2.65 -1.91
C GLN A 31 -7.15 2.90 -2.11
N ILE A 32 -6.81 3.76 -3.07
CA ILE A 32 -5.44 4.10 -3.44
C ILE A 32 -5.36 5.61 -3.67
N ARG A 33 -4.41 6.29 -3.02
CA ARG A 33 -4.18 7.71 -3.17
C ARG A 33 -2.68 7.92 -3.37
N LEU A 34 -2.25 8.18 -4.60
CA LEU A 34 -0.87 8.41 -4.97
C LEU A 34 -0.61 9.91 -4.81
N ARG A 35 0.21 10.30 -3.83
CA ARG A 35 0.56 11.68 -3.56
C ARG A 35 1.99 11.89 -4.06
N ALA A 36 2.11 12.09 -5.38
CA ALA A 36 3.40 12.32 -6.05
C ALA A 36 4.15 13.49 -5.41
N ASP A 37 3.41 14.44 -4.84
CA ASP A 37 3.87 15.64 -4.16
C ASP A 37 4.94 15.39 -3.10
N LYS A 38 4.95 14.20 -2.50
CA LYS A 38 5.92 13.78 -1.48
C LYS A 38 6.47 12.39 -1.79
N GLY A 39 6.20 11.84 -2.97
CA GLY A 39 6.63 10.51 -3.41
C GLY A 39 6.07 9.44 -2.49
N ILE A 40 4.80 9.55 -2.10
CA ILE A 40 4.11 8.62 -1.21
C ILE A 40 2.77 8.18 -1.78
N ALA A 41 2.21 7.13 -1.19
CA ALA A 41 0.96 6.51 -1.51
C ALA A 41 0.30 6.05 -0.21
N PHE A 42 -1.03 6.06 -0.17
CA PHE A 42 -1.86 5.65 0.96
C PHE A 42 -2.78 4.57 0.42
N LEU A 43 -2.85 3.42 1.10
CA LEU A 43 -3.70 2.31 0.68
C LEU A 43 -4.51 1.87 1.88
N GLU A 44 -5.83 2.05 1.80
CA GLU A 44 -6.75 1.66 2.86
C GLU A 44 -7.22 0.25 2.50
N PHE A 45 -7.66 -0.53 3.48
CA PHE A 45 -8.14 -1.88 3.25
C PHE A 45 -9.34 -2.08 4.17
N ASP A 46 -10.44 -2.68 3.70
CA ASP A 46 -11.61 -2.88 4.56
C ASP A 46 -11.39 -4.12 5.43
N ALA A 47 -11.21 -3.91 6.73
CA ALA A 47 -10.99 -4.98 7.72
C ALA A 47 -12.25 -5.80 7.97
N ASP A 48 -13.43 -5.31 7.58
CA ASP A 48 -14.68 -6.05 7.76
C ASP A 48 -14.94 -6.96 6.57
N LYS A 49 -14.30 -6.74 5.42
CA LYS A 49 -14.51 -7.56 4.24
C LYS A 49 -14.11 -9.01 4.53
N ASP A 50 -13.07 -9.23 5.34
CA ASP A 50 -12.57 -10.53 5.74
C ASP A 50 -11.97 -10.34 7.12
N ARG A 51 -12.77 -10.44 8.18
CA ARG A 51 -12.33 -10.29 9.58
C ARG A 51 -11.10 -11.13 9.90
N THR A 52 -11.05 -12.33 9.32
CA THR A 52 -9.99 -13.29 9.51
C THR A 52 -8.94 -13.28 8.38
N GLY A 53 -9.11 -12.46 7.33
CA GLY A 53 -8.21 -12.37 6.18
C GLY A 53 -7.50 -11.03 6.02
N ILE A 54 -8.00 -9.96 6.63
CA ILE A 54 -7.39 -8.63 6.55
C ILE A 54 -5.91 -8.67 6.93
N GLN A 55 -5.58 -9.50 7.93
CA GLN A 55 -4.24 -9.70 8.42
C GLN A 55 -3.34 -10.13 7.24
N ARG A 56 -3.72 -11.20 6.52
CA ARG A 56 -2.99 -11.71 5.36
C ARG A 56 -2.83 -10.60 4.32
N ARG A 57 -3.91 -9.89 4.03
CA ARG A 57 -3.88 -8.80 3.05
C ARG A 57 -2.79 -7.80 3.44
N MET A 58 -2.73 -7.42 4.72
CA MET A 58 -1.74 -6.49 5.23
C MET A 58 -0.37 -7.11 5.02
N ASP A 59 -0.16 -8.35 5.45
CA ASP A 59 1.08 -9.12 5.33
C ASP A 59 1.71 -8.99 3.95
N ILE A 60 0.89 -9.28 2.93
CA ILE A 60 1.26 -9.23 1.53
C ILE A 60 1.74 -7.84 1.15
N ALA A 61 1.07 -6.80 1.64
CA ALA A 61 1.41 -5.40 1.38
C ALA A 61 2.63 -4.98 2.21
N LEU A 62 2.79 -5.47 3.46
CA LEU A 62 3.92 -5.10 4.33
C LEU A 62 5.20 -5.66 3.76
N LEU A 63 5.13 -6.85 3.16
CA LEU A 63 6.24 -7.54 2.52
C LEU A 63 6.82 -6.72 1.37
N GLN A 64 6.13 -5.66 0.92
CA GLN A 64 6.60 -4.83 -0.18
C GLN A 64 7.57 -3.74 0.34
N HIS A 65 7.92 -3.75 1.64
CA HIS A 65 8.86 -2.82 2.24
C HIS A 65 10.23 -3.15 1.65
N GLY A 66 10.78 -2.23 0.87
CA GLY A 66 12.08 -2.37 0.23
C GLY A 66 12.00 -2.92 -1.19
N THR A 67 10.82 -3.10 -1.78
CA THR A 67 10.77 -3.60 -3.15
C THR A 67 11.33 -2.52 -4.08
N LEU A 68 12.05 -2.93 -5.12
CA LEU A 68 12.59 -2.02 -6.10
C LEU A 68 11.47 -1.89 -7.12
N LEU A 69 10.81 -0.75 -7.11
CA LEU A 69 9.71 -0.43 -8.00
C LEU A 69 10.19 0.67 -8.92
N LYS A 70 10.23 0.38 -10.22
CA LYS A 70 10.65 1.33 -11.24
C LYS A 70 11.94 2.06 -10.86
N GLU A 71 12.97 1.27 -10.59
CA GLU A 71 14.33 1.70 -10.24
C GLU A 71 14.42 2.55 -8.96
N LYS A 72 13.44 2.43 -8.05
CA LYS A 72 13.40 3.16 -6.79
C LYS A 72 13.09 2.18 -5.68
N LYS A 73 13.91 2.14 -4.61
CA LYS A 73 13.61 1.24 -3.51
C LYS A 73 12.56 1.98 -2.71
N ILE A 74 11.34 1.45 -2.65
CA ILE A 74 10.26 2.09 -1.90
C ILE A 74 10.18 1.51 -0.49
N ASN A 75 9.39 2.14 0.37
CA ASN A 75 9.18 1.74 1.78
C ASN A 75 7.71 1.51 2.06
N VAL A 76 7.41 0.73 3.11
CA VAL A 76 6.07 0.40 3.56
C VAL A 76 6.06 0.38 5.09
N GLU A 77 5.15 1.12 5.72
CA GLU A 77 4.97 1.21 7.17
C GLU A 77 3.46 1.22 7.47
N LEU A 78 3.06 1.18 8.74
CA LEU A 78 1.67 1.18 9.13
C LEU A 78 1.21 2.61 9.45
N THR A 79 -0.08 2.88 9.27
CA THR A 79 -0.70 4.17 9.56
C THR A 79 -2.17 3.90 9.88
N VAL A 80 -2.70 4.47 10.97
CA VAL A 80 -4.08 4.33 11.43
C VAL A 80 -4.41 2.91 11.91
N GLY A 81 -4.67 2.77 13.22
CA GLY A 81 -5.02 1.51 13.87
C GLY A 81 -3.88 0.90 14.67
N GLY A 82 -2.78 1.62 14.83
CA GLY A 82 -1.58 1.26 15.57
C GLY A 82 -0.65 2.43 15.36
N GLY A 1 -10.03 0.97 14.56
CA GLY A 1 -11.39 0.58 14.15
C GLY A 1 -11.34 -0.46 13.04
N ASN A 2 -12.44 -0.63 12.30
CA ASN A 2 -12.52 -1.60 11.22
C ASN A 2 -11.79 -1.20 9.92
N ARG A 3 -10.87 -0.23 9.93
CA ARG A 3 -10.15 0.20 8.74
C ARG A 3 -8.69 0.43 9.11
N PHE A 4 -7.78 -0.01 8.26
CA PHE A 4 -6.33 0.13 8.42
C PHE A 4 -5.79 0.75 7.13
N ILE A 5 -4.61 1.38 7.21
CA ILE A 5 -3.96 2.03 6.09
C ILE A 5 -2.47 1.66 6.07
N VAL A 6 -1.90 1.55 4.86
CA VAL A 6 -0.51 1.25 4.60
C VAL A 6 0.13 2.58 4.22
N PHE A 7 1.23 2.94 4.89
CA PHE A 7 1.97 4.16 4.63
C PHE A 7 3.14 3.79 3.72
N VAL A 8 3.10 4.11 2.43
CA VAL A 8 4.19 3.78 1.50
C VAL A 8 4.83 5.08 1.03
N GLY A 9 6.17 5.16 0.90
CA GLY A 9 6.83 6.37 0.43
C GLY A 9 8.11 6.09 -0.33
N SER A 10 8.74 7.16 -0.82
CA SER A 10 9.97 7.24 -1.60
C SER A 10 9.72 7.04 -3.10
N LEU A 11 8.46 6.95 -3.52
CA LEU A 11 7.99 6.70 -4.89
C LEU A 11 8.68 7.54 -5.99
N PRO A 12 8.81 6.97 -7.22
CA PRO A 12 9.43 7.60 -8.38
C PRO A 12 8.63 8.77 -8.94
N ARG A 13 9.21 9.43 -9.94
CA ARG A 13 8.56 10.55 -10.63
C ARG A 13 7.55 9.98 -11.60
N ASP A 14 7.93 8.96 -12.37
CA ASP A 14 7.11 8.27 -13.37
C ASP A 14 6.21 7.19 -12.77
N ILE A 15 5.91 7.27 -11.46
CA ILE A 15 5.03 6.31 -10.82
C ILE A 15 3.65 6.42 -11.49
N THR A 16 2.95 5.30 -11.68
CA THR A 16 1.63 5.30 -12.28
C THR A 16 0.71 4.50 -11.38
N ALA A 17 -0.58 4.87 -11.39
CA ALA A 17 -1.60 4.18 -10.63
C ALA A 17 -1.66 2.72 -11.08
N VAL A 18 -1.37 2.47 -12.37
CA VAL A 18 -1.34 1.15 -12.98
C VAL A 18 -0.32 0.27 -12.27
N GLU A 19 0.91 0.76 -12.07
CA GLU A 19 1.92 -0.05 -11.43
C GLU A 19 1.55 -0.24 -9.97
N LEU A 20 0.96 0.77 -9.33
CA LEU A 20 0.55 0.64 -7.94
C LEU A 20 -0.50 -0.47 -7.81
N GLN A 21 -1.54 -0.43 -8.64
CA GLN A 21 -2.60 -1.43 -8.60
C GLN A 21 -2.02 -2.82 -8.85
N ASN A 22 -1.05 -2.94 -9.76
CA ASN A 22 -0.42 -4.21 -10.07
C ASN A 22 0.45 -4.69 -8.91
N HIS A 23 1.34 -3.85 -8.38
CA HIS A 23 2.21 -4.23 -7.29
C HIS A 23 1.42 -4.58 -6.02
N PHE A 24 0.20 -4.07 -5.84
CA PHE A 24 -0.64 -4.35 -4.66
C PHE A 24 -1.83 -5.25 -5.02
N LYS A 25 -1.86 -5.81 -6.23
CA LYS A 25 -2.94 -6.68 -6.70
C LYS A 25 -3.09 -7.97 -5.89
N ASN A 26 -2.04 -8.47 -5.25
CA ASN A 26 -2.12 -9.68 -4.45
C ASN A 26 -2.59 -9.31 -3.03
N SER A 27 -2.25 -8.10 -2.56
CA SER A 27 -2.66 -7.61 -1.23
C SER A 27 -4.14 -7.19 -1.32
N SER A 28 -4.61 -6.73 -2.48
CA SER A 28 -5.97 -6.30 -2.75
C SER A 28 -6.43 -5.13 -1.86
N PRO A 29 -5.92 -3.91 -2.11
CA PRO A 29 -6.29 -2.71 -1.37
C PRO A 29 -7.75 -2.33 -1.65
N ASP A 30 -8.35 -1.57 -0.74
CA ASP A 30 -9.73 -1.11 -0.88
C ASP A 30 -9.70 0.07 -1.84
N GLN A 31 -8.75 0.99 -1.64
CA GLN A 31 -8.52 2.17 -2.45
C GLN A 31 -7.07 2.61 -2.26
N ILE A 32 -6.43 3.03 -3.36
CA ILE A 32 -5.05 3.51 -3.41
C ILE A 32 -5.14 5.01 -3.67
N ARG A 33 -4.24 5.79 -3.05
CA ARG A 33 -4.18 7.24 -3.20
C ARG A 33 -2.72 7.59 -3.39
N LEU A 34 -2.31 7.88 -4.62
CA LEU A 34 -0.93 8.24 -4.96
C LEU A 34 -0.78 9.74 -4.75
N ARG A 35 0.15 10.17 -3.88
CA ARG A 35 0.42 11.57 -3.59
C ARG A 35 1.78 11.88 -4.21
N ALA A 36 1.78 12.18 -5.52
CA ALA A 36 2.99 12.50 -6.26
C ALA A 36 3.69 13.74 -5.67
N ASP A 37 2.96 14.58 -4.96
CA ASP A 37 3.43 15.82 -4.33
C ASP A 37 4.53 15.54 -3.30
N LYS A 38 4.57 14.34 -2.70
CA LYS A 38 5.59 13.93 -1.70
C LYS A 38 6.15 12.55 -1.99
N GLY A 39 5.81 11.92 -3.11
CA GLY A 39 6.29 10.59 -3.45
C GLY A 39 5.86 9.55 -2.42
N ILE A 40 4.59 9.57 -2.05
CA ILE A 40 3.99 8.66 -1.07
C ILE A 40 2.67 8.15 -1.64
N ALA A 41 2.17 7.04 -1.10
CA ALA A 41 0.93 6.42 -1.50
C ALA A 41 0.31 5.78 -0.28
N PHE A 42 -0.99 5.99 -0.12
CA PHE A 42 -1.78 5.45 0.98
C PHE A 42 -2.66 4.38 0.36
N LEU A 43 -2.82 3.26 1.04
CA LEU A 43 -3.63 2.15 0.59
C LEU A 43 -4.48 1.74 1.78
N GLU A 44 -5.78 1.89 1.66
CA GLU A 44 -6.74 1.57 2.71
C GLU A 44 -7.15 0.10 2.61
N PHE A 45 -7.49 -0.53 3.73
CA PHE A 45 -7.91 -1.92 3.84
C PHE A 45 -9.04 -1.98 4.88
N ASP A 46 -10.20 -2.50 4.50
CA ASP A 46 -11.38 -2.61 5.36
C ASP A 46 -11.39 -3.96 6.11
N ALA A 47 -11.22 -3.92 7.42
CA ALA A 47 -11.22 -5.08 8.30
C ALA A 47 -12.60 -5.69 8.44
N ASP A 48 -13.67 -4.93 8.18
CA ASP A 48 -15.03 -5.47 8.26
C ASP A 48 -15.25 -6.36 7.05
N LYS A 49 -14.72 -5.98 5.88
CA LYS A 49 -14.86 -6.73 4.68
C LYS A 49 -14.08 -8.03 4.78
N ASP A 50 -12.90 -8.02 5.39
CA ASP A 50 -12.07 -9.21 5.53
C ASP A 50 -11.74 -9.50 6.97
N ARG A 51 -12.69 -10.03 7.75
CA ARG A 51 -12.43 -10.35 9.16
C ARG A 51 -11.21 -11.24 9.33
N THR A 52 -11.03 -12.22 8.44
CA THR A 52 -9.94 -13.18 8.46
C THR A 52 -8.86 -12.90 7.40
N GLY A 53 -9.00 -11.85 6.58
CA GLY A 53 -8.03 -11.55 5.53
C GLY A 53 -7.32 -10.23 5.69
N ILE A 54 -7.80 -9.31 6.55
CA ILE A 54 -7.20 -8.00 6.74
C ILE A 54 -5.69 -8.09 7.02
N GLN A 55 -5.26 -8.94 7.97
CA GLN A 55 -3.84 -9.07 8.27
C GLN A 55 -3.14 -9.58 7.03
N ARG A 56 -3.60 -10.70 6.44
CA ARG A 56 -2.98 -11.29 5.25
C ARG A 56 -2.80 -10.25 4.16
N ARG A 57 -3.85 -9.47 3.87
CA ARG A 57 -3.84 -8.42 2.86
C ARG A 57 -2.73 -7.42 3.20
N MET A 58 -2.66 -6.96 4.45
CA MET A 58 -1.64 -6.02 4.91
C MET A 58 -0.24 -6.65 4.85
N ASP A 59 -0.09 -7.94 5.13
CA ASP A 59 1.17 -8.69 5.13
C ASP A 59 1.89 -8.59 3.80
N ILE A 60 1.14 -8.87 2.74
CA ILE A 60 1.58 -8.85 1.37
C ILE A 60 2.00 -7.42 0.98
N ALA A 61 1.43 -6.40 1.63
CA ALA A 61 1.78 -5.00 1.40
C ALA A 61 3.03 -4.65 2.24
N LEU A 62 3.13 -5.15 3.48
CA LEU A 62 4.23 -4.92 4.41
C LEU A 62 5.54 -5.41 3.82
N LEU A 63 5.48 -6.61 3.23
CA LEU A 63 6.59 -7.31 2.59
C LEU A 63 7.24 -6.53 1.44
N GLN A 64 6.67 -5.38 1.03
CA GLN A 64 7.20 -4.56 -0.04
C GLN A 64 8.21 -3.52 0.49
N HIS A 65 8.43 -3.44 1.81
CA HIS A 65 9.36 -2.51 2.44
C HIS A 65 10.76 -2.77 1.89
N GLY A 66 11.29 -1.81 1.14
CA GLY A 66 12.61 -1.86 0.53
C GLY A 66 12.64 -2.42 -0.89
N THR A 67 11.49 -2.77 -1.49
CA THR A 67 11.47 -3.29 -2.85
C THR A 67 11.82 -2.17 -3.83
N LEU A 68 12.23 -2.51 -5.04
CA LEU A 68 12.61 -1.60 -6.11
C LEU A 68 11.55 -1.63 -7.21
N LEU A 69 10.77 -0.57 -7.34
CA LEU A 69 9.72 -0.40 -8.34
C LEU A 69 10.21 0.72 -9.25
N LYS A 70 10.16 0.58 -10.58
CA LYS A 70 10.64 1.60 -11.53
C LYS A 70 12.01 2.15 -11.13
N GLU A 71 12.92 1.23 -10.78
CA GLU A 71 14.31 1.43 -10.35
C GLU A 71 14.51 2.18 -9.05
N LYS A 72 13.45 2.62 -8.37
CA LYS A 72 13.56 3.35 -7.12
C LYS A 72 13.07 2.49 -5.98
N LYS A 73 13.77 2.56 -4.85
CA LYS A 73 13.43 1.82 -3.65
C LYS A 73 12.29 2.53 -2.95
N ILE A 74 11.53 1.79 -2.15
CA ILE A 74 10.38 2.29 -1.39
C ILE A 74 10.49 1.88 0.07
N ASN A 75 9.62 2.45 0.88
CA ASN A 75 9.47 2.19 2.31
C ASN A 75 7.99 1.94 2.55
N VAL A 76 7.68 1.10 3.53
CA VAL A 76 6.32 0.73 3.90
C VAL A 76 6.24 0.66 5.42
N GLU A 77 5.18 1.21 6.03
CA GLU A 77 4.92 1.22 7.48
C GLU A 77 3.39 1.15 7.69
N LEU A 78 2.94 0.98 8.93
CA LEU A 78 1.52 0.94 9.32
C LEU A 78 1.08 2.36 9.68
N THR A 79 -0.20 2.66 9.52
CA THR A 79 -0.76 3.95 9.90
C THR A 79 -2.25 3.74 10.14
N VAL A 80 -2.81 4.51 11.07
CA VAL A 80 -4.23 4.49 11.46
C VAL A 80 -4.77 3.08 11.72
N GLY A 81 -4.68 2.63 12.98
CA GLY A 81 -5.17 1.32 13.39
C GLY A 81 -4.07 0.42 13.92
N GLY A 82 -2.81 0.76 13.70
CA GLY A 82 -1.69 -0.02 14.19
C GLY A 82 -1.46 0.47 15.61
N GLY A 1 -12.54 3.53 12.57
CA GLY A 1 -13.57 2.67 11.97
C GLY A 1 -13.15 1.22 11.99
N ASN A 2 -13.30 0.52 10.86
CA ASN A 2 -12.91 -0.89 10.69
C ASN A 2 -12.05 -1.01 9.44
N ARG A 3 -11.08 -0.12 9.29
CA ARG A 3 -10.15 -0.13 8.17
C ARG A 3 -8.76 0.20 8.68
N PHE A 4 -7.78 -0.23 7.92
CA PHE A 4 -6.36 -0.06 8.16
C PHE A 4 -5.83 0.65 6.90
N ILE A 5 -4.67 1.28 7.04
CA ILE A 5 -4.00 2.04 6.00
C ILE A 5 -2.51 1.70 5.94
N VAL A 6 -2.03 1.40 4.73
CA VAL A 6 -0.64 1.07 4.47
C VAL A 6 -0.05 2.33 3.84
N PHE A 7 1.07 2.77 4.39
CA PHE A 7 1.82 3.93 3.96
C PHE A 7 2.93 3.40 3.05
N VAL A 8 3.24 4.11 1.98
CA VAL A 8 4.29 3.73 1.03
C VAL A 8 5.03 5.02 0.68
N GLY A 9 6.37 5.07 0.68
CA GLY A 9 7.11 6.28 0.34
C GLY A 9 8.36 5.97 -0.49
N SER A 10 9.08 7.01 -0.90
CA SER A 10 10.29 6.99 -1.73
C SER A 10 9.95 6.70 -3.20
N LEU A 11 8.68 6.82 -3.59
CA LEU A 11 8.18 6.53 -4.94
C LEU A 11 8.78 7.43 -6.02
N PRO A 12 8.95 6.90 -7.25
CA PRO A 12 9.47 7.65 -8.38
C PRO A 12 8.51 8.75 -8.81
N ARG A 13 9.00 9.69 -9.62
CA ARG A 13 8.21 10.79 -10.15
C ARG A 13 7.31 10.31 -11.28
N ASP A 14 7.73 9.28 -12.01
CA ASP A 14 6.99 8.72 -13.15
C ASP A 14 6.00 7.62 -12.74
N ILE A 15 5.72 7.51 -11.44
CA ILE A 15 4.80 6.53 -10.88
C ILE A 15 3.38 6.69 -11.47
N THR A 16 2.71 5.58 -11.77
CA THR A 16 1.37 5.52 -12.34
C THR A 16 0.50 4.59 -11.50
N ALA A 17 -0.83 4.76 -11.61
CA ALA A 17 -1.79 3.94 -10.87
C ALA A 17 -1.76 2.50 -11.39
N VAL A 18 -1.42 2.30 -12.66
CA VAL A 18 -1.35 0.98 -13.28
C VAL A 18 -0.22 0.16 -12.65
N GLU A 19 0.89 0.82 -12.26
CA GLU A 19 2.02 0.16 -11.63
C GLU A 19 1.59 -0.18 -10.20
N LEU A 20 1.01 0.77 -9.48
CA LEU A 20 0.53 0.62 -8.11
C LEU A 20 -0.47 -0.53 -8.01
N GLN A 21 -1.44 -0.60 -8.94
CA GLN A 21 -2.45 -1.64 -8.96
C GLN A 21 -1.79 -3.00 -9.14
N ASN A 22 -0.72 -3.11 -9.93
CA ASN A 22 -0.02 -4.37 -10.14
C ASN A 22 0.84 -4.74 -8.92
N HIS A 23 1.34 -3.74 -8.19
CA HIS A 23 2.18 -3.98 -7.02
C HIS A 23 1.35 -4.58 -5.90
N PHE A 24 0.20 -3.97 -5.60
CA PHE A 24 -0.72 -4.41 -4.56
C PHE A 24 -1.80 -5.36 -5.08
N LYS A 25 -1.67 -5.87 -6.31
CA LYS A 25 -2.62 -6.79 -6.92
C LYS A 25 -2.83 -8.02 -6.03
N ASN A 26 -1.77 -8.49 -5.35
CA ASN A 26 -1.82 -9.64 -4.46
C ASN A 26 -2.34 -9.31 -3.05
N SER A 27 -2.52 -8.04 -2.70
CA SER A 27 -3.02 -7.58 -1.40
C SER A 27 -4.44 -7.01 -1.51
N SER A 28 -4.96 -6.78 -2.73
CA SER A 28 -6.29 -6.27 -3.05
C SER A 28 -6.74 -5.04 -2.23
N PRO A 29 -6.04 -3.89 -2.32
CA PRO A 29 -6.38 -2.68 -1.59
C PRO A 29 -7.80 -2.21 -1.92
N ASP A 30 -8.36 -1.37 -1.04
CA ASP A 30 -9.69 -0.82 -1.17
C ASP A 30 -9.62 0.54 -1.84
N GLN A 31 -8.60 1.33 -1.49
CA GLN A 31 -8.37 2.66 -2.04
C GLN A 31 -6.88 2.79 -2.36
N ILE A 32 -6.53 3.63 -3.32
CA ILE A 32 -5.18 3.93 -3.77
C ILE A 32 -5.16 5.44 -4.03
N ARG A 33 -4.22 6.16 -3.41
CA ARG A 33 -4.05 7.59 -3.56
C ARG A 33 -2.56 7.89 -3.59
N LEU A 34 -2.01 8.17 -4.78
CA LEU A 34 -0.60 8.48 -4.99
C LEU A 34 -0.41 9.98 -4.81
N ARG A 35 0.43 10.38 -3.84
CA ARG A 35 0.75 11.77 -3.54
C ARG A 35 2.19 12.01 -3.99
N ALA A 36 2.36 12.27 -5.30
CA ALA A 36 3.65 12.52 -5.92
C ALA A 36 4.39 13.68 -5.23
N ASP A 37 3.65 14.59 -4.62
CA ASP A 37 4.10 15.79 -3.90
C ASP A 37 5.15 15.48 -2.84
N LYS A 38 5.12 14.26 -2.29
CA LYS A 38 6.06 13.77 -1.30
C LYS A 38 6.58 12.37 -1.69
N GLY A 39 6.28 11.87 -2.88
CA GLY A 39 6.70 10.55 -3.35
C GLY A 39 6.18 9.46 -2.43
N ILE A 40 4.91 9.54 -2.03
CA ILE A 40 4.25 8.60 -1.13
C ILE A 40 2.87 8.22 -1.64
N ALA A 41 2.28 7.17 -1.07
CA ALA A 41 0.96 6.68 -1.42
C ALA A 41 0.25 6.17 -0.16
N PHE A 42 -1.07 6.19 -0.18
CA PHE A 42 -1.93 5.74 0.92
C PHE A 42 -2.86 4.68 0.37
N LEU A 43 -2.86 3.49 0.96
CA LEU A 43 -3.70 2.38 0.53
C LEU A 43 -4.57 1.97 1.70
N GLU A 44 -5.88 2.14 1.56
CA GLU A 44 -6.82 1.75 2.62
C GLU A 44 -7.26 0.32 2.36
N PHE A 45 -7.61 -0.41 3.42
CA PHE A 45 -8.04 -1.80 3.38
C PHE A 45 -9.24 -1.92 4.33
N ASP A 46 -10.34 -2.59 3.94
CA ASP A 46 -11.52 -2.72 4.82
C ASP A 46 -11.48 -4.03 5.61
N ALA A 47 -11.31 -3.94 6.93
CA ALA A 47 -11.23 -5.08 7.85
C ALA A 47 -12.55 -5.84 7.90
N ASP A 48 -13.66 -5.16 7.63
CA ASP A 48 -14.97 -5.78 7.64
C ASP A 48 -15.13 -6.71 6.43
N LYS A 49 -14.52 -6.39 5.28
CA LYS A 49 -14.60 -7.19 4.07
C LYS A 49 -13.98 -8.59 4.25
N ASP A 50 -13.07 -8.78 5.21
CA ASP A 50 -12.42 -10.07 5.46
C ASP A 50 -11.90 -10.03 6.89
N ARG A 51 -12.62 -10.62 7.83
CA ARG A 51 -12.26 -10.65 9.25
C ARG A 51 -10.88 -11.24 9.48
N THR A 52 -10.63 -12.44 8.98
CA THR A 52 -9.37 -13.15 9.11
C THR A 52 -8.43 -12.83 7.93
N GLY A 53 -8.97 -12.33 6.81
CA GLY A 53 -8.18 -12.01 5.64
C GLY A 53 -7.46 -10.67 5.75
N ILE A 54 -7.93 -9.71 6.57
CA ILE A 54 -7.25 -8.42 6.68
C ILE A 54 -5.78 -8.63 7.04
N GLN A 55 -5.53 -9.57 7.95
CA GLN A 55 -4.20 -9.93 8.41
C GLN A 55 -3.35 -10.25 7.18
N ARG A 56 -3.77 -11.22 6.37
CA ARG A 56 -3.07 -11.64 5.15
C ARG A 56 -2.87 -10.45 4.21
N ARG A 57 -3.92 -9.68 3.95
CA ARG A 57 -3.86 -8.51 3.07
C ARG A 57 -2.74 -7.58 3.55
N MET A 58 -2.58 -7.37 4.87
CA MET A 58 -1.54 -6.54 5.46
C MET A 58 -0.18 -7.20 5.34
N ASP A 59 -0.07 -8.50 5.63
CA ASP A 59 1.17 -9.29 5.58
C ASP A 59 1.81 -9.18 4.20
N ILE A 60 0.98 -9.38 3.17
CA ILE A 60 1.34 -9.33 1.77
C ILE A 60 1.77 -7.91 1.42
N ALA A 61 1.08 -6.90 1.95
CA ALA A 61 1.43 -5.52 1.69
C ALA A 61 2.75 -5.18 2.39
N LEU A 62 2.99 -5.68 3.61
CA LEU A 62 4.21 -5.41 4.36
C LEU A 62 5.43 -6.00 3.66
N LEU A 63 5.21 -7.12 2.96
CA LEU A 63 6.26 -7.79 2.22
C LEU A 63 6.70 -6.98 0.99
N GLN A 64 6.05 -5.86 0.69
CA GLN A 64 6.43 -4.99 -0.43
C GLN A 64 7.45 -3.94 0.02
N HIS A 65 7.87 -3.90 1.30
CA HIS A 65 8.84 -2.97 1.85
C HIS A 65 10.22 -3.21 1.25
N GLY A 66 10.72 -2.24 0.48
CA GLY A 66 12.04 -2.31 -0.13
C GLY A 66 12.04 -2.89 -1.52
N THR A 67 10.89 -3.24 -2.10
CA THR A 67 10.87 -3.79 -3.44
C THR A 67 11.31 -2.71 -4.42
N LEU A 68 12.20 -3.02 -5.35
CA LEU A 68 12.67 -2.07 -6.35
C LEU A 68 11.54 -1.97 -7.36
N LEU A 69 10.85 -0.82 -7.34
CA LEU A 69 9.74 -0.52 -8.22
C LEU A 69 10.18 0.67 -9.07
N LYS A 70 10.20 0.46 -10.38
CA LYS A 70 10.57 1.45 -11.39
C LYS A 70 11.89 2.16 -11.05
N GLU A 71 12.90 1.34 -10.76
CA GLU A 71 14.27 1.72 -10.44
C GLU A 71 14.40 2.53 -9.15
N LYS A 72 13.45 2.39 -8.22
CA LYS A 72 13.42 3.10 -6.95
C LYS A 72 13.15 2.14 -5.80
N LYS A 73 14.04 2.12 -4.81
CA LYS A 73 13.87 1.28 -3.63
C LYS A 73 12.87 2.09 -2.82
N ILE A 74 11.64 1.64 -2.79
CA ILE A 74 10.55 2.29 -2.06
C ILE A 74 10.40 1.62 -0.69
N ASN A 75 9.61 2.20 0.20
CA ASN A 75 9.36 1.68 1.55
C ASN A 75 7.87 1.55 1.83
N VAL A 76 7.52 0.71 2.81
CA VAL A 76 6.17 0.45 3.27
C VAL A 76 6.22 0.42 4.81
N GLU A 77 5.20 1.01 5.46
CA GLU A 77 5.06 1.02 6.90
C GLU A 77 3.56 1.07 7.23
N LEU A 78 3.21 0.74 8.47
CA LEU A 78 1.85 0.70 8.96
C LEU A 78 1.47 2.08 9.47
N THR A 79 0.21 2.44 9.34
CA THR A 79 -0.30 3.72 9.80
C THR A 79 -1.76 3.54 10.23
N VAL A 80 -2.15 4.00 11.43
CA VAL A 80 -3.50 3.93 11.98
C VAL A 80 -3.86 2.48 12.35
N GLY A 81 -4.85 2.30 13.22
CA GLY A 81 -5.33 1.01 13.69
C GLY A 81 -5.91 1.21 15.07
N GLY A 82 -6.97 2.02 15.14
CA GLY A 82 -7.70 2.38 16.34
C GLY A 82 -7.92 3.86 16.22
N GLY A 1 -9.34 0.39 14.42
CA GLY A 1 -10.69 -0.16 14.40
C GLY A 1 -10.85 -1.01 13.15
N ASN A 2 -12.06 -1.11 12.58
CA ASN A 2 -12.27 -1.92 11.37
C ASN A 2 -11.58 -1.39 10.11
N ARG A 3 -10.85 -0.29 10.18
CA ARG A 3 -10.19 0.29 9.01
C ARG A 3 -8.75 0.67 9.30
N PHE A 4 -7.84 -0.11 8.74
CA PHE A 4 -6.39 0.01 8.80
C PHE A 4 -5.94 0.65 7.49
N ILE A 5 -4.75 1.27 7.51
CA ILE A 5 -4.15 1.94 6.36
C ILE A 5 -2.68 1.55 6.30
N VAL A 6 -2.14 1.51 5.09
CA VAL A 6 -0.75 1.20 4.78
C VAL A 6 -0.18 2.45 4.14
N PHE A 7 0.95 2.92 4.68
CA PHE A 7 1.69 4.07 4.24
C PHE A 7 2.76 3.56 3.29
N VAL A 8 3.02 4.26 2.19
CA VAL A 8 4.05 3.88 1.24
C VAL A 8 4.74 5.17 0.82
N GLY A 9 6.07 5.25 0.80
CA GLY A 9 6.78 6.46 0.38
C GLY A 9 8.03 6.12 -0.43
N SER A 10 8.78 7.16 -0.84
CA SER A 10 9.99 7.11 -1.66
C SER A 10 9.68 6.79 -3.13
N LEU A 11 8.40 6.82 -3.50
CA LEU A 11 7.89 6.52 -4.84
C LEU A 11 8.57 7.36 -5.92
N PRO A 12 8.78 6.77 -7.11
CA PRO A 12 9.39 7.46 -8.23
C PRO A 12 8.47 8.56 -8.74
N ARG A 13 9.04 9.55 -9.41
CA ARG A 13 8.29 10.66 -10.00
C ARG A 13 7.42 10.08 -11.11
N ASP A 14 7.99 9.18 -11.89
CA ASP A 14 7.39 8.49 -13.03
C ASP A 14 6.41 7.38 -12.60
N ILE A 15 6.01 7.34 -11.32
CA ILE A 15 5.05 6.37 -10.80
C ILE A 15 3.75 6.48 -11.61
N THR A 16 3.09 5.35 -11.82
CA THR A 16 1.84 5.24 -12.55
C THR A 16 0.87 4.47 -11.67
N ALA A 17 -0.42 4.79 -11.77
CA ALA A 17 -1.45 4.10 -11.00
C ALA A 17 -1.47 2.63 -11.41
N VAL A 18 -1.14 2.32 -12.66
CA VAL A 18 -1.11 0.98 -13.20
C VAL A 18 -0.12 0.12 -12.41
N GLU A 19 1.07 0.64 -12.10
CA GLU A 19 2.09 -0.10 -11.35
C GLU A 19 1.64 -0.26 -9.91
N LEU A 20 1.00 0.75 -9.33
CA LEU A 20 0.51 0.69 -7.96
C LEU A 20 -0.53 -0.40 -7.83
N GLN A 21 -1.48 -0.44 -8.76
CA GLN A 21 -2.52 -1.44 -8.77
C GLN A 21 -1.88 -2.82 -8.90
N ASN A 22 -0.94 -2.96 -9.85
CA ASN A 22 -0.24 -4.22 -10.14
C ASN A 22 0.53 -4.83 -8.97
N HIS A 23 1.12 -4.00 -8.11
CA HIS A 23 1.89 -4.49 -6.97
C HIS A 23 0.94 -4.96 -5.85
N PHE A 24 -0.02 -4.14 -5.45
CA PHE A 24 -0.98 -4.49 -4.39
C PHE A 24 -2.15 -5.36 -4.87
N LYS A 25 -2.12 -5.85 -6.11
CA LYS A 25 -3.17 -6.70 -6.68
C LYS A 25 -3.41 -7.98 -5.89
N ASN A 26 -2.40 -8.48 -5.16
CA ASN A 26 -2.53 -9.68 -4.33
C ASN A 26 -3.05 -9.36 -2.93
N SER A 27 -2.99 -8.10 -2.51
CA SER A 27 -3.45 -7.65 -1.18
C SER A 27 -4.84 -7.01 -1.25
N SER A 28 -5.33 -6.67 -2.46
CA SER A 28 -6.64 -6.08 -2.71
C SER A 28 -6.98 -4.87 -1.82
N PRO A 29 -6.36 -3.70 -2.07
CA PRO A 29 -6.64 -2.50 -1.30
C PRO A 29 -8.08 -2.03 -1.55
N ASP A 30 -8.62 -1.25 -0.61
CA ASP A 30 -9.96 -0.71 -0.68
C ASP A 30 -9.92 0.63 -1.40
N GLN A 31 -8.90 1.43 -1.09
CA GLN A 31 -8.69 2.75 -1.64
C GLN A 31 -7.21 2.94 -1.97
N ILE A 32 -6.89 3.80 -2.94
CA ILE A 32 -5.53 4.09 -3.40
C ILE A 32 -5.46 5.58 -3.75
N ARG A 33 -4.57 6.33 -3.10
CA ARG A 33 -4.34 7.76 -3.33
C ARG A 33 -2.83 7.98 -3.45
N LEU A 34 -2.34 8.19 -4.67
CA LEU A 34 -0.94 8.43 -4.98
C LEU A 34 -0.70 9.94 -4.93
N ARG A 35 0.13 10.42 -4.00
CA ARG A 35 0.47 11.84 -3.85
C ARG A 35 1.92 11.99 -4.30
N ALA A 36 2.11 12.16 -5.60
CA ALA A 36 3.44 12.33 -6.19
C ALA A 36 4.16 13.56 -5.61
N ASP A 37 3.40 14.52 -5.05
CA ASP A 37 3.86 15.77 -4.43
C ASP A 37 4.93 15.53 -3.37
N LYS A 38 4.93 14.37 -2.71
CA LYS A 38 5.92 13.97 -1.69
C LYS A 38 6.40 12.55 -1.96
N GLY A 39 6.06 11.94 -3.11
CA GLY A 39 6.44 10.58 -3.47
C GLY A 39 5.90 9.58 -2.45
N ILE A 40 4.61 9.68 -2.11
CA ILE A 40 3.94 8.82 -1.13
C ILE A 40 2.57 8.41 -1.65
N ALA A 41 1.96 7.43 -0.97
CA ALA A 41 0.64 6.92 -1.30
C ALA A 41 -0.01 6.35 -0.02
N PHE A 42 -1.34 6.30 0.02
CA PHE A 42 -2.13 5.79 1.14
C PHE A 42 -3.07 4.71 0.63
N LEU A 43 -3.02 3.52 1.23
CA LEU A 43 -3.84 2.38 0.83
C LEU A 43 -4.66 1.96 2.04
N GLU A 44 -5.98 2.16 1.96
CA GLU A 44 -6.92 1.79 3.01
C GLU A 44 -7.40 0.38 2.72
N PHE A 45 -7.86 -0.33 3.74
CA PHE A 45 -8.37 -1.70 3.62
C PHE A 45 -9.53 -1.84 4.60
N ASP A 46 -10.54 -2.66 4.31
CA ASP A 46 -11.68 -2.87 5.21
C ASP A 46 -11.53 -4.18 5.98
N ALA A 47 -11.31 -4.11 7.29
CA ALA A 47 -11.16 -5.28 8.15
C ALA A 47 -12.49 -6.00 8.34
N ASP A 48 -13.62 -5.30 8.18
CA ASP A 48 -14.92 -5.95 8.36
C ASP A 48 -15.22 -6.87 7.16
N LYS A 49 -14.67 -6.55 5.98
CA LYS A 49 -14.86 -7.31 4.76
C LYS A 49 -14.26 -8.71 4.86
N ASP A 50 -13.21 -8.90 5.66
CA ASP A 50 -12.56 -10.20 5.82
C ASP A 50 -11.79 -10.18 7.14
N ARG A 51 -12.48 -10.50 8.25
CA ARG A 51 -11.94 -10.51 9.61
C ARG A 51 -10.62 -11.21 9.80
N THR A 52 -10.35 -12.32 9.10
CA THR A 52 -9.07 -13.02 9.23
C THR A 52 -8.16 -12.81 8.02
N GLY A 53 -8.70 -12.36 6.89
CA GLY A 53 -7.92 -12.12 5.69
C GLY A 53 -7.24 -10.76 5.72
N ILE A 54 -7.79 -9.77 6.44
CA ILE A 54 -7.22 -8.42 6.56
C ILE A 54 -5.75 -8.49 6.98
N GLN A 55 -5.42 -9.40 7.91
CA GLN A 55 -4.07 -9.61 8.40
C GLN A 55 -3.19 -10.01 7.20
N ARG A 56 -3.50 -11.10 6.49
CA ARG A 56 -2.73 -11.52 5.32
C ARG A 56 -2.66 -10.42 4.27
N ARG A 57 -3.75 -9.69 4.04
CA ARG A 57 -3.76 -8.60 3.07
C ARG A 57 -2.69 -7.58 3.49
N MET A 58 -2.58 -7.29 4.79
CA MET A 58 -1.58 -6.38 5.32
C MET A 58 -0.20 -6.98 5.12
N ASP A 59 0.02 -8.25 5.51
CA ASP A 59 1.31 -8.95 5.37
C ASP A 59 1.81 -8.83 3.93
N ILE A 60 0.95 -9.13 2.96
CA ILE A 60 1.22 -9.10 1.52
C ILE A 60 1.62 -7.69 1.08
N ALA A 61 1.10 -6.63 1.70
CA ALA A 61 1.44 -5.27 1.37
C ALA A 61 2.74 -4.88 2.09
N LEU A 62 2.93 -5.32 3.33
CA LEU A 62 4.12 -5.02 4.15
C LEU A 62 5.35 -5.70 3.55
N LEU A 63 5.14 -6.84 2.90
CA LEU A 63 6.20 -7.60 2.25
C LEU A 63 6.79 -6.79 1.10
N GLN A 64 6.15 -5.69 0.68
CA GLN A 64 6.60 -4.83 -0.40
C GLN A 64 7.51 -3.70 0.11
N HIS A 65 7.86 -3.70 1.41
CA HIS A 65 8.75 -2.72 2.00
C HIS A 65 10.12 -3.00 1.41
N GLY A 66 10.67 -1.99 0.74
CA GLY A 66 11.97 -2.07 0.12
C GLY A 66 11.92 -2.52 -1.34
N THR A 67 10.74 -2.64 -1.96
CA THR A 67 10.69 -3.06 -3.35
C THR A 67 11.28 -1.97 -4.24
N LEU A 68 11.96 -2.40 -5.30
CA LEU A 68 12.53 -1.50 -6.28
C LEU A 68 11.44 -1.42 -7.32
N LEU A 69 10.75 -0.29 -7.37
CA LEU A 69 9.67 -0.02 -8.30
C LEU A 69 10.22 1.01 -9.25
N LYS A 70 10.38 0.63 -10.52
CA LYS A 70 10.94 1.49 -11.56
C LYS A 70 12.28 2.06 -11.09
N GLU A 71 13.12 1.16 -10.58
CA GLU A 71 14.47 1.39 -10.06
C GLU A 71 14.53 2.34 -8.86
N LYS A 72 13.48 2.34 -8.03
CA LYS A 72 13.38 3.19 -6.85
C LYS A 72 12.99 2.37 -5.64
N LYS A 73 13.86 2.33 -4.63
CA LYS A 73 13.65 1.58 -3.38
C LYS A 73 12.56 2.29 -2.59
N ILE A 74 11.34 1.78 -2.62
CA ILE A 74 10.23 2.38 -1.89
C ILE A 74 10.11 1.72 -0.51
N ASN A 75 9.35 2.33 0.39
CA ASN A 75 9.13 1.85 1.76
C ASN A 75 7.66 1.70 2.07
N VAL A 76 7.32 0.86 3.04
CA VAL A 76 5.95 0.57 3.48
C VAL A 76 5.88 0.49 5.01
N GLU A 77 4.74 0.86 5.62
CA GLU A 77 4.50 0.78 7.07
C GLU A 77 3.01 0.90 7.39
N LEU A 78 2.65 0.72 8.66
CA LEU A 78 1.28 0.80 9.17
C LEU A 78 0.97 2.23 9.61
N THR A 79 -0.28 2.64 9.47
CA THR A 79 -0.72 3.99 9.84
C THR A 79 -2.17 3.96 10.32
N VAL A 80 -2.39 3.63 11.59
CA VAL A 80 -3.73 3.56 12.21
C VAL A 80 -3.52 3.71 13.73
N GLY A 81 -4.56 4.00 14.50
CA GLY A 81 -4.43 4.17 15.95
C GLY A 81 -5.72 3.83 16.68
N GLY A 82 -5.79 2.64 17.28
CA GLY A 82 -6.93 2.17 18.05
C GLY A 82 -7.86 1.39 17.17
N GLY A 1 -9.47 0.81 14.24
CA GLY A 1 -10.87 0.65 13.83
C GLY A 1 -10.96 -0.29 12.63
N ASN A 2 -12.13 -0.41 11.98
CA ASN A 2 -12.28 -1.31 10.83
C ASN A 2 -11.56 -0.87 9.57
N ARG A 3 -11.01 0.34 9.54
CA ARG A 3 -10.35 0.88 8.36
C ARG A 3 -8.90 1.24 8.64
N PHE A 4 -8.03 0.39 8.14
CA PHE A 4 -6.57 0.42 8.21
C PHE A 4 -6.03 1.03 6.90
N ILE A 5 -4.84 1.64 6.97
CA ILE A 5 -4.15 2.27 5.86
C ILE A 5 -2.67 1.88 5.90
N VAL A 6 -2.02 1.75 4.75
CA VAL A 6 -0.61 1.41 4.62
C VAL A 6 0.07 2.64 4.04
N PHE A 7 1.18 3.04 4.67
CA PHE A 7 2.01 4.17 4.32
C PHE A 7 3.09 3.64 3.39
N VAL A 8 3.04 3.96 2.11
CA VAL A 8 4.04 3.50 1.15
C VAL A 8 4.74 4.77 0.68
N GLY A 9 6.07 4.86 0.74
CA GLY A 9 6.80 6.06 0.31
C GLY A 9 8.02 5.72 -0.55
N SER A 10 8.74 6.75 -0.99
CA SER A 10 9.91 6.68 -1.83
C SER A 10 9.55 6.26 -3.28
N LEU A 11 8.28 6.43 -3.66
CA LEU A 11 7.78 6.07 -4.98
C LEU A 11 8.50 6.88 -6.07
N PRO A 12 8.69 6.31 -7.28
CA PRO A 12 9.37 6.95 -8.38
C PRO A 12 8.67 8.19 -8.93
N ARG A 13 9.45 9.06 -9.58
CA ARG A 13 8.97 10.30 -10.20
C ARG A 13 7.94 10.04 -11.31
N ASP A 14 8.02 8.87 -11.95
CA ASP A 14 7.13 8.46 -13.04
C ASP A 14 6.13 7.38 -12.61
N ILE A 15 5.89 7.24 -11.30
CA ILE A 15 4.94 6.26 -10.77
C ILE A 15 3.54 6.45 -11.41
N THR A 16 2.82 5.35 -11.68
CA THR A 16 1.49 5.36 -12.27
C THR A 16 0.54 4.51 -11.41
N ALA A 17 -0.76 4.80 -11.47
CA ALA A 17 -1.80 4.07 -10.74
C ALA A 17 -1.80 2.62 -11.20
N VAL A 18 -1.43 2.38 -12.46
CA VAL A 18 -1.35 1.07 -13.07
C VAL A 18 -0.36 0.21 -12.30
N GLU A 19 0.83 0.74 -12.03
CA GLU A 19 1.89 0.05 -11.30
C GLU A 19 1.50 -0.13 -9.84
N LEU A 20 0.70 0.79 -9.30
CA LEU A 20 0.23 0.73 -7.93
C LEU A 20 -0.74 -0.43 -7.80
N GLN A 21 -1.73 -0.49 -8.68
CA GLN A 21 -2.71 -1.56 -8.69
C GLN A 21 -1.96 -2.89 -8.86
N ASN A 22 -1.01 -2.94 -9.80
CA ASN A 22 -0.20 -4.12 -10.11
C ASN A 22 0.56 -4.67 -8.91
N HIS A 23 1.25 -3.84 -8.13
CA HIS A 23 2.02 -4.31 -6.97
C HIS A 23 1.10 -4.92 -5.91
N PHE A 24 0.14 -4.12 -5.46
CA PHE A 24 -0.82 -4.46 -4.42
C PHE A 24 -1.99 -5.33 -4.90
N LYS A 25 -1.94 -5.83 -6.13
CA LYS A 25 -2.97 -6.69 -6.69
C LYS A 25 -3.20 -7.90 -5.80
N ASN A 26 -2.14 -8.49 -5.25
CA ASN A 26 -2.22 -9.66 -4.38
C ASN A 26 -2.64 -9.31 -2.94
N SER A 27 -2.58 -8.04 -2.54
CA SER A 27 -2.97 -7.59 -1.20
C SER A 27 -4.36 -6.92 -1.22
N SER A 28 -4.98 -6.80 -2.39
CA SER A 28 -6.31 -6.25 -2.63
C SER A 28 -6.67 -5.01 -1.77
N PRO A 29 -6.19 -3.81 -2.12
CA PRO A 29 -6.52 -2.60 -1.37
C PRO A 29 -7.98 -2.22 -1.62
N ASP A 30 -8.55 -1.48 -0.69
CA ASP A 30 -9.92 -0.99 -0.75
C ASP A 30 -9.88 0.30 -1.55
N GLN A 31 -8.96 1.20 -1.21
CA GLN A 31 -8.78 2.49 -1.88
C GLN A 31 -7.28 2.76 -2.08
N ILE A 32 -6.95 3.56 -3.09
CA ILE A 32 -5.60 3.93 -3.50
C ILE A 32 -5.55 5.44 -3.80
N ARG A 33 -4.53 6.15 -3.27
CA ARG A 33 -4.26 7.57 -3.44
C ARG A 33 -2.76 7.79 -3.55
N LEU A 34 -2.22 8.13 -4.73
CA LEU A 34 -0.80 8.39 -4.93
C LEU A 34 -0.59 9.91 -4.85
N ARG A 35 0.26 10.36 -3.95
CA ARG A 35 0.61 11.76 -3.73
C ARG A 35 2.04 11.94 -4.20
N ALA A 36 2.20 12.20 -5.50
CA ALA A 36 3.49 12.39 -6.15
C ALA A 36 4.30 13.50 -5.49
N ASP A 37 3.65 14.53 -4.96
CA ASP A 37 4.26 15.68 -4.29
C ASP A 37 5.16 15.29 -3.11
N LYS A 38 5.00 14.09 -2.57
CA LYS A 38 5.80 13.54 -1.47
C LYS A 38 6.27 12.11 -1.80
N GLY A 39 5.90 11.57 -2.96
CA GLY A 39 6.29 10.24 -3.41
C GLY A 39 5.77 9.18 -2.46
N ILE A 40 4.55 9.35 -1.95
CA ILE A 40 3.89 8.44 -1.02
C ILE A 40 2.51 8.08 -1.55
N ALA A 41 1.94 7.02 -1.00
CA ALA A 41 0.62 6.52 -1.34
C ALA A 41 -0.10 6.08 -0.06
N PHE A 42 -1.43 6.08 -0.11
CA PHE A 42 -2.30 5.67 1.00
C PHE A 42 -3.16 4.55 0.47
N LEU A 43 -2.84 3.33 0.87
CA LEU A 43 -3.59 2.14 0.46
C LEU A 43 -4.44 1.78 1.65
N GLU A 44 -5.74 1.93 1.51
CA GLU A 44 -6.70 1.65 2.56
C GLU A 44 -7.16 0.20 2.45
N PHE A 45 -7.66 -0.36 3.55
CA PHE A 45 -8.15 -1.72 3.65
C PHE A 45 -9.31 -1.71 4.63
N ASP A 46 -10.42 -2.35 4.29
CA ASP A 46 -11.59 -2.47 5.16
C ASP A 46 -11.51 -3.87 5.75
N ALA A 47 -11.48 -3.96 7.08
CA ALA A 47 -11.39 -5.19 7.84
C ALA A 47 -12.69 -5.98 7.76
N ASP A 48 -13.81 -5.32 7.47
CA ASP A 48 -15.10 -5.97 7.36
C ASP A 48 -15.27 -6.56 5.95
N LYS A 49 -14.47 -6.10 4.98
CA LYS A 49 -14.50 -6.58 3.60
C LYS A 49 -14.00 -8.02 3.50
N ASP A 50 -13.25 -8.49 4.49
CA ASP A 50 -12.71 -9.84 4.59
C ASP A 50 -12.19 -10.01 6.02
N ARG A 51 -13.08 -10.38 6.94
CA ARG A 51 -12.82 -10.58 8.36
C ARG A 51 -11.58 -11.43 8.64
N THR A 52 -11.26 -12.41 7.78
CA THR A 52 -10.10 -13.26 8.00
C THR A 52 -8.95 -12.96 7.02
N GLY A 53 -9.22 -12.31 5.89
CA GLY A 53 -8.21 -11.98 4.90
C GLY A 53 -7.52 -10.65 5.11
N ILE A 54 -8.09 -9.74 5.90
CA ILE A 54 -7.49 -8.42 6.20
C ILE A 54 -6.04 -8.63 6.67
N GLN A 55 -5.81 -9.71 7.41
CA GLN A 55 -4.56 -10.16 7.98
C GLN A 55 -3.54 -10.47 6.86
N ARG A 56 -3.85 -11.42 5.99
CA ARG A 56 -2.96 -11.80 4.87
C ARG A 56 -2.76 -10.59 3.96
N ARG A 57 -3.78 -9.74 3.77
CA ARG A 57 -3.68 -8.55 2.93
C ARG A 57 -2.59 -7.66 3.53
N MET A 58 -2.65 -7.39 4.84
CA MET A 58 -1.69 -6.58 5.57
C MET A 58 -0.29 -7.15 5.40
N ASP A 59 -0.13 -8.45 5.65
CA ASP A 59 1.13 -9.17 5.57
C ASP A 59 1.75 -9.04 4.18
N ILE A 60 0.96 -9.19 3.12
CA ILE A 60 1.43 -9.09 1.74
C ILE A 60 1.79 -7.64 1.44
N ALA A 61 1.07 -6.66 2.00
CA ALA A 61 1.37 -5.26 1.79
C ALA A 61 2.73 -4.98 2.44
N LEU A 62 2.95 -5.47 3.68
CA LEU A 62 4.19 -5.29 4.43
C LEU A 62 5.38 -5.87 3.67
N LEU A 63 5.19 -6.95 2.89
CA LEU A 63 6.25 -7.57 2.12
C LEU A 63 6.77 -6.66 1.00
N GLN A 64 6.12 -5.53 0.71
CA GLN A 64 6.60 -4.64 -0.35
C GLN A 64 7.66 -3.65 0.17
N HIS A 65 7.98 -3.67 1.47
CA HIS A 65 8.98 -2.81 2.11
C HIS A 65 10.33 -3.14 1.51
N GLY A 66 10.88 -2.20 0.75
CA GLY A 66 12.17 -2.32 0.08
C GLY A 66 12.09 -2.83 -1.35
N THR A 67 10.90 -2.91 -1.96
CA THR A 67 10.80 -3.38 -3.33
C THR A 67 11.27 -2.27 -4.28
N LEU A 68 11.95 -2.64 -5.36
CA LEU A 68 12.44 -1.70 -6.37
C LEU A 68 11.31 -1.52 -7.38
N LEU A 69 10.69 -0.34 -7.37
CA LEU A 69 9.61 0.03 -8.26
C LEU A 69 10.19 1.08 -9.17
N LYS A 70 10.20 0.81 -10.48
CA LYS A 70 10.76 1.72 -11.48
C LYS A 70 12.13 2.26 -11.03
N GLU A 71 12.99 1.33 -10.62
CA GLU A 71 14.35 1.55 -10.14
C GLU A 71 14.49 2.38 -8.84
N LYS A 72 13.43 2.56 -8.06
CA LYS A 72 13.42 3.33 -6.81
C LYS A 72 13.00 2.39 -5.70
N LYS A 73 13.79 2.31 -4.62
CA LYS A 73 13.49 1.43 -3.50
C LYS A 73 12.44 2.06 -2.60
N ILE A 74 11.22 1.54 -2.64
CA ILE A 74 10.11 2.04 -1.85
C ILE A 74 10.16 1.51 -0.41
N ASN A 75 9.32 2.05 0.46
CA ASN A 75 9.15 1.70 1.86
C ASN A 75 7.68 1.44 2.14
N VAL A 76 7.38 0.71 3.21
CA VAL A 76 6.03 0.36 3.62
C VAL A 76 5.96 0.37 5.16
N GLU A 77 5.00 1.11 5.75
CA GLU A 77 4.82 1.22 7.19
C GLU A 77 3.30 1.31 7.50
N LEU A 78 2.92 1.28 8.78
CA LEU A 78 1.53 1.35 9.23
C LEU A 78 1.12 2.81 9.45
N THR A 79 -0.18 3.12 9.29
CA THR A 79 -0.74 4.47 9.45
C THR A 79 -2.21 4.30 9.84
N VAL A 80 -2.46 4.07 11.13
CA VAL A 80 -3.80 3.84 11.66
C VAL A 80 -3.70 3.92 13.19
N GLY A 81 -4.83 3.92 13.89
CA GLY A 81 -4.91 3.98 15.34
C GLY A 81 -6.23 3.37 15.79
N GLY A 82 -7.13 4.20 16.31
CA GLY A 82 -8.43 3.79 16.80
C GLY A 82 -9.47 4.68 16.18
N GLY A 1 -13.29 3.64 11.71
CA GLY A 1 -14.31 2.75 11.13
C GLY A 1 -13.85 1.31 11.11
N ASN A 2 -13.82 0.68 9.93
CA ASN A 2 -13.44 -0.71 9.73
C ASN A 2 -12.42 -0.89 8.61
N ARG A 3 -11.35 -0.12 8.61
CA ARG A 3 -10.27 -0.23 7.64
C ARG A 3 -8.98 0.23 8.28
N PHE A 4 -7.88 -0.05 7.63
CA PHE A 4 -6.54 0.32 8.04
C PHE A 4 -5.88 0.96 6.82
N ILE A 5 -4.77 1.65 7.04
CA ILE A 5 -4.03 2.35 5.99
C ILE A 5 -2.56 1.96 6.08
N VAL A 6 -1.89 1.90 4.93
CA VAL A 6 -0.49 1.57 4.80
C VAL A 6 0.23 2.82 4.30
N PHE A 7 1.35 3.16 4.96
CA PHE A 7 2.21 4.28 4.66
C PHE A 7 3.23 3.77 3.67
N VAL A 8 3.24 4.27 2.45
CA VAL A 8 4.20 3.85 1.44
C VAL A 8 4.88 5.13 0.97
N GLY A 9 6.22 5.20 0.96
CA GLY A 9 6.95 6.38 0.53
C GLY A 9 8.18 6.01 -0.29
N SER A 10 8.92 7.04 -0.73
CA SER A 10 10.12 6.95 -1.55
C SER A 10 9.77 6.53 -3.01
N LEU A 11 8.51 6.69 -3.41
CA LEU A 11 8.00 6.33 -4.73
C LEU A 11 8.70 7.08 -5.86
N PRO A 12 8.75 6.49 -7.07
CA PRO A 12 9.35 7.11 -8.24
C PRO A 12 8.60 8.37 -8.66
N ARG A 13 9.19 9.16 -9.55
CA ARG A 13 8.58 10.39 -10.05
C ARG A 13 7.47 10.06 -11.03
N ASP A 14 7.71 9.08 -11.91
CA ASP A 14 6.76 8.67 -12.93
C ASP A 14 5.81 7.56 -12.47
N ILE A 15 5.66 7.39 -11.15
CA ILE A 15 4.75 6.40 -10.57
C ILE A 15 3.34 6.58 -11.16
N THR A 16 2.64 5.48 -11.43
CA THR A 16 1.29 5.47 -11.99
C THR A 16 0.40 4.59 -11.11
N ALA A 17 -0.90 4.88 -11.05
CA ALA A 17 -1.87 4.13 -10.25
C ALA A 17 -1.97 2.68 -10.73
N VAL A 18 -1.71 2.43 -12.01
CA VAL A 18 -1.73 1.09 -12.59
C VAL A 18 -0.64 0.25 -11.93
N GLU A 19 0.56 0.83 -11.75
CA GLU A 19 1.68 0.15 -11.12
C GLU A 19 1.34 -0.18 -9.69
N LEU A 20 0.76 0.78 -8.98
CA LEU A 20 0.37 0.60 -7.59
C LEU A 20 -0.63 -0.54 -7.46
N GLN A 21 -1.69 -0.56 -8.29
CA GLN A 21 -2.67 -1.64 -8.23
C GLN A 21 -1.99 -2.97 -8.53
N ASN A 22 -1.02 -3.01 -9.44
CA ASN A 22 -0.29 -4.23 -9.79
C ASN A 22 0.62 -4.69 -8.65
N HIS A 23 1.30 -3.78 -7.97
CA HIS A 23 2.19 -4.18 -6.89
C HIS A 23 1.42 -4.65 -5.66
N PHE A 24 0.29 -4.02 -5.35
CA PHE A 24 -0.55 -4.38 -4.20
C PHE A 24 -1.69 -5.34 -4.61
N LYS A 25 -1.73 -5.83 -5.85
CA LYS A 25 -2.75 -6.73 -6.37
C LYS A 25 -2.90 -7.98 -5.52
N ASN A 26 -1.80 -8.57 -5.02
CA ASN A 26 -1.91 -9.76 -4.18
C ASN A 26 -2.51 -9.42 -2.82
N SER A 27 -2.18 -8.25 -2.25
CA SER A 27 -2.70 -7.80 -0.95
C SER A 27 -4.17 -7.37 -1.01
N SER A 28 -4.68 -6.95 -2.17
CA SER A 28 -6.06 -6.52 -2.39
C SER A 28 -6.51 -5.26 -1.63
N PRO A 29 -5.98 -4.07 -1.99
CA PRO A 29 -6.37 -2.80 -1.37
C PRO A 29 -7.80 -2.45 -1.76
N ASP A 30 -8.42 -1.59 -0.95
CA ASP A 30 -9.76 -1.07 -1.14
C ASP A 30 -9.61 0.11 -2.09
N GLN A 31 -8.73 1.05 -1.72
CA GLN A 31 -8.44 2.28 -2.46
C GLN A 31 -6.95 2.61 -2.34
N ILE A 32 -6.45 3.46 -3.24
CA ILE A 32 -5.08 3.91 -3.31
C ILE A 32 -5.11 5.42 -3.59
N ARG A 33 -4.22 6.19 -2.98
CA ARG A 33 -4.12 7.64 -3.15
C ARG A 33 -2.64 7.97 -3.36
N LEU A 34 -2.22 8.25 -4.60
CA LEU A 34 -0.84 8.58 -4.93
C LEU A 34 -0.61 10.07 -4.76
N ARG A 35 0.20 10.48 -3.77
CA ARG A 35 0.55 11.87 -3.48
C ARG A 35 1.94 12.10 -4.06
N ALA A 36 1.96 12.49 -5.34
CA ALA A 36 3.17 12.75 -6.11
C ALA A 36 4.05 13.81 -5.46
N ASP A 37 3.45 14.73 -4.72
CA ASP A 37 4.08 15.85 -4.01
C ASP A 37 5.23 15.44 -3.11
N LYS A 38 5.07 14.31 -2.42
CA LYS A 38 6.06 13.78 -1.50
C LYS A 38 6.57 12.42 -1.93
N GLY A 39 6.02 11.80 -2.97
CA GLY A 39 6.46 10.49 -3.42
C GLY A 39 6.00 9.45 -2.40
N ILE A 40 4.73 9.50 -2.01
CA ILE A 40 4.09 8.62 -1.06
C ILE A 40 2.71 8.26 -1.59
N ALA A 41 2.16 7.13 -1.17
CA ALA A 41 0.85 6.69 -1.59
C ALA A 41 0.20 5.91 -0.46
N PHE A 42 -1.01 6.33 -0.10
CA PHE A 42 -1.77 5.71 0.95
C PHE A 42 -2.61 4.61 0.33
N LEU A 43 -2.66 3.44 0.97
CA LEU A 43 -3.43 2.30 0.52
C LEU A 43 -4.31 1.91 1.68
N GLU A 44 -5.60 1.86 1.43
CA GLU A 44 -6.64 1.53 2.38
C GLU A 44 -6.96 0.06 2.23
N PHE A 45 -7.25 -0.63 3.34
CA PHE A 45 -7.59 -2.04 3.35
C PHE A 45 -8.79 -2.21 4.28
N ASP A 46 -9.96 -2.45 3.71
CA ASP A 46 -11.21 -2.63 4.45
C ASP A 46 -11.17 -3.92 5.26
N ALA A 47 -11.24 -3.77 6.57
CA ALA A 47 -11.21 -4.83 7.57
C ALA A 47 -12.55 -5.58 7.64
N ASP A 48 -13.65 -4.91 7.36
CA ASP A 48 -14.98 -5.51 7.37
C ASP A 48 -15.11 -6.47 6.18
N LYS A 49 -14.30 -6.28 5.14
CA LYS A 49 -14.34 -7.13 3.95
C LYS A 49 -14.02 -8.57 4.37
N ASP A 50 -13.10 -8.76 5.33
CA ASP A 50 -12.75 -10.08 5.85
C ASP A 50 -12.06 -9.92 7.19
N ARG A 51 -12.81 -10.06 8.29
CA ARG A 51 -12.30 -9.93 9.65
C ARG A 51 -11.14 -10.85 9.95
N THR A 52 -11.06 -12.01 9.30
CA THR A 52 -9.99 -12.96 9.54
C THR A 52 -9.03 -13.08 8.36
N GLY A 53 -9.18 -12.24 7.32
CA GLY A 53 -8.32 -12.23 6.12
C GLY A 53 -7.58 -10.91 5.96
N ILE A 54 -8.04 -9.84 6.60
CA ILE A 54 -7.44 -8.50 6.57
C ILE A 54 -5.97 -8.54 6.97
N GLN A 55 -5.62 -9.33 7.98
CA GLN A 55 -4.26 -9.44 8.45
C GLN A 55 -3.37 -9.99 7.31
N ARG A 56 -3.69 -11.17 6.80
CA ARG A 56 -2.93 -11.81 5.72
C ARG A 56 -2.84 -10.91 4.49
N ARG A 57 -3.88 -10.10 4.21
CA ARG A 57 -3.90 -9.15 3.10
C ARG A 57 -2.81 -8.12 3.37
N MET A 58 -2.80 -7.52 4.56
CA MET A 58 -1.83 -6.51 4.96
C MET A 58 -0.42 -7.06 5.06
N ASP A 59 -0.23 -8.34 5.41
CA ASP A 59 1.10 -8.95 5.50
C ASP A 59 1.77 -8.90 4.11
N ILE A 60 0.97 -9.13 3.06
CA ILE A 60 1.45 -9.10 1.68
C ILE A 60 1.84 -7.66 1.36
N ALA A 61 1.09 -6.66 1.83
CA ALA A 61 1.41 -5.27 1.59
C ALA A 61 2.75 -4.96 2.26
N LEU A 62 2.96 -5.42 3.50
CA LEU A 62 4.21 -5.18 4.23
C LEU A 62 5.40 -5.82 3.52
N LEU A 63 5.19 -6.94 2.83
CA LEU A 63 6.24 -7.66 2.09
C LEU A 63 6.83 -6.85 0.93
N GLN A 64 6.27 -5.70 0.60
CA GLN A 64 6.76 -4.85 -0.48
C GLN A 64 7.75 -3.80 0.04
N HIS A 65 8.03 -3.76 1.34
CA HIS A 65 8.96 -2.85 2.00
C HIS A 65 10.36 -3.03 1.42
N GLY A 66 10.84 -2.02 0.72
CA GLY A 66 12.16 -2.01 0.10
C GLY A 66 12.16 -2.45 -1.36
N THR A 67 10.99 -2.69 -1.98
CA THR A 67 10.98 -3.10 -3.38
C THR A 67 11.47 -1.94 -4.26
N LEU A 68 12.13 -2.25 -5.38
CA LEU A 68 12.62 -1.26 -6.31
C LEU A 68 11.51 -1.12 -7.36
N LEU A 69 10.79 -0.02 -7.34
CA LEU A 69 9.71 0.31 -8.28
C LEU A 69 10.29 1.38 -9.19
N LYS A 70 10.24 1.21 -10.52
CA LYS A 70 10.78 2.17 -11.49
C LYS A 70 12.14 2.74 -11.01
N GLU A 71 13.03 1.84 -10.64
CA GLU A 71 14.40 2.08 -10.16
C GLU A 71 14.50 2.86 -8.83
N LYS A 72 13.46 2.87 -8.00
CA LYS A 72 13.43 3.58 -6.72
C LYS A 72 13.07 2.64 -5.58
N LYS A 73 13.90 2.60 -4.54
CA LYS A 73 13.72 1.77 -3.34
C LYS A 73 12.62 2.41 -2.53
N ILE A 74 11.45 1.78 -2.46
CA ILE A 74 10.30 2.28 -1.72
C ILE A 74 10.27 1.70 -0.30
N ASN A 75 9.39 2.23 0.55
CA ASN A 75 9.20 1.78 1.93
C ASN A 75 7.74 1.48 2.17
N VAL A 76 7.43 0.66 3.18
CA VAL A 76 6.08 0.30 3.56
C VAL A 76 6.05 0.26 5.09
N GLU A 77 5.06 0.87 5.73
CA GLU A 77 4.89 0.90 7.19
C GLU A 77 3.39 0.91 7.52
N LEU A 78 3.02 0.61 8.77
CA LEU A 78 1.63 0.61 9.23
C LEU A 78 1.20 2.03 9.56
N THR A 79 -0.09 2.31 9.44
CA THR A 79 -0.68 3.62 9.72
C THR A 79 -2.09 3.43 10.30
N VAL A 80 -2.46 4.29 11.24
CA VAL A 80 -3.77 4.33 11.92
C VAL A 80 -4.00 3.14 12.85
N GLY A 81 -3.78 1.93 12.37
CA GLY A 81 -3.95 0.67 13.09
C GLY A 81 -2.65 0.09 13.62
N GLY A 82 -1.57 0.88 13.63
CA GLY A 82 -0.28 0.44 14.13
C GLY A 82 -0.35 0.34 15.64
N GLY A 1 -16.14 2.06 10.27
CA GLY A 1 -14.86 2.43 10.90
C GLY A 1 -14.12 1.24 11.44
N ASN A 2 -13.66 0.34 10.58
CA ASN A 2 -12.90 -0.86 10.91
C ASN A 2 -11.82 -1.02 9.83
N ARG A 3 -11.24 0.09 9.36
CA ARG A 3 -10.22 0.05 8.33
C ARG A 3 -8.88 0.51 8.87
N PHE A 4 -7.83 -0.06 8.29
CA PHE A 4 -6.44 0.20 8.57
C PHE A 4 -5.90 0.84 7.31
N ILE A 5 -4.74 1.49 7.38
CA ILE A 5 -4.12 2.17 6.26
C ILE A 5 -2.65 1.74 6.21
N VAL A 6 -2.08 1.70 5.02
CA VAL A 6 -0.68 1.35 4.79
C VAL A 6 -0.04 2.56 4.12
N PHE A 7 1.03 3.06 4.74
CA PHE A 7 1.82 4.18 4.27
C PHE A 7 2.87 3.59 3.36
N VAL A 8 3.10 4.21 2.21
CA VAL A 8 4.10 3.78 1.25
C VAL A 8 4.82 5.05 0.80
N GLY A 9 6.16 5.12 0.82
CA GLY A 9 6.87 6.32 0.38
C GLY A 9 8.10 6.02 -0.46
N SER A 10 8.81 7.08 -0.84
CA SER A 10 10.01 7.10 -1.69
C SER A 10 9.62 6.78 -3.15
N LEU A 11 8.33 6.84 -3.50
CA LEU A 11 7.82 6.54 -4.84
C LEU A 11 8.45 7.44 -5.90
N PRO A 12 8.73 6.90 -7.10
CA PRO A 12 9.31 7.67 -8.20
C PRO A 12 8.34 8.74 -8.70
N ARG A 13 8.85 9.80 -9.33
CA ARG A 13 7.99 10.85 -9.87
C ARG A 13 7.17 10.30 -11.03
N ASP A 14 7.77 9.39 -11.81
CA ASP A 14 7.15 8.74 -12.97
C ASP A 14 6.21 7.60 -12.61
N ILE A 15 5.87 7.42 -11.33
CA ILE A 15 4.98 6.37 -10.83
C ILE A 15 3.64 6.32 -11.60
N THR A 16 3.07 5.12 -11.78
CA THR A 16 1.82 4.90 -12.47
C THR A 16 0.89 4.06 -11.62
N ALA A 17 -0.41 4.29 -11.81
CA ALA A 17 -1.47 3.57 -11.14
C ALA A 17 -1.36 2.07 -11.44
N VAL A 18 -0.93 1.70 -12.66
CA VAL A 18 -0.79 0.31 -13.08
C VAL A 18 0.22 -0.43 -12.19
N GLU A 19 1.34 0.22 -11.86
CA GLU A 19 2.38 -0.39 -11.04
C GLU A 19 1.86 -0.52 -9.61
N LEU A 20 1.13 0.48 -9.13
CA LEU A 20 0.55 0.53 -7.81
C LEU A 20 -0.48 -0.59 -7.63
N GLN A 21 -1.42 -0.69 -8.57
CA GLN A 21 -2.48 -1.69 -8.56
C GLN A 21 -1.85 -3.08 -8.63
N ASN A 22 -0.83 -3.29 -9.47
CA ASN A 22 -0.15 -4.56 -9.64
C ASN A 22 0.58 -5.02 -8.39
N HIS A 23 1.44 -4.18 -7.79
CA HIS A 23 2.17 -4.57 -6.59
C HIS A 23 1.24 -4.96 -5.45
N PHE A 24 0.24 -4.14 -5.17
CA PHE A 24 -0.70 -4.40 -4.09
C PHE A 24 -1.87 -5.29 -4.50
N LYS A 25 -1.95 -5.77 -5.74
CA LYS A 25 -3.03 -6.63 -6.20
C LYS A 25 -3.21 -7.84 -5.28
N ASN A 26 -2.12 -8.52 -4.93
CA ASN A 26 -2.20 -9.69 -4.05
C ASN A 26 -2.78 -9.33 -2.67
N SER A 27 -2.49 -8.13 -2.17
CA SER A 27 -3.01 -7.64 -0.88
C SER A 27 -4.42 -7.05 -1.02
N SER A 28 -4.92 -6.85 -2.24
CA SER A 28 -6.25 -6.31 -2.57
C SER A 28 -6.67 -5.11 -1.71
N PRO A 29 -6.01 -3.94 -1.86
CA PRO A 29 -6.36 -2.74 -1.11
C PRO A 29 -7.76 -2.29 -1.47
N ASP A 30 -8.39 -1.51 -0.60
CA ASP A 30 -9.73 -0.99 -0.79
C ASP A 30 -9.64 0.35 -1.48
N GLN A 31 -8.62 1.14 -1.13
CA GLN A 31 -8.39 2.46 -1.68
C GLN A 31 -6.96 2.59 -2.20
N ILE A 32 -6.75 3.51 -3.16
CA ILE A 32 -5.46 3.77 -3.78
C ILE A 32 -5.40 5.29 -4.04
N ARG A 33 -4.48 6.01 -3.40
CA ARG A 33 -4.27 7.45 -3.55
C ARG A 33 -2.78 7.71 -3.62
N LEU A 34 -2.28 8.00 -4.82
CA LEU A 34 -0.88 8.30 -5.08
C LEU A 34 -0.67 9.81 -4.94
N ARG A 35 0.20 10.24 -4.02
CA ARG A 35 0.53 11.64 -3.78
C ARG A 35 1.96 11.83 -4.27
N ALA A 36 2.08 12.07 -5.58
CA ALA A 36 3.37 12.29 -6.22
C ALA A 36 4.12 13.47 -5.59
N ASP A 37 3.39 14.47 -5.06
CA ASP A 37 3.99 15.66 -4.43
C ASP A 37 4.98 15.34 -3.32
N LYS A 38 4.86 14.20 -2.65
CA LYS A 38 5.75 13.77 -1.58
C LYS A 38 6.29 12.37 -1.83
N GLY A 39 6.05 11.80 -3.02
CA GLY A 39 6.49 10.46 -3.41
C GLY A 39 5.96 9.44 -2.43
N ILE A 40 4.67 9.50 -2.11
CA ILE A 40 4.00 8.61 -1.17
C ILE A 40 2.63 8.23 -1.71
N ALA A 41 2.00 7.29 -1.04
CA ALA A 41 0.69 6.79 -1.36
C ALA A 41 0.00 6.41 -0.05
N PHE A 42 -1.31 6.16 -0.14
CA PHE A 42 -2.16 5.74 0.95
C PHE A 42 -3.00 4.60 0.38
N LEU A 43 -3.17 3.54 1.15
CA LEU A 43 -3.96 2.38 0.76
C LEU A 43 -4.77 1.99 1.97
N GLU A 44 -6.10 2.08 1.87
CA GLU A 44 -6.98 1.72 2.98
C GLU A 44 -7.37 0.27 2.79
N PHE A 45 -7.65 -0.46 3.86
CA PHE A 45 -8.04 -1.85 3.84
C PHE A 45 -9.10 -2.00 4.93
N ASP A 46 -10.35 -2.26 4.51
CA ASP A 46 -11.48 -2.41 5.41
C ASP A 46 -11.57 -3.84 5.95
N ALA A 47 -11.55 -4.00 7.27
CA ALA A 47 -11.61 -5.30 7.94
C ALA A 47 -12.94 -6.01 7.69
N ASP A 48 -14.06 -5.29 7.66
CA ASP A 48 -15.37 -5.90 7.39
C ASP A 48 -15.35 -6.50 5.99
N LYS A 49 -14.56 -5.93 5.07
CA LYS A 49 -14.47 -6.43 3.70
C LYS A 49 -13.94 -7.87 3.65
N ASP A 50 -13.20 -8.34 4.66
CA ASP A 50 -12.67 -9.70 4.77
C ASP A 50 -12.25 -9.92 6.22
N ARG A 51 -13.18 -10.43 7.02
CA ARG A 51 -13.02 -10.72 8.45
C ARG A 51 -11.88 -11.65 8.78
N THR A 52 -11.32 -12.39 7.84
CA THR A 52 -10.24 -13.31 8.14
C THR A 52 -8.99 -13.02 7.32
N GLY A 53 -9.12 -12.30 6.20
CA GLY A 53 -8.02 -11.98 5.32
C GLY A 53 -7.39 -10.61 5.54
N ILE A 54 -8.03 -9.69 6.28
CA ILE A 54 -7.48 -8.35 6.51
C ILE A 54 -6.03 -8.42 7.01
N GLN A 55 -5.73 -9.31 7.95
CA GLN A 55 -4.41 -9.50 8.52
C GLN A 55 -3.42 -9.94 7.42
N ARG A 56 -3.65 -11.06 6.73
CA ARG A 56 -2.74 -11.52 5.66
C ARG A 56 -2.62 -10.48 4.56
N ARG A 57 -3.65 -9.68 4.29
CA ARG A 57 -3.57 -8.63 3.28
C ARG A 57 -2.49 -7.64 3.74
N MET A 58 -2.43 -7.30 5.04
CA MET A 58 -1.42 -6.40 5.57
C MET A 58 -0.05 -7.08 5.43
N ASP A 59 0.07 -8.38 5.73
CA ASP A 59 1.34 -9.12 5.63
C ASP A 59 1.92 -8.97 4.23
N ILE A 60 1.09 -9.23 3.21
CA ILE A 60 1.44 -9.15 1.80
C ILE A 60 1.86 -7.72 1.45
N ALA A 61 1.13 -6.71 1.92
CA ALA A 61 1.47 -5.31 1.65
C ALA A 61 2.81 -4.97 2.31
N LEU A 62 3.04 -5.43 3.55
CA LEU A 62 4.25 -5.16 4.32
C LEU A 62 5.47 -5.84 3.69
N LEU A 63 5.26 -6.98 3.02
CA LEU A 63 6.34 -7.70 2.36
C LEU A 63 6.90 -6.84 1.21
N GLN A 64 6.20 -5.78 0.79
CA GLN A 64 6.66 -4.92 -0.28
C GLN A 64 7.62 -3.83 0.23
N HIS A 65 7.96 -3.82 1.52
CA HIS A 65 8.88 -2.86 2.10
C HIS A 65 10.27 -3.12 1.52
N GLY A 66 10.76 -2.19 0.72
CA GLY A 66 12.06 -2.25 0.07
C GLY A 66 12.00 -2.76 -1.37
N THR A 67 10.81 -2.89 -1.98
CA THR A 67 10.73 -3.35 -3.35
C THR A 67 11.29 -2.30 -4.30
N LEU A 68 12.02 -2.73 -5.33
CA LEU A 68 12.54 -1.81 -6.34
C LEU A 68 11.38 -1.73 -7.31
N LEU A 69 10.76 -0.57 -7.35
CA LEU A 69 9.62 -0.24 -8.17
C LEU A 69 10.03 0.85 -9.15
N LYS A 70 9.91 0.57 -10.45
CA LYS A 70 10.24 1.51 -11.52
C LYS A 70 11.62 2.14 -11.35
N GLU A 71 12.63 1.32 -11.02
CA GLU A 71 14.04 1.67 -10.82
C GLU A 71 14.25 2.56 -9.58
N LYS A 72 13.34 2.49 -8.60
CA LYS A 72 13.37 3.28 -7.36
C LYS A 72 12.93 2.41 -6.18
N LYS A 73 13.74 2.35 -5.12
CA LYS A 73 13.36 1.56 -3.97
C LYS A 73 12.30 2.37 -3.23
N ILE A 74 11.33 1.66 -2.67
CA ILE A 74 10.22 2.26 -1.93
C ILE A 74 10.10 1.57 -0.56
N ASN A 75 9.40 2.20 0.37
CA ASN A 75 9.18 1.74 1.74
C ASN A 75 7.72 1.56 2.04
N VAL A 76 7.43 0.75 3.06
CA VAL A 76 6.08 0.48 3.53
C VAL A 76 6.08 0.54 5.06
N GLU A 77 4.99 0.96 5.70
CA GLU A 77 4.82 1.05 7.16
C GLU A 77 3.31 1.13 7.47
N LEU A 78 2.92 0.83 8.71
CA LEU A 78 1.54 0.83 9.17
C LEU A 78 1.06 2.21 9.62
N THR A 79 -0.25 2.43 9.50
CA THR A 79 -0.93 3.65 9.87
C THR A 79 -2.36 3.28 10.32
N VAL A 80 -2.77 3.79 11.50
CA VAL A 80 -4.07 3.57 12.13
C VAL A 80 -4.30 2.10 12.50
N GLY A 81 -3.99 1.77 13.75
CA GLY A 81 -4.13 0.44 14.30
C GLY A 81 -2.83 0.07 15.00
N GLY A 82 -2.56 0.72 16.12
CA GLY A 82 -1.36 0.48 16.92
C GLY A 82 -1.45 -0.91 17.52
N GLY A 1 -11.06 1.79 15.08
CA GLY A 1 -12.02 1.44 14.03
C GLY A 1 -11.87 0.00 13.56
N ASN A 2 -12.38 -0.30 12.37
CA ASN A 2 -12.33 -1.61 11.69
C ASN A 2 -11.73 -1.42 10.30
N ARG A 3 -10.98 -0.34 10.12
CA ARG A 3 -10.33 0.01 8.87
C ARG A 3 -8.90 0.38 9.23
N PHE A 4 -7.97 0.06 8.35
CA PHE A 4 -6.55 0.33 8.51
C PHE A 4 -6.06 1.05 7.25
N ILE A 5 -4.90 1.70 7.33
CA ILE A 5 -4.29 2.43 6.23
C ILE A 5 -2.82 2.03 6.25
N VAL A 6 -2.26 1.92 5.06
CA VAL A 6 -0.87 1.57 4.79
C VAL A 6 -0.28 2.76 4.05
N PHE A 7 0.86 3.21 4.55
CA PHE A 7 1.62 4.32 4.02
C PHE A 7 2.76 3.67 3.24
N VAL A 8 3.07 4.22 2.08
CA VAL A 8 4.15 3.74 1.24
C VAL A 8 4.82 5.01 0.73
N GLY A 9 6.14 5.17 0.86
CA GLY A 9 6.83 6.38 0.39
C GLY A 9 8.07 6.06 -0.42
N SER A 10 8.74 7.12 -0.89
CA SER A 10 9.94 7.11 -1.72
C SER A 10 9.58 6.69 -3.17
N LEU A 11 8.29 6.76 -3.53
CA LEU A 11 7.78 6.38 -4.84
C LEU A 11 8.49 7.11 -5.98
N PRO A 12 8.62 6.46 -7.14
CA PRO A 12 9.27 7.01 -8.32
C PRO A 12 8.54 8.24 -8.87
N ARG A 13 9.29 9.11 -9.54
CA ARG A 13 8.72 10.31 -10.13
C ARG A 13 7.74 9.92 -11.24
N ASP A 14 8.01 8.82 -11.97
CA ASP A 14 7.17 8.32 -13.06
C ASP A 14 6.16 7.27 -12.57
N ILE A 15 5.83 7.24 -11.28
CA ILE A 15 4.87 6.28 -10.75
C ILE A 15 3.56 6.36 -11.57
N THR A 16 2.95 5.21 -11.86
CA THR A 16 1.72 5.12 -12.61
C THR A 16 0.71 4.32 -11.79
N ALA A 17 -0.57 4.62 -11.97
CA ALA A 17 -1.63 3.92 -11.28
C ALA A 17 -1.67 2.45 -11.71
N VAL A 18 -1.20 2.10 -12.92
CA VAL A 18 -1.17 0.71 -13.37
C VAL A 18 -0.19 -0.07 -12.48
N GLU A 19 0.96 0.51 -12.15
CA GLU A 19 1.93 -0.18 -11.33
C GLU A 19 1.35 -0.33 -9.93
N LEU A 20 0.76 0.73 -9.37
CA LEU A 20 0.17 0.66 -8.04
C LEU A 20 -0.93 -0.41 -7.98
N GLN A 21 -1.85 -0.41 -8.95
CA GLN A 21 -2.94 -1.38 -9.02
C GLN A 21 -2.37 -2.80 -9.14
N ASN A 22 -1.29 -2.98 -9.90
CA ASN A 22 -0.65 -4.26 -10.12
C ASN A 22 0.15 -4.77 -8.91
N HIS A 23 1.08 -3.99 -8.39
CA HIS A 23 1.94 -4.35 -7.27
C HIS A 23 1.16 -4.73 -6.01
N PHE A 24 0.01 -4.07 -5.75
CA PHE A 24 -0.82 -4.35 -4.58
C PHE A 24 -1.99 -5.28 -4.89
N LYS A 25 -2.08 -5.80 -6.12
CA LYS A 25 -3.14 -6.73 -6.50
C LYS A 25 -3.07 -7.98 -5.63
N ASN A 26 -1.88 -8.35 -5.15
CA ASN A 26 -1.66 -9.52 -4.30
C ASN A 26 -2.18 -9.27 -2.87
N SER A 27 -2.42 -8.01 -2.48
CA SER A 27 -2.90 -7.60 -1.16
C SER A 27 -4.31 -6.96 -1.19
N SER A 28 -4.89 -6.73 -2.37
CA SER A 28 -6.24 -6.17 -2.58
C SER A 28 -6.59 -4.99 -1.65
N PRO A 29 -6.10 -3.78 -1.92
CA PRO A 29 -6.44 -2.60 -1.11
C PRO A 29 -7.90 -2.19 -1.35
N ASP A 30 -8.47 -1.34 -0.49
CA ASP A 30 -9.84 -0.85 -0.61
C ASP A 30 -9.85 0.45 -1.43
N GLN A 31 -8.78 1.23 -1.30
CA GLN A 31 -8.58 2.49 -2.01
C GLN A 31 -7.11 2.62 -2.35
N ILE A 32 -6.79 3.36 -3.42
CA ILE A 32 -5.45 3.60 -3.92
C ILE A 32 -5.34 5.10 -4.18
N ARG A 33 -4.64 5.85 -3.33
CA ARG A 33 -4.48 7.30 -3.53
C ARG A 33 -3.00 7.62 -3.58
N LEU A 34 -2.49 7.86 -4.79
CA LEU A 34 -1.11 8.22 -5.06
C LEU A 34 -1.00 9.72 -4.81
N ARG A 35 -0.05 10.16 -4.00
CA ARG A 35 0.21 11.57 -3.66
C ARG A 35 1.62 11.85 -4.15
N ALA A 36 1.72 12.20 -5.44
CA ALA A 36 2.99 12.51 -6.09
C ALA A 36 3.79 13.61 -5.39
N ASP A 37 3.10 14.51 -4.68
CA ASP A 37 3.66 15.65 -3.94
C ASP A 37 4.78 15.28 -2.97
N LYS A 38 4.76 14.08 -2.40
CA LYS A 38 5.78 13.58 -1.47
C LYS A 38 6.25 12.18 -1.86
N GLY A 39 5.91 11.71 -3.06
CA GLY A 39 6.27 10.39 -3.53
C GLY A 39 5.76 9.34 -2.57
N ILE A 40 4.48 9.38 -2.23
CA ILE A 40 3.84 8.46 -1.30
C ILE A 40 2.46 8.07 -1.80
N ALA A 41 1.86 7.06 -1.19
CA ALA A 41 0.53 6.58 -1.50
C ALA A 41 -0.11 6.09 -0.20
N PHE A 42 -1.43 6.11 -0.16
CA PHE A 42 -2.21 5.68 0.99
C PHE A 42 -3.17 4.61 0.48
N LEU A 43 -3.09 3.44 1.07
CA LEU A 43 -3.92 2.29 0.73
C LEU A 43 -4.75 1.96 1.95
N GLU A 44 -6.06 2.14 1.84
CA GLU A 44 -7.00 1.85 2.92
C GLU A 44 -7.34 0.36 2.85
N PHE A 45 -7.71 -0.29 3.96
CA PHE A 45 -8.08 -1.70 4.02
C PHE A 45 -9.24 -1.87 4.99
N ASP A 46 -10.23 -2.67 4.60
CA ASP A 46 -11.44 -2.96 5.37
C ASP A 46 -11.36 -4.27 6.15
N ALA A 47 -11.24 -4.17 7.48
CA ALA A 47 -11.16 -5.33 8.36
C ALA A 47 -12.52 -5.98 8.59
N ASP A 48 -13.60 -5.23 8.40
CA ASP A 48 -14.95 -5.75 8.59
C ASP A 48 -15.43 -6.57 7.42
N LYS A 49 -15.05 -6.16 6.20
CA LYS A 49 -15.42 -6.80 4.96
C LYS A 49 -14.72 -8.15 4.82
N ASP A 50 -13.40 -8.18 4.91
CA ASP A 50 -12.63 -9.41 4.76
C ASP A 50 -12.07 -9.87 6.10
N ARG A 51 -12.97 -10.36 6.97
CA ARG A 51 -12.65 -10.84 8.32
C ARG A 51 -11.45 -11.79 8.34
N THR A 52 -11.32 -12.68 7.35
CA THR A 52 -10.24 -13.66 7.30
C THR A 52 -9.16 -13.31 6.26
N GLY A 53 -9.21 -12.12 5.65
CA GLY A 53 -8.23 -11.71 4.65
C GLY A 53 -7.50 -10.42 5.01
N ILE A 54 -8.03 -9.56 5.85
CA ILE A 54 -7.42 -8.29 6.24
C ILE A 54 -5.96 -8.43 6.67
N GLN A 55 -5.69 -9.39 7.57
CA GLN A 55 -4.37 -9.66 8.09
C GLN A 55 -3.48 -10.13 6.95
N ARG A 56 -3.86 -11.18 6.21
CA ARG A 56 -3.09 -11.72 5.08
C ARG A 56 -2.72 -10.57 4.13
N ARG A 57 -3.73 -9.80 3.72
CA ARG A 57 -3.62 -8.65 2.84
C ARG A 57 -2.57 -7.68 3.35
N MET A 58 -2.66 -7.22 4.60
CA MET A 58 -1.68 -6.30 5.15
C MET A 58 -0.31 -6.98 5.30
N ASP A 59 -0.23 -8.29 5.49
CA ASP A 59 1.04 -9.01 5.63
C ASP A 59 1.81 -8.94 4.33
N ILE A 60 1.10 -9.21 3.24
CA ILE A 60 1.58 -9.21 1.88
C ILE A 60 1.95 -7.77 1.52
N ALA A 61 1.27 -6.77 2.08
CA ALA A 61 1.56 -5.36 1.84
C ALA A 61 2.83 -5.00 2.62
N LEU A 62 2.99 -5.47 3.87
CA LEU A 62 4.16 -5.19 4.70
C LEU A 62 5.42 -5.69 4.03
N LEU A 63 5.33 -6.84 3.36
CA LEU A 63 6.43 -7.49 2.65
C LEU A 63 6.95 -6.67 1.45
N GLN A 64 6.31 -5.55 1.09
CA GLN A 64 6.74 -4.70 -0.02
C GLN A 64 7.69 -3.59 0.46
N HIS A 65 8.10 -3.60 1.73
CA HIS A 65 9.01 -2.64 2.32
C HIS A 65 10.42 -2.90 1.76
N GLY A 66 10.94 -1.94 1.01
CA GLY A 66 12.27 -2.02 0.41
C GLY A 66 12.30 -2.54 -1.01
N THR A 67 11.16 -2.80 -1.65
CA THR A 67 11.17 -3.30 -3.03
C THR A 67 11.59 -2.17 -3.96
N LEU A 68 12.16 -2.53 -5.12
CA LEU A 68 12.62 -1.61 -6.14
C LEU A 68 11.56 -1.59 -7.22
N LEU A 69 10.81 -0.49 -7.29
CA LEU A 69 9.72 -0.25 -8.23
C LEU A 69 10.22 0.90 -9.10
N LYS A 70 10.29 0.72 -10.43
CA LYS A 70 10.80 1.73 -11.37
C LYS A 70 12.13 2.32 -10.86
N GLU A 71 13.05 1.44 -10.47
CA GLU A 71 14.37 1.76 -9.95
C GLU A 71 14.37 2.67 -8.72
N LYS A 72 13.31 2.65 -7.91
CA LYS A 72 13.19 3.45 -6.70
C LYS A 72 12.85 2.51 -5.56
N LYS A 73 13.71 2.50 -4.54
CA LYS A 73 13.54 1.68 -3.36
C LYS A 73 12.56 2.38 -2.45
N ILE A 74 11.34 1.89 -2.46
CA ILE A 74 10.23 2.42 -1.67
C ILE A 74 10.23 1.83 -0.27
N ASN A 75 9.41 2.37 0.62
CA ASN A 75 9.24 1.95 2.01
C ASN A 75 7.77 1.75 2.30
N VAL A 76 7.46 0.92 3.29
CA VAL A 76 6.09 0.62 3.71
C VAL A 76 6.02 0.72 5.24
N GLU A 77 4.86 1.12 5.76
CA GLU A 77 4.56 1.28 7.17
C GLU A 77 3.03 1.37 7.36
N LEU A 78 2.56 1.36 8.61
CA LEU A 78 1.17 1.48 9.00
C LEU A 78 0.91 2.94 9.37
N THR A 79 -0.33 3.38 9.23
CA THR A 79 -0.72 4.74 9.55
C THR A 79 -2.12 4.73 10.17
N VAL A 80 -2.19 4.45 11.47
CA VAL A 80 -3.45 4.40 12.22
C VAL A 80 -3.22 4.34 13.73
N GLY A 81 -2.29 3.50 14.18
CA GLY A 81 -2.01 3.35 15.60
C GLY A 81 -0.76 2.54 15.90
N GLY A 82 0.11 2.38 14.92
CA GLY A 82 1.37 1.66 14.92
C GLY A 82 1.85 1.66 13.47
N GLY A 1 -13.10 2.83 13.50
CA GLY A 1 -14.14 2.08 12.78
C GLY A 1 -13.75 0.62 12.66
N ASN A 2 -13.48 0.15 11.44
CA ASN A 2 -13.08 -1.23 11.16
C ASN A 2 -12.22 -1.29 9.90
N ARG A 3 -11.17 -0.48 9.81
CA ARG A 3 -10.27 -0.48 8.65
C ARG A 3 -8.87 -0.06 9.08
N PHE A 4 -7.87 -0.32 8.23
CA PHE A 4 -6.47 0.00 8.49
C PHE A 4 -5.90 0.66 7.24
N ILE A 5 -4.73 1.29 7.39
CA ILE A 5 -4.07 1.99 6.30
C ILE A 5 -2.59 1.61 6.28
N VAL A 6 -1.99 1.61 5.10
CA VAL A 6 -0.59 1.29 4.88
C VAL A 6 0.01 2.51 4.19
N PHE A 7 1.10 3.02 4.77
CA PHE A 7 1.85 4.17 4.30
C PHE A 7 2.95 3.65 3.38
N VAL A 8 3.18 4.31 2.25
CA VAL A 8 4.21 3.93 1.30
C VAL A 8 4.88 5.23 0.84
N GLY A 9 6.21 5.38 0.93
CA GLY A 9 6.91 6.59 0.49
C GLY A 9 8.19 6.25 -0.27
N SER A 10 8.87 7.30 -0.77
CA SER A 10 10.09 7.25 -1.57
C SER A 10 9.75 6.90 -3.03
N LEU A 11 8.49 7.07 -3.45
CA LEU A 11 8.01 6.73 -4.78
C LEU A 11 8.67 7.58 -5.88
N PRO A 12 8.94 6.99 -7.06
CA PRO A 12 9.56 7.69 -8.18
C PRO A 12 8.64 8.77 -8.75
N ARG A 13 9.18 9.74 -9.49
CA ARG A 13 8.36 10.78 -10.11
C ARG A 13 7.40 10.14 -11.12
N ASP A 14 7.93 9.22 -11.94
CA ASP A 14 7.23 8.48 -12.98
C ASP A 14 6.26 7.40 -12.45
N ILE A 15 6.00 7.37 -11.15
CA ILE A 15 5.07 6.41 -10.56
C ILE A 15 3.69 6.56 -11.20
N THR A 16 3.02 5.44 -11.48
CA THR A 16 1.70 5.41 -12.09
C THR A 16 0.76 4.54 -11.26
N ALA A 17 -0.54 4.86 -11.28
CA ALA A 17 -1.57 4.12 -10.57
C ALA A 17 -1.63 2.67 -11.07
N VAL A 18 -1.30 2.44 -12.35
CA VAL A 18 -1.28 1.13 -12.97
C VAL A 18 -0.27 0.24 -12.27
N GLU A 19 0.91 0.81 -11.97
CA GLU A 19 2.01 0.12 -11.31
C GLU A 19 1.58 -0.21 -9.90
N LEU A 20 0.91 0.73 -9.22
CA LEU A 20 0.41 0.60 -7.86
C LEU A 20 -0.61 -0.53 -7.78
N GLN A 21 -1.64 -0.49 -8.63
CA GLN A 21 -2.66 -1.53 -8.65
C GLN A 21 -1.97 -2.86 -8.89
N ASN A 22 -1.06 -2.93 -9.87
CA ASN A 22 -0.35 -4.16 -10.21
C ASN A 22 0.53 -4.70 -9.07
N HIS A 23 1.28 -3.85 -8.37
CA HIS A 23 2.14 -4.31 -7.29
C HIS A 23 1.31 -4.82 -6.12
N PHE A 24 0.29 -4.07 -5.69
CA PHE A 24 -0.56 -4.45 -4.56
C PHE A 24 -1.72 -5.37 -4.95
N LYS A 25 -1.82 -5.84 -6.19
CA LYS A 25 -2.88 -6.72 -6.67
C LYS A 25 -3.10 -7.94 -5.81
N ASN A 26 -2.03 -8.59 -5.32
CA ASN A 26 -2.17 -9.77 -4.49
C ASN A 26 -2.69 -9.44 -3.08
N SER A 27 -2.53 -8.19 -2.63
CA SER A 27 -2.97 -7.70 -1.33
C SER A 27 -4.37 -7.06 -1.44
N SER A 28 -4.81 -6.70 -2.65
CA SER A 28 -6.10 -6.10 -2.95
C SER A 28 -6.48 -4.90 -2.06
N PRO A 29 -5.85 -3.72 -2.28
CA PRO A 29 -6.15 -2.54 -1.50
C PRO A 29 -7.59 -2.09 -1.80
N ASP A 30 -8.23 -1.41 -0.86
CA ASP A 30 -9.60 -0.95 -1.02
C ASP A 30 -9.55 0.45 -1.60
N GLN A 31 -8.61 1.25 -1.11
CA GLN A 31 -8.39 2.62 -1.56
C GLN A 31 -6.96 2.76 -2.04
N ILE A 32 -6.71 3.60 -3.04
CA ILE A 32 -5.39 3.83 -3.62
C ILE A 32 -5.27 5.32 -3.95
N ARG A 33 -4.49 6.08 -3.17
CA ARG A 33 -4.27 7.51 -3.39
C ARG A 33 -2.78 7.78 -3.44
N LEU A 34 -2.25 8.00 -4.65
CA LEU A 34 -0.85 8.28 -4.95
C LEU A 34 -0.66 9.80 -4.93
N ARG A 35 0.19 10.33 -4.05
CA ARG A 35 0.50 11.75 -3.90
C ARG A 35 1.97 11.97 -4.28
N ALA A 36 2.24 12.19 -5.57
CA ALA A 36 3.62 12.45 -6.01
C ALA A 36 4.12 13.76 -5.40
N ASP A 37 3.20 14.60 -4.90
CA ASP A 37 3.43 15.90 -4.24
C ASP A 37 4.46 15.76 -3.11
N LYS A 38 4.59 14.57 -2.52
CA LYS A 38 5.53 14.18 -1.47
C LYS A 38 6.21 12.83 -1.80
N GLY A 39 5.86 12.18 -2.92
CA GLY A 39 6.39 10.89 -3.34
C GLY A 39 5.95 9.80 -2.38
N ILE A 40 4.64 9.74 -2.09
CA ILE A 40 4.02 8.79 -1.18
C ILE A 40 2.68 8.31 -1.75
N ALA A 41 2.12 7.27 -1.14
CA ALA A 41 0.85 6.66 -1.48
C ALA A 41 0.20 6.11 -0.21
N PHE A 42 -1.13 6.09 -0.18
CA PHE A 42 -1.92 5.59 0.93
C PHE A 42 -2.76 4.45 0.39
N LEU A 43 -2.78 3.32 1.11
CA LEU A 43 -3.54 2.14 0.73
C LEU A 43 -4.39 1.77 1.94
N GLU A 44 -5.69 1.96 1.83
CA GLU A 44 -6.65 1.68 2.92
C GLU A 44 -7.22 0.29 2.65
N PHE A 45 -7.57 -0.44 3.72
CA PHE A 45 -8.13 -1.79 3.65
C PHE A 45 -9.18 -1.97 4.74
N ASP A 46 -10.42 -2.28 4.37
CA ASP A 46 -11.53 -2.49 5.32
C ASP A 46 -11.40 -3.86 5.98
N ALA A 47 -11.30 -3.86 7.31
CA ALA A 47 -11.16 -5.03 8.17
C ALA A 47 -12.45 -5.80 8.29
N ASP A 48 -13.60 -5.12 8.38
CA ASP A 48 -14.89 -5.80 8.49
C ASP A 48 -15.14 -6.61 7.21
N LYS A 49 -14.60 -6.16 6.07
CA LYS A 49 -14.74 -6.81 4.78
C LYS A 49 -14.14 -8.22 4.77
N ASP A 50 -13.25 -8.58 5.70
CA ASP A 50 -12.65 -9.92 5.76
C ASP A 50 -11.96 -10.11 7.11
N ARG A 51 -12.69 -10.62 8.10
CA ARG A 51 -12.17 -10.85 9.46
C ARG A 51 -10.86 -11.56 9.57
N THR A 52 -10.64 -12.55 8.73
CA THR A 52 -9.43 -13.33 8.76
C THR A 52 -8.59 -13.12 7.48
N GLY A 53 -9.08 -12.31 6.54
CA GLY A 53 -8.40 -12.01 5.29
C GLY A 53 -7.65 -10.67 5.37
N ILE A 54 -8.11 -9.72 6.19
CA ILE A 54 -7.48 -8.41 6.36
C ILE A 54 -6.00 -8.56 6.72
N GLN A 55 -5.68 -9.57 7.54
CA GLN A 55 -4.32 -9.85 7.96
C GLN A 55 -3.45 -10.13 6.73
N ARG A 56 -3.85 -11.11 5.93
CA ARG A 56 -3.16 -11.52 4.71
C ARG A 56 -2.95 -10.32 3.79
N ARG A 57 -3.97 -9.46 3.66
CA ARG A 57 -3.85 -8.28 2.82
C ARG A 57 -2.67 -7.45 3.34
N MET A 58 -2.59 -7.23 4.66
CA MET A 58 -1.49 -6.49 5.27
C MET A 58 -0.17 -7.24 5.12
N ASP A 59 -0.11 -8.55 5.36
CA ASP A 59 1.12 -9.38 5.25
C ASP A 59 1.78 -9.16 3.90
N ILE A 60 0.97 -9.28 2.84
CA ILE A 60 1.38 -9.14 1.47
C ILE A 60 1.83 -7.70 1.21
N ALA A 61 1.09 -6.71 1.71
CA ALA A 61 1.46 -5.31 1.53
C ALA A 61 2.79 -5.02 2.24
N LEU A 62 2.98 -5.53 3.46
CA LEU A 62 4.18 -5.35 4.27
C LEU A 62 5.41 -5.98 3.62
N LEU A 63 5.21 -7.02 2.80
CA LEU A 63 6.32 -7.67 2.11
C LEU A 63 6.83 -6.77 1.00
N GLN A 64 6.13 -5.67 0.70
CA GLN A 64 6.52 -4.74 -0.34
C GLN A 64 7.46 -3.65 0.20
N HIS A 65 7.96 -3.74 1.43
CA HIS A 65 8.89 -2.79 2.01
C HIS A 65 10.26 -3.08 1.40
N GLY A 66 10.83 -2.12 0.68
CA GLY A 66 12.13 -2.25 0.06
C GLY A 66 12.11 -2.73 -1.40
N THR A 67 10.94 -2.93 -2.01
CA THR A 67 10.83 -3.35 -3.40
C THR A 67 11.33 -2.20 -4.28
N LEU A 68 11.98 -2.54 -5.39
CA LEU A 68 12.46 -1.54 -6.32
C LEU A 68 11.33 -1.41 -7.33
N LEU A 69 10.60 -0.30 -7.28
CA LEU A 69 9.49 -0.02 -8.19
C LEU A 69 10.07 1.04 -9.11
N LYS A 70 10.22 0.73 -10.40
CA LYS A 70 10.80 1.63 -11.41
C LYS A 70 12.12 2.20 -10.89
N GLU A 71 13.01 1.28 -10.57
CA GLU A 71 14.37 1.49 -10.08
C GLU A 71 14.47 2.28 -8.76
N LYS A 72 13.38 2.48 -8.04
CA LYS A 72 13.35 3.23 -6.77
C LYS A 72 12.91 2.36 -5.62
N LYS A 73 13.78 2.22 -4.62
CA LYS A 73 13.51 1.45 -3.42
C LYS A 73 12.49 2.24 -2.61
N ILE A 74 11.29 1.69 -2.42
CA ILE A 74 10.24 2.36 -1.66
C ILE A 74 10.15 1.76 -0.25
N ASN A 75 9.37 2.37 0.64
CA ASN A 75 9.18 1.93 2.02
C ASN A 75 7.71 1.65 2.27
N VAL A 76 7.39 0.75 3.20
CA VAL A 76 6.02 0.39 3.56
C VAL A 76 5.95 0.28 5.10
N GLU A 77 4.92 0.83 5.73
CA GLU A 77 4.71 0.76 7.18
C GLU A 77 3.21 0.87 7.51
N LEU A 78 2.80 0.28 8.65
CA LEU A 78 1.42 0.27 9.12
C LEU A 78 1.04 1.61 9.73
N THR A 79 -0.19 2.01 9.49
CA THR A 79 -0.77 3.25 9.98
C THR A 79 -2.22 3.02 10.42
N VAL A 80 -2.61 3.76 11.46
CA VAL A 80 -3.92 3.77 12.09
C VAL A 80 -4.39 2.37 12.49
N GLY A 81 -3.98 1.95 13.69
CA GLY A 81 -4.35 0.67 14.24
C GLY A 81 -3.24 0.03 15.08
N GLY A 82 -2.03 0.58 15.06
CA GLY A 82 -0.89 0.07 15.82
C GLY A 82 0.18 -0.34 14.86
N GLY A 1 -12.20 3.29 12.58
CA GLY A 1 -13.25 2.45 11.99
C GLY A 1 -12.71 1.07 11.65
N ASN A 2 -13.49 0.30 10.87
CA ASN A 2 -13.16 -1.06 10.43
C ASN A 2 -12.14 -1.08 9.30
N ARG A 3 -11.12 -0.24 9.33
CA ARG A 3 -10.09 -0.22 8.31
C ARG A 3 -8.81 0.37 8.88
N PHE A 4 -7.71 -0.12 8.34
CA PHE A 4 -6.34 0.24 8.63
C PHE A 4 -5.83 0.82 7.31
N ILE A 5 -4.70 1.51 7.39
CA ILE A 5 -4.12 2.16 6.23
C ILE A 5 -2.62 1.89 6.20
N VAL A 6 -2.11 1.55 5.03
CA VAL A 6 -0.70 1.29 4.81
C VAL A 6 -0.14 2.61 4.28
N PHE A 7 1.10 2.91 4.64
CA PHE A 7 1.85 4.09 4.23
C PHE A 7 2.98 3.55 3.37
N VAL A 8 3.21 4.14 2.20
CA VAL A 8 4.27 3.72 1.30
C VAL A 8 4.93 4.99 0.81
N GLY A 9 6.26 5.13 0.93
CA GLY A 9 6.98 6.32 0.47
C GLY A 9 8.21 5.97 -0.36
N SER A 10 8.87 7.02 -0.84
CA SER A 10 10.06 7.03 -1.70
C SER A 10 9.68 6.67 -3.16
N LEU A 11 8.40 6.77 -3.50
CA LEU A 11 7.87 6.45 -4.82
C LEU A 11 8.53 7.29 -5.92
N PRO A 12 8.75 6.72 -7.11
CA PRO A 12 9.36 7.41 -8.24
C PRO A 12 8.49 8.54 -8.78
N ARG A 13 9.08 9.47 -9.52
CA ARG A 13 8.33 10.58 -10.12
C ARG A 13 7.40 10.00 -11.18
N ASP A 14 7.84 9.00 -11.92
CA ASP A 14 7.04 8.35 -12.98
C ASP A 14 6.00 7.36 -12.44
N ILE A 15 5.73 7.37 -11.14
CA ILE A 15 4.75 6.48 -10.57
C ILE A 15 3.35 6.79 -11.13
N THR A 16 2.62 5.75 -11.50
CA THR A 16 1.27 5.78 -12.03
C THR A 16 0.44 4.78 -11.21
N ALA A 17 -0.88 5.03 -11.04
CA ALA A 17 -1.75 4.15 -10.25
C ALA A 17 -1.78 2.72 -10.78
N VAL A 18 -1.53 2.53 -12.07
CA VAL A 18 -1.51 1.19 -12.67
C VAL A 18 -0.36 0.39 -12.04
N GLU A 19 0.76 1.06 -11.75
CA GLU A 19 1.94 0.45 -11.14
C GLU A 19 1.61 0.10 -9.69
N LEU A 20 0.94 1.01 -8.97
CA LEU A 20 0.56 0.80 -7.58
C LEU A 20 -0.39 -0.40 -7.51
N GLN A 21 -1.41 -0.43 -8.38
CA GLN A 21 -2.37 -1.50 -8.44
C GLN A 21 -1.64 -2.80 -8.73
N ASN A 22 -0.62 -2.82 -9.59
CA ASN A 22 0.16 -4.01 -9.91
C ASN A 22 1.00 -4.47 -8.72
N HIS A 23 1.63 -3.54 -7.99
CA HIS A 23 2.46 -3.88 -6.85
C HIS A 23 1.64 -4.39 -5.66
N PHE A 24 0.44 -3.83 -5.46
CA PHE A 24 -0.46 -4.21 -4.38
C PHE A 24 -1.57 -5.13 -4.84
N LYS A 25 -1.55 -5.60 -6.08
CA LYS A 25 -2.55 -6.50 -6.66
C LYS A 25 -2.72 -7.75 -5.80
N ASN A 26 -1.59 -8.31 -5.35
CA ASN A 26 -1.55 -9.49 -4.52
C ASN A 26 -2.27 -9.30 -3.18
N SER A 27 -2.27 -8.08 -2.64
CA SER A 27 -2.92 -7.74 -1.37
C SER A 27 -4.34 -7.17 -1.60
N SER A 28 -4.61 -6.65 -2.81
CA SER A 28 -5.85 -6.06 -3.30
C SER A 28 -6.37 -4.92 -2.39
N PRO A 29 -5.81 -3.70 -2.50
CA PRO A 29 -6.22 -2.55 -1.71
C PRO A 29 -7.65 -2.13 -2.01
N ASP A 30 -8.23 -1.30 -1.16
CA ASP A 30 -9.59 -0.78 -1.31
C ASP A 30 -9.55 0.59 -1.97
N GLN A 31 -8.54 1.38 -1.60
CA GLN A 31 -8.32 2.73 -2.13
C GLN A 31 -6.85 2.87 -2.52
N ILE A 32 -6.57 3.73 -3.50
CA ILE A 32 -5.23 3.99 -4.01
C ILE A 32 -5.16 5.51 -4.25
N ARG A 33 -4.46 6.24 -3.38
CA ARG A 33 -4.28 7.69 -3.52
C ARG A 33 -2.77 7.95 -3.55
N LEU A 34 -2.25 8.24 -4.75
CA LEU A 34 -0.84 8.52 -4.98
C LEU A 34 -0.60 10.01 -4.75
N ARG A 35 0.35 10.38 -3.89
CA ARG A 35 0.73 11.75 -3.56
C ARG A 35 2.17 11.94 -4.03
N ALA A 36 2.33 12.17 -5.34
CA ALA A 36 3.62 12.39 -5.98
C ALA A 36 4.37 13.57 -5.38
N ASP A 37 3.63 14.49 -4.76
CA ASP A 37 4.12 15.71 -4.11
C ASP A 37 5.27 15.43 -3.15
N LYS A 38 5.22 14.27 -2.47
CA LYS A 38 6.23 13.84 -1.52
C LYS A 38 6.66 12.40 -1.80
N GLY A 39 6.33 11.85 -2.96
CA GLY A 39 6.68 10.50 -3.37
C GLY A 39 6.13 9.47 -2.38
N ILE A 40 4.85 9.57 -2.04
CA ILE A 40 4.16 8.68 -1.11
C ILE A 40 2.78 8.34 -1.65
N ALA A 41 2.11 7.40 -1.00
CA ALA A 41 0.78 6.96 -1.36
C ALA A 41 0.06 6.47 -0.11
N PHE A 42 -1.26 6.32 -0.19
CA PHE A 42 -2.11 5.84 0.89
C PHE A 42 -2.93 4.71 0.30
N LEU A 43 -2.93 3.55 0.94
CA LEU A 43 -3.64 2.35 0.53
C LEU A 43 -4.41 1.86 1.74
N GLU A 44 -5.73 2.06 1.72
CA GLU A 44 -6.64 1.66 2.79
C GLU A 44 -7.23 0.29 2.42
N PHE A 45 -7.57 -0.53 3.41
CA PHE A 45 -8.15 -1.86 3.17
C PHE A 45 -9.31 -2.03 4.16
N ASP A 46 -10.45 -2.54 3.72
CA ASP A 46 -11.62 -2.74 4.59
C ASP A 46 -11.48 -4.01 5.43
N ALA A 47 -11.28 -3.84 6.74
CA ALA A 47 -11.10 -4.91 7.72
C ALA A 47 -12.39 -5.66 8.03
N ASP A 48 -13.56 -5.04 7.86
CA ASP A 48 -14.84 -5.70 8.11
C ASP A 48 -15.12 -6.67 6.97
N LYS A 49 -14.57 -6.43 5.77
CA LYS A 49 -14.76 -7.26 4.60
C LYS A 49 -14.26 -8.67 4.84
N ASP A 50 -13.28 -8.87 5.72
CA ASP A 50 -12.73 -10.18 6.03
C ASP A 50 -11.97 -10.17 7.35
N ARG A 51 -12.65 -10.39 8.48
CA ARG A 51 -12.00 -10.40 9.80
C ARG A 51 -10.90 -11.45 9.90
N THR A 52 -10.95 -12.53 9.13
CA THR A 52 -9.97 -13.60 9.17
C THR A 52 -8.88 -13.46 8.10
N GLY A 53 -9.04 -12.59 7.11
CA GLY A 53 -8.09 -12.39 6.02
C GLY A 53 -7.50 -10.99 5.92
N ILE A 54 -8.02 -9.97 6.61
CA ILE A 54 -7.47 -8.62 6.53
C ILE A 54 -5.99 -8.61 6.94
N GLN A 55 -5.65 -9.43 7.93
CA GLN A 55 -4.30 -9.58 8.44
C GLN A 55 -3.42 -10.01 7.27
N ARG A 56 -3.71 -11.15 6.63
CA ARG A 56 -2.92 -11.65 5.51
C ARG A 56 -2.78 -10.59 4.42
N ARG A 57 -3.86 -9.89 4.08
CA ARG A 57 -3.84 -8.84 3.06
C ARG A 57 -2.78 -7.79 3.45
N MET A 58 -2.73 -7.40 4.73
CA MET A 58 -1.76 -6.44 5.23
C MET A 58 -0.37 -7.03 5.11
N ASP A 59 -0.17 -8.30 5.45
CA ASP A 59 1.10 -9.03 5.40
C ASP A 59 1.72 -8.98 4.01
N ILE A 60 0.88 -9.24 3.01
CA ILE A 60 1.24 -9.24 1.60
C ILE A 60 1.60 -7.81 1.21
N ALA A 61 0.93 -6.78 1.75
CA ALA A 61 1.26 -5.39 1.45
C ALA A 61 2.57 -5.02 2.16
N LEU A 62 2.81 -5.50 3.39
CA LEU A 62 4.01 -5.21 4.16
C LEU A 62 5.24 -5.84 3.52
N LEU A 63 5.07 -6.94 2.81
CA LEU A 63 6.15 -7.64 2.11
C LEU A 63 6.69 -6.79 0.96
N GLN A 64 6.04 -5.67 0.63
CA GLN A 64 6.48 -4.78 -0.44
C GLN A 64 7.52 -3.75 0.08
N HIS A 65 7.94 -3.82 1.34
CA HIS A 65 8.94 -2.94 1.91
C HIS A 65 10.26 -3.24 1.23
N GLY A 66 10.91 -2.17 0.78
CA GLY A 66 12.21 -2.22 0.11
C GLY A 66 12.18 -2.85 -1.28
N THR A 67 11.02 -3.16 -1.87
CA THR A 67 11.03 -3.73 -3.21
C THR A 67 11.47 -2.63 -4.20
N LEU A 68 12.18 -3.01 -5.25
CA LEU A 68 12.61 -2.06 -6.28
C LEU A 68 11.48 -2.03 -7.29
N LEU A 69 10.74 -0.94 -7.31
CA LEU A 69 9.62 -0.69 -8.21
C LEU A 69 10.08 0.38 -9.18
N LYS A 70 10.06 0.08 -10.47
CA LYS A 70 10.47 1.01 -11.53
C LYS A 70 11.89 1.54 -11.28
N GLU A 71 12.78 0.66 -10.78
CA GLU A 71 14.17 0.95 -10.49
C GLU A 71 14.34 2.01 -9.40
N LYS A 72 13.40 2.03 -8.45
CA LYS A 72 13.35 2.94 -7.32
C LYS A 72 12.88 2.15 -6.11
N LYS A 73 13.72 2.06 -5.08
CA LYS A 73 13.36 1.35 -3.87
C LYS A 73 12.38 2.22 -3.12
N ILE A 74 11.47 1.58 -2.41
CA ILE A 74 10.42 2.22 -1.63
C ILE A 74 10.32 1.61 -0.24
N ASN A 75 9.54 2.25 0.65
CA ASN A 75 9.34 1.82 2.03
C ASN A 75 7.86 1.56 2.31
N VAL A 76 7.55 0.67 3.25
CA VAL A 76 6.18 0.35 3.65
C VAL A 76 6.11 0.31 5.20
N GLU A 77 5.07 0.89 5.79
CA GLU A 77 4.79 0.95 7.22
C GLU A 77 3.27 1.02 7.42
N LEU A 78 2.77 0.73 8.63
CA LEU A 78 1.37 0.75 8.99
C LEU A 78 0.98 2.06 9.64
N THR A 79 -0.29 2.43 9.50
CA THR A 79 -0.88 3.63 10.07
C THR A 79 -2.31 3.31 10.51
N VAL A 80 -2.85 4.17 11.37
CA VAL A 80 -4.19 4.15 11.96
C VAL A 80 -4.60 2.76 12.48
N GLY A 81 -4.31 2.51 13.75
CA GLY A 81 -4.62 1.26 14.41
C GLY A 81 -3.52 0.98 15.41
N GLY A 82 -3.72 1.47 16.63
CA GLY A 82 -2.78 1.30 17.74
C GLY A 82 -2.66 -0.17 18.12
N GLY A 1 -12.70 2.77 12.68
CA GLY A 1 -13.85 2.16 12.01
C GLY A 1 -13.57 0.68 11.92
N ASN A 2 -13.63 0.13 10.71
CA ASN A 2 -13.36 -1.27 10.41
C ASN A 2 -12.43 -1.34 9.21
N ARG A 3 -11.38 -0.49 9.21
CA ARG A 3 -10.37 -0.44 8.17
C ARG A 3 -9.02 -0.07 8.80
N PHE A 4 -7.93 -0.29 8.06
CA PHE A 4 -6.54 0.02 8.42
C PHE A 4 -5.94 0.70 7.21
N ILE A 5 -4.77 1.35 7.36
CA ILE A 5 -4.11 2.04 6.27
C ILE A 5 -2.65 1.61 6.19
N VAL A 6 -2.19 1.39 4.97
CA VAL A 6 -0.84 1.01 4.61
C VAL A 6 -0.20 2.29 4.07
N PHE A 7 0.86 2.74 4.73
CA PHE A 7 1.62 3.92 4.38
C PHE A 7 2.73 3.44 3.45
N VAL A 8 2.95 4.13 2.33
CA VAL A 8 4.00 3.80 1.38
C VAL A 8 4.66 5.09 0.90
N GLY A 9 6.01 5.21 0.91
CA GLY A 9 6.69 6.42 0.42
C GLY A 9 7.96 6.08 -0.35
N SER A 10 8.66 7.12 -0.84
CA SER A 10 9.89 7.07 -1.64
C SER A 10 9.60 6.61 -3.08
N LEU A 11 8.37 6.83 -3.54
CA LEU A 11 7.95 6.41 -4.88
C LEU A 11 8.68 7.17 -5.98
N PRO A 12 8.88 6.52 -7.15
CA PRO A 12 9.55 7.10 -8.32
C PRO A 12 8.73 8.25 -8.92
N ARG A 13 9.33 9.01 -9.84
CA ARG A 13 8.62 10.11 -10.51
C ARG A 13 7.58 9.53 -11.44
N ASP A 14 7.97 8.53 -12.22
CA ASP A 14 7.14 7.83 -13.20
C ASP A 14 6.06 6.94 -12.59
N ILE A 15 5.89 6.94 -11.26
CA ILE A 15 4.89 6.14 -10.62
C ILE A 15 3.51 6.49 -11.21
N THR A 16 2.78 5.45 -11.60
CA THR A 16 1.46 5.53 -12.18
C THR A 16 0.55 4.58 -11.40
N ALA A 17 -0.76 4.86 -11.40
CA ALA A 17 -1.72 4.00 -10.71
C ALA A 17 -1.64 2.59 -11.24
N VAL A 18 -1.28 2.40 -12.51
CA VAL A 18 -1.17 1.08 -13.11
C VAL A 18 -0.15 0.25 -12.35
N GLU A 19 0.98 0.87 -12.02
CA GLU A 19 2.09 0.25 -11.31
C GLU A 19 1.64 -0.14 -9.91
N LEU A 20 0.93 0.75 -9.23
CA LEU A 20 0.43 0.55 -7.89
C LEU A 20 -0.63 -0.54 -7.85
N GLN A 21 -1.58 -0.52 -8.78
CA GLN A 21 -2.64 -1.51 -8.87
C GLN A 21 -1.98 -2.88 -8.98
N ASN A 22 -0.99 -3.00 -9.87
CA ASN A 22 -0.24 -4.21 -10.12
C ASN A 22 0.59 -4.67 -8.93
N HIS A 23 1.25 -3.75 -8.22
CA HIS A 23 2.09 -4.12 -7.07
C HIS A 23 1.30 -4.49 -5.81
N PHE A 24 0.05 -4.03 -5.68
CA PHE A 24 -0.78 -4.34 -4.51
C PHE A 24 -1.90 -5.33 -4.85
N LYS A 25 -1.96 -5.81 -6.09
CA LYS A 25 -2.92 -6.74 -6.64
C LYS A 25 -3.08 -8.01 -5.80
N ASN A 26 -2.01 -8.50 -5.16
CA ASN A 26 -2.08 -9.71 -4.35
C ASN A 26 -2.63 -9.39 -2.96
N SER A 27 -2.24 -8.24 -2.40
CA SER A 27 -2.69 -7.75 -1.09
C SER A 27 -4.17 -7.38 -1.15
N SER A 28 -4.72 -7.08 -2.33
CA SER A 28 -6.11 -6.73 -2.54
C SER A 28 -6.59 -5.56 -1.65
N PRO A 29 -6.07 -4.34 -1.87
CA PRO A 29 -6.47 -3.15 -1.13
C PRO A 29 -7.92 -2.80 -1.44
N ASP A 30 -8.44 -1.82 -0.72
CA ASP A 30 -9.79 -1.32 -0.89
C ASP A 30 -9.69 0.05 -1.59
N GLN A 31 -8.74 0.88 -1.15
CA GLN A 31 -8.49 2.23 -1.65
C GLN A 31 -7.05 2.32 -2.14
N ILE A 32 -6.79 3.23 -3.07
CA ILE A 32 -5.48 3.51 -3.68
C ILE A 32 -5.47 5.01 -3.98
N ARG A 33 -4.51 5.78 -3.45
CA ARG A 33 -4.35 7.20 -3.69
C ARG A 33 -2.85 7.53 -3.80
N LEU A 34 -2.38 7.73 -5.03
CA LEU A 34 -0.99 8.09 -5.33
C LEU A 34 -0.87 9.60 -5.08
N ARG A 35 0.09 10.03 -4.26
CA ARG A 35 0.35 11.43 -3.91
C ARG A 35 1.73 11.87 -4.37
N ALA A 36 1.83 12.33 -5.61
CA ALA A 36 3.07 12.80 -6.22
C ALA A 36 3.67 14.00 -5.44
N ASP A 37 2.84 14.70 -4.67
CA ASP A 37 3.23 15.86 -3.86
C ASP A 37 4.40 15.53 -2.92
N LYS A 38 4.47 14.28 -2.44
CA LYS A 38 5.51 13.81 -1.52
C LYS A 38 6.14 12.47 -1.91
N GLY A 39 5.77 11.85 -3.04
CA GLY A 39 6.36 10.58 -3.42
C GLY A 39 5.83 9.47 -2.52
N ILE A 40 4.54 9.49 -2.20
CA ILE A 40 3.83 8.55 -1.34
C ILE A 40 2.57 8.03 -2.02
N ALA A 41 1.94 7.02 -1.44
CA ALA A 41 0.73 6.36 -1.92
C ALA A 41 0.02 5.71 -0.72
N PHE A 42 -1.23 6.08 -0.44
CA PHE A 42 -1.96 5.51 0.68
C PHE A 42 -2.91 4.43 0.19
N LEU A 43 -3.20 3.45 1.03
CA LEU A 43 -4.09 2.36 0.71
C LEU A 43 -4.92 2.03 1.94
N GLU A 44 -6.23 1.92 1.80
CA GLU A 44 -7.14 1.59 2.89
C GLU A 44 -7.47 0.11 2.68
N PHE A 45 -7.74 -0.62 3.76
CA PHE A 45 -8.07 -2.04 3.72
C PHE A 45 -9.25 -2.29 4.65
N ASP A 46 -10.41 -2.59 4.08
CA ASP A 46 -11.66 -2.87 4.80
C ASP A 46 -11.55 -4.20 5.57
N ALA A 47 -11.48 -4.10 6.89
CA ALA A 47 -11.38 -5.19 7.86
C ALA A 47 -12.73 -5.84 8.14
N ASP A 48 -13.86 -5.23 7.77
CA ASP A 48 -15.17 -5.85 7.97
C ASP A 48 -15.35 -6.85 6.85
N LYS A 49 -14.91 -6.49 5.64
CA LYS A 49 -15.02 -7.37 4.48
C LYS A 49 -14.21 -8.63 4.77
N ASP A 50 -12.99 -8.49 5.27
CA ASP A 50 -12.10 -9.60 5.58
C ASP A 50 -11.83 -9.64 7.09
N ARG A 51 -12.81 -10.06 7.91
CA ARG A 51 -12.69 -10.13 9.38
C ARG A 51 -11.41 -10.81 9.86
N THR A 52 -10.93 -11.82 9.12
CA THR A 52 -9.73 -12.54 9.44
C THR A 52 -8.69 -12.46 8.31
N GLY A 53 -9.11 -12.12 7.08
CA GLY A 53 -8.20 -12.02 5.93
C GLY A 53 -7.45 -10.70 5.93
N ILE A 54 -7.90 -9.69 6.68
CA ILE A 54 -7.28 -8.37 6.78
C ILE A 54 -5.78 -8.48 7.08
N GLN A 55 -5.41 -9.42 7.95
CA GLN A 55 -4.06 -9.70 8.35
C GLN A 55 -3.24 -10.03 7.10
N ARG A 56 -3.60 -11.10 6.39
CA ARG A 56 -2.94 -11.55 5.17
C ARG A 56 -2.80 -10.39 4.19
N ARG A 57 -3.89 -9.68 3.92
CA ARG A 57 -3.90 -8.54 3.00
C ARG A 57 -2.82 -7.53 3.38
N MET A 58 -2.79 -7.09 4.64
CA MET A 58 -1.81 -6.13 5.13
C MET A 58 -0.40 -6.72 5.13
N ASP A 59 -0.24 -8.02 5.41
CA ASP A 59 1.04 -8.72 5.44
C ASP A 59 1.67 -8.67 4.06
N ILE A 60 0.87 -8.97 3.02
CA ILE A 60 1.32 -8.97 1.64
C ILE A 60 1.74 -7.54 1.27
N ALA A 61 1.04 -6.54 1.78
CA ALA A 61 1.37 -5.15 1.50
C ALA A 61 2.69 -4.80 2.21
N LEU A 62 2.86 -5.24 3.47
CA LEU A 62 4.05 -4.96 4.27
C LEU A 62 5.29 -5.61 3.65
N LEU A 63 5.11 -6.77 3.02
CA LEU A 63 6.19 -7.50 2.37
C LEU A 63 6.83 -6.74 1.21
N GLN A 64 6.19 -5.66 0.72
CA GLN A 64 6.73 -4.88 -0.38
C GLN A 64 7.70 -3.81 0.10
N HIS A 65 8.01 -3.74 1.40
CA HIS A 65 8.92 -2.78 1.96
C HIS A 65 10.30 -2.96 1.33
N GLY A 66 10.75 -1.97 0.57
CA GLY A 66 12.03 -1.97 -0.10
C GLY A 66 12.03 -2.44 -1.55
N THR A 67 10.86 -2.58 -2.20
CA THR A 67 10.83 -3.00 -3.59
C THR A 67 11.39 -1.88 -4.49
N LEU A 68 12.01 -2.26 -5.60
CA LEU A 68 12.56 -1.34 -6.58
C LEU A 68 11.51 -1.19 -7.66
N LEU A 69 10.87 -0.03 -7.66
CA LEU A 69 9.82 0.38 -8.59
C LEU A 69 10.45 1.45 -9.45
N LYS A 70 10.48 1.30 -10.78
CA LYS A 70 11.08 2.25 -11.72
C LYS A 70 12.48 2.70 -11.23
N GLU A 71 13.25 1.75 -10.70
CA GLU A 71 14.61 1.90 -10.16
C GLU A 71 14.68 2.73 -8.87
N LYS A 72 13.58 2.89 -8.14
CA LYS A 72 13.49 3.65 -6.89
C LYS A 72 13.04 2.71 -5.79
N LYS A 73 13.81 2.64 -4.71
CA LYS A 73 13.50 1.78 -3.59
C LYS A 73 12.49 2.47 -2.70
N ILE A 74 11.29 1.92 -2.64
CA ILE A 74 10.18 2.45 -1.85
C ILE A 74 10.22 1.88 -0.43
N ASN A 75 9.38 2.41 0.46
CA ASN A 75 9.24 1.98 1.85
C ASN A 75 7.77 1.79 2.17
N VAL A 76 7.45 0.89 3.10
CA VAL A 76 6.10 0.59 3.55
C VAL A 76 6.10 0.55 5.09
N GLU A 77 5.02 0.99 5.73
CA GLU A 77 4.81 0.99 7.19
C GLU A 77 3.30 0.95 7.47
N LEU A 78 2.89 0.55 8.67
CA LEU A 78 1.49 0.48 9.07
C LEU A 78 1.09 1.83 9.65
N THR A 79 -0.19 2.16 9.53
CA THR A 79 -0.74 3.41 10.04
C THR A 79 -2.14 3.15 10.55
N VAL A 80 -2.48 3.77 11.69
CA VAL A 80 -3.77 3.69 12.36
C VAL A 80 -4.22 2.24 12.55
N GLY A 81 -3.77 1.62 13.63
CA GLY A 81 -4.16 0.24 13.91
C GLY A 81 -3.22 -0.43 14.89
N GLY A 82 -3.42 -0.14 16.18
CA GLY A 82 -2.67 -0.71 17.28
C GLY A 82 -3.49 -1.91 17.73
N GLY A 1 -10.61 2.15 13.48
CA GLY A 1 -11.85 1.47 13.09
C GLY A 1 -11.56 0.26 12.22
N ASN A 2 -12.61 -0.42 11.74
CA ASN A 2 -12.54 -1.60 10.89
C ASN A 2 -11.83 -1.44 9.54
N ARG A 3 -11.22 -0.30 9.22
CA ARG A 3 -10.52 -0.11 7.97
C ARG A 3 -9.16 0.44 8.31
N PHE A 4 -8.15 -0.34 8.00
CA PHE A 4 -6.76 0.00 8.26
C PHE A 4 -6.14 0.53 6.97
N ILE A 5 -4.97 1.17 7.09
CA ILE A 5 -4.24 1.78 6.00
C ILE A 5 -2.75 1.43 6.07
N VAL A 6 -2.11 1.36 4.91
CA VAL A 6 -0.71 1.07 4.70
C VAL A 6 -0.13 2.31 4.01
N PHE A 7 1.03 2.76 4.49
CA PHE A 7 1.77 3.90 3.98
C PHE A 7 2.91 3.41 3.11
N VAL A 8 3.20 4.12 2.02
CA VAL A 8 4.30 3.77 1.13
C VAL A 8 4.97 5.08 0.76
N GLY A 9 6.31 5.19 0.80
CA GLY A 9 7.02 6.43 0.43
C GLY A 9 8.18 6.13 -0.52
N SER A 10 8.90 7.18 -0.92
CA SER A 10 10.04 7.16 -1.84
C SER A 10 9.64 6.77 -3.26
N LEU A 11 8.34 6.81 -3.57
CA LEU A 11 7.78 6.45 -4.87
C LEU A 11 8.46 7.17 -6.03
N PRO A 12 8.55 6.51 -7.20
CA PRO A 12 9.16 7.07 -8.40
C PRO A 12 8.43 8.34 -8.82
N ARG A 13 9.14 9.23 -9.52
CA ARG A 13 8.53 10.48 -9.96
C ARG A 13 7.49 10.22 -11.04
N ASP A 14 7.79 9.26 -11.92
CA ASP A 14 6.92 8.87 -13.03
C ASP A 14 5.99 7.71 -12.64
N ILE A 15 5.69 7.57 -11.35
CA ILE A 15 4.81 6.55 -10.80
C ILE A 15 3.43 6.58 -11.51
N THR A 16 2.86 5.42 -11.79
CA THR A 16 1.57 5.28 -12.45
C THR A 16 0.68 4.42 -11.57
N ALA A 17 -0.64 4.67 -11.59
CA ALA A 17 -1.59 3.92 -10.78
C ALA A 17 -1.57 2.43 -11.15
N VAL A 18 -1.27 2.09 -12.41
CA VAL A 18 -1.22 0.69 -12.82
C VAL A 18 -0.15 -0.05 -12.03
N GLU A 19 0.97 0.61 -11.74
CA GLU A 19 2.06 0.01 -10.99
C GLU A 19 1.61 -0.20 -9.56
N LEU A 20 0.97 0.81 -8.98
CA LEU A 20 0.48 0.75 -7.62
C LEU A 20 -0.52 -0.38 -7.44
N GLN A 21 -1.57 -0.42 -8.26
CA GLN A 21 -2.58 -1.45 -8.17
C GLN A 21 -1.93 -2.81 -8.38
N ASN A 22 -1.00 -2.93 -9.35
CA ASN A 22 -0.34 -4.20 -9.62
C ASN A 22 0.60 -4.64 -8.48
N HIS A 23 1.35 -3.74 -7.85
CA HIS A 23 2.25 -4.15 -6.78
C HIS A 23 1.52 -4.66 -5.54
N PHE A 24 0.26 -4.25 -5.36
CA PHE A 24 -0.56 -4.67 -4.22
C PHE A 24 -1.72 -5.57 -4.67
N LYS A 25 -1.78 -5.97 -5.95
CA LYS A 25 -2.84 -6.81 -6.53
C LYS A 25 -3.06 -8.08 -5.73
N ASN A 26 -1.99 -8.75 -5.27
CA ASN A 26 -2.08 -9.97 -4.46
C ASN A 26 -2.91 -9.68 -3.20
N SER A 27 -2.48 -8.66 -2.44
CA SER A 27 -3.13 -8.22 -1.22
C SER A 27 -4.54 -7.64 -1.47
N SER A 28 -4.82 -7.19 -2.69
CA SER A 28 -6.08 -6.60 -3.13
C SER A 28 -6.56 -5.46 -2.19
N PRO A 29 -5.97 -4.25 -2.31
CA PRO A 29 -6.34 -3.10 -1.50
C PRO A 29 -7.74 -2.61 -1.88
N ASP A 30 -8.30 -1.73 -1.06
CA ASP A 30 -9.61 -1.15 -1.26
C ASP A 30 -9.49 0.19 -1.98
N GLN A 31 -8.38 0.91 -1.74
CA GLN A 31 -8.10 2.19 -2.38
C GLN A 31 -6.59 2.33 -2.60
N ILE A 32 -6.22 3.24 -3.50
CA ILE A 32 -4.84 3.57 -3.89
C ILE A 32 -4.85 5.09 -4.02
N ARG A 33 -4.23 5.81 -3.09
CA ARG A 33 -4.18 7.27 -3.11
C ARG A 33 -2.71 7.68 -3.22
N LEU A 34 -2.29 8.11 -4.41
CA LEU A 34 -0.92 8.51 -4.73
C LEU A 34 -0.75 10.02 -4.54
N ARG A 35 0.23 10.43 -3.72
CA ARG A 35 0.57 11.83 -3.42
C ARG A 35 2.01 12.06 -3.88
N ALA A 36 2.20 12.30 -5.19
CA ALA A 36 3.50 12.56 -5.80
C ALA A 36 4.13 13.84 -5.23
N ASP A 37 3.33 14.70 -4.58
CA ASP A 37 3.72 15.96 -3.94
C ASP A 37 4.90 15.71 -3.00
N LYS A 38 4.94 14.52 -2.38
CA LYS A 38 5.98 14.05 -1.46
C LYS A 38 6.55 12.70 -1.90
N GLY A 39 5.95 12.03 -2.89
CA GLY A 39 6.39 10.73 -3.38
C GLY A 39 5.95 9.64 -2.41
N ILE A 40 4.77 9.80 -1.83
CA ILE A 40 4.18 8.89 -0.87
C ILE A 40 2.80 8.47 -1.38
N ALA A 41 2.21 7.45 -0.76
CA ALA A 41 0.90 6.94 -1.11
C ALA A 41 0.28 6.27 0.12
N PHE A 42 -1.01 6.01 0.02
CA PHE A 42 -1.83 5.39 1.04
C PHE A 42 -2.72 4.34 0.38
N LEU A 43 -2.90 3.21 1.05
CA LEU A 43 -3.72 2.10 0.58
C LEU A 43 -4.57 1.66 1.74
N GLU A 44 -5.88 1.65 1.57
CA GLU A 44 -6.81 1.25 2.62
C GLU A 44 -7.24 -0.20 2.40
N PHE A 45 -7.68 -0.88 3.45
CA PHE A 45 -8.13 -2.25 3.42
C PHE A 45 -9.25 -2.39 4.46
N ASP A 46 -10.46 -2.77 4.03
CA ASP A 46 -11.60 -2.92 4.94
C ASP A 46 -11.56 -4.31 5.58
N ALA A 47 -11.45 -4.36 6.90
CA ALA A 47 -11.42 -5.56 7.72
C ALA A 47 -12.78 -6.23 7.77
N ASP A 48 -13.87 -5.50 7.56
CA ASP A 48 -15.21 -6.07 7.55
C ASP A 48 -15.34 -6.93 6.30
N LYS A 49 -14.53 -6.63 5.27
CA LYS A 49 -14.56 -7.39 4.02
C LYS A 49 -14.17 -8.85 4.29
N ASP A 50 -13.28 -9.16 5.25
CA ASP A 50 -12.86 -10.52 5.63
C ASP A 50 -12.10 -10.43 6.95
N ARG A 51 -12.76 -10.77 8.06
CA ARG A 51 -12.22 -10.73 9.42
C ARG A 51 -10.91 -11.47 9.64
N THR A 52 -10.55 -12.44 8.81
CA THR A 52 -9.29 -13.17 9.00
C THR A 52 -8.39 -13.03 7.77
N GLY A 53 -8.96 -12.67 6.62
CA GLY A 53 -8.22 -12.47 5.38
C GLY A 53 -7.52 -11.13 5.38
N ILE A 54 -8.08 -10.12 6.06
CA ILE A 54 -7.51 -8.78 6.19
C ILE A 54 -6.06 -8.86 6.69
N GLN A 55 -5.79 -9.80 7.60
CA GLN A 55 -4.47 -10.04 8.16
C GLN A 55 -3.49 -10.29 7.01
N ARG A 56 -3.77 -11.31 6.18
CA ARG A 56 -2.93 -11.66 5.04
C ARG A 56 -2.74 -10.45 4.13
N ARG A 57 -3.79 -9.65 3.89
CA ARG A 57 -3.68 -8.47 3.05
C ARG A 57 -2.62 -7.52 3.61
N MET A 58 -2.69 -7.20 4.90
CA MET A 58 -1.72 -6.31 5.55
C MET A 58 -0.31 -6.90 5.43
N ASP A 59 -0.15 -8.19 5.70
CA ASP A 59 1.15 -8.86 5.65
C ASP A 59 1.75 -8.75 4.24
N ILE A 60 0.99 -9.17 3.22
CA ILE A 60 1.39 -9.16 1.82
C ILE A 60 1.71 -7.72 1.40
N ALA A 61 0.98 -6.74 1.90
CA ALA A 61 1.22 -5.34 1.60
C ALA A 61 2.55 -4.89 2.23
N LEU A 62 2.79 -5.27 3.50
CA LEU A 62 4.01 -4.89 4.23
C LEU A 62 5.23 -5.53 3.57
N LEU A 63 5.07 -6.74 3.04
CA LEU A 63 6.11 -7.52 2.36
C LEU A 63 6.64 -6.86 1.09
N GLN A 64 6.11 -5.70 0.69
CA GLN A 64 6.56 -4.94 -0.47
C GLN A 64 7.58 -3.86 -0.04
N HIS A 65 7.98 -3.79 1.23
CA HIS A 65 8.94 -2.86 1.78
C HIS A 65 10.31 -3.13 1.19
N GLY A 66 10.96 -2.04 0.81
CA GLY A 66 12.30 -2.00 0.22
C GLY A 66 12.37 -2.61 -1.17
N THR A 67 11.23 -2.81 -1.84
CA THR A 67 11.24 -3.37 -3.19
C THR A 67 11.61 -2.25 -4.16
N LEU A 68 12.15 -2.63 -5.32
CA LEU A 68 12.56 -1.71 -6.36
C LEU A 68 11.44 -1.58 -7.36
N LEU A 69 10.79 -0.42 -7.34
CA LEU A 69 9.68 -0.07 -8.21
C LEU A 69 10.18 1.02 -9.12
N LYS A 70 10.25 0.77 -10.43
CA LYS A 70 10.73 1.74 -11.44
C LYS A 70 12.07 2.34 -11.02
N GLU A 71 13.01 1.45 -10.74
CA GLU A 71 14.38 1.71 -10.31
C GLU A 71 14.50 2.60 -9.05
N LYS A 72 13.44 2.69 -8.24
CA LYS A 72 13.37 3.47 -7.00
C LYS A 72 12.98 2.51 -5.88
N LYS A 73 13.82 2.44 -4.84
CA LYS A 73 13.59 1.58 -3.70
C LYS A 73 12.66 2.30 -2.75
N ILE A 74 11.42 1.86 -2.74
CA ILE A 74 10.37 2.43 -1.91
C ILE A 74 10.34 1.77 -0.54
N ASN A 75 9.57 2.35 0.37
CA ASN A 75 9.39 1.90 1.75
C ASN A 75 7.91 1.68 2.04
N VAL A 76 7.57 0.80 2.98
CA VAL A 76 6.20 0.51 3.41
C VAL A 76 6.19 0.53 4.93
N GLU A 77 5.12 1.04 5.55
CA GLU A 77 4.92 1.17 6.99
C GLU A 77 3.42 1.32 7.31
N LEU A 78 3.06 1.34 8.61
CA LEU A 78 1.68 1.45 9.07
C LEU A 78 1.27 2.90 9.30
N THR A 79 -0.02 3.20 9.10
CA THR A 79 -0.59 4.52 9.33
C THR A 79 -2.05 4.30 9.72
N VAL A 80 -2.61 5.19 10.53
CA VAL A 80 -3.99 5.18 11.02
C VAL A 80 -4.29 3.97 11.92
N GLY A 81 -4.30 2.78 11.34
CA GLY A 81 -4.58 1.50 11.97
C GLY A 81 -3.53 0.99 12.95
N GLY A 82 -2.32 1.54 12.91
CA GLY A 82 -1.22 1.16 13.77
C GLY A 82 -0.48 2.43 14.07
N GLY A 1 -10.44 1.92 13.82
CA GLY A 1 -11.60 1.03 13.77
C GLY A 1 -11.39 0.00 12.69
N ASN A 2 -12.46 -0.38 11.99
CA ASN A 2 -12.41 -1.38 10.92
C ASN A 2 -11.64 -0.98 9.66
N ARG A 3 -11.14 0.25 9.59
CA ARG A 3 -10.45 0.75 8.41
C ARG A 3 -9.02 1.17 8.73
N PHE A 4 -8.08 0.34 8.28
CA PHE A 4 -6.64 0.46 8.46
C PHE A 4 -6.00 1.05 7.19
N ILE A 5 -4.80 1.61 7.31
CA ILE A 5 -4.06 2.23 6.21
C ILE A 5 -2.58 1.79 6.22
N VAL A 6 -1.97 1.72 5.04
CA VAL A 6 -0.56 1.37 4.85
C VAL A 6 0.14 2.60 4.26
N PHE A 7 1.26 2.99 4.88
CA PHE A 7 2.08 4.12 4.50
C PHE A 7 3.08 3.61 3.49
N VAL A 8 3.26 4.29 2.37
CA VAL A 8 4.23 3.88 1.37
C VAL A 8 4.91 5.16 0.88
N GLY A 9 6.25 5.22 0.86
CA GLY A 9 6.99 6.38 0.40
C GLY A 9 8.21 5.98 -0.43
N SER A 10 9.03 6.97 -0.83
CA SER A 10 10.22 6.82 -1.66
C SER A 10 9.84 6.44 -3.11
N LEU A 11 8.57 6.60 -3.50
CA LEU A 11 8.04 6.27 -4.82
C LEU A 11 8.73 7.10 -5.92
N PRO A 12 8.83 6.57 -7.15
CA PRO A 12 9.45 7.27 -8.27
C PRO A 12 8.57 8.47 -8.67
N ARG A 13 9.17 9.46 -9.34
CA ARG A 13 8.44 10.63 -9.79
C ARG A 13 7.46 10.29 -10.90
N ASP A 14 7.85 9.36 -11.78
CA ASP A 14 7.03 8.93 -12.91
C ASP A 14 6.08 7.77 -12.57
N ILE A 15 5.88 7.51 -11.27
CA ILE A 15 4.99 6.47 -10.77
C ILE A 15 3.60 6.53 -11.42
N THR A 16 2.99 5.39 -11.74
CA THR A 16 1.66 5.36 -12.33
C THR A 16 0.77 4.40 -11.53
N ALA A 17 -0.54 4.70 -11.44
CA ALA A 17 -1.48 3.89 -10.69
C ALA A 17 -1.54 2.45 -11.21
N VAL A 18 -1.24 2.21 -12.49
CA VAL A 18 -1.25 0.87 -13.04
C VAL A 18 -0.19 0.03 -12.32
N GLU A 19 0.95 0.63 -11.97
CA GLU A 19 2.05 -0.05 -11.28
C GLU A 19 1.66 -0.29 -9.83
N LEU A 20 1.03 0.71 -9.19
CA LEU A 20 0.60 0.60 -7.81
C LEU A 20 -0.44 -0.52 -7.69
N GLN A 21 -1.45 -0.51 -8.56
CA GLN A 21 -2.49 -1.52 -8.58
C GLN A 21 -1.82 -2.88 -8.79
N ASN A 22 -0.91 -2.96 -9.75
CA ASN A 22 -0.19 -4.18 -10.08
C ASN A 22 0.57 -4.79 -8.90
N HIS A 23 1.32 -4.02 -8.12
CA HIS A 23 2.06 -4.58 -6.99
C HIS A 23 1.10 -5.09 -5.93
N PHE A 24 0.21 -4.21 -5.44
CA PHE A 24 -0.78 -4.57 -4.41
C PHE A 24 -1.92 -5.47 -4.90
N LYS A 25 -1.92 -5.92 -6.16
CA LYS A 25 -2.94 -6.77 -6.74
C LYS A 25 -3.20 -8.05 -5.94
N ASN A 26 -2.17 -8.58 -5.26
CA ASN A 26 -2.27 -9.79 -4.45
C ASN A 26 -2.71 -9.50 -3.00
N SER A 27 -2.78 -8.23 -2.61
CA SER A 27 -3.20 -7.74 -1.29
C SER A 27 -4.55 -7.00 -1.37
N SER A 28 -5.05 -6.71 -2.58
CA SER A 28 -6.33 -6.04 -2.86
C SER A 28 -6.69 -4.87 -1.91
N PRO A 29 -6.09 -3.69 -2.12
CA PRO A 29 -6.38 -2.50 -1.31
C PRO A 29 -7.82 -2.04 -1.56
N ASP A 30 -8.32 -1.20 -0.67
CA ASP A 30 -9.67 -0.66 -0.74
C ASP A 30 -9.63 0.63 -1.54
N GLN A 31 -8.62 1.46 -1.31
CA GLN A 31 -8.44 2.73 -2.00
C GLN A 31 -6.95 2.98 -2.25
N ILE A 32 -6.65 3.80 -3.25
CA ILE A 32 -5.33 4.17 -3.71
C ILE A 32 -5.30 5.68 -3.99
N ARG A 33 -4.38 6.43 -3.35
CA ARG A 33 -4.17 7.87 -3.47
C ARG A 33 -2.67 8.10 -3.60
N LEU A 34 -2.19 8.41 -4.81
CA LEU A 34 -0.77 8.63 -5.08
C LEU A 34 -0.49 10.12 -4.88
N ARG A 35 0.43 10.46 -3.99
CA ARG A 35 0.83 11.83 -3.65
C ARG A 35 2.30 11.97 -4.05
N ALA A 36 2.55 12.07 -5.36
CA ALA A 36 3.87 12.21 -5.97
C ALA A 36 4.65 13.37 -5.38
N ASP A 37 3.94 14.39 -4.88
CA ASP A 37 4.45 15.61 -4.26
C ASP A 37 5.47 15.36 -3.15
N LYS A 38 5.40 14.18 -2.51
CA LYS A 38 6.32 13.73 -1.46
C LYS A 38 6.77 12.29 -1.74
N GLY A 39 6.48 11.76 -2.94
CA GLY A 39 6.82 10.41 -3.35
C GLY A 39 6.21 9.40 -2.40
N ILE A 40 4.93 9.59 -2.02
CA ILE A 40 4.21 8.73 -1.09
C ILE A 40 2.83 8.39 -1.64
N ALA A 41 2.17 7.46 -0.97
CA ALA A 41 0.85 6.96 -1.28
C ALA A 41 0.16 6.55 0.02
N PHE A 42 -1.16 6.35 -0.04
CA PHE A 42 -2.00 5.95 1.09
C PHE A 42 -2.92 4.86 0.57
N LEU A 43 -2.80 3.65 1.12
CA LEU A 43 -3.61 2.51 0.71
C LEU A 43 -4.49 2.16 1.90
N GLU A 44 -5.80 2.31 1.74
CA GLU A 44 -6.78 2.00 2.77
C GLU A 44 -7.16 0.52 2.61
N PHE A 45 -7.58 -0.14 3.69
CA PHE A 45 -7.98 -1.53 3.71
C PHE A 45 -9.12 -1.66 4.74
N ASP A 46 -10.20 -2.35 4.37
CA ASP A 46 -11.39 -2.56 5.20
C ASP A 46 -11.42 -3.96 5.84
N ALA A 47 -11.19 -4.03 7.14
CA ALA A 47 -11.19 -5.26 7.92
C ALA A 47 -12.58 -5.88 8.02
N ASP A 48 -13.63 -5.10 7.84
CA ASP A 48 -15.00 -5.59 7.89
C ASP A 48 -15.31 -6.33 6.60
N LYS A 49 -14.60 -6.02 5.50
CA LYS A 49 -14.78 -6.65 4.21
C LYS A 49 -14.35 -8.12 4.27
N ASP A 50 -13.33 -8.45 5.06
CA ASP A 50 -12.83 -9.81 5.20
C ASP A 50 -12.08 -10.01 6.52
N ARG A 51 -12.81 -10.43 7.57
CA ARG A 51 -12.31 -10.67 8.93
C ARG A 51 -11.06 -11.51 9.04
N THR A 52 -10.87 -12.49 8.16
CA THR A 52 -9.71 -13.37 8.21
C THR A 52 -8.70 -13.10 7.09
N GLY A 53 -9.09 -12.40 6.03
CA GLY A 53 -8.22 -12.10 4.93
C GLY A 53 -7.57 -10.73 5.03
N ILE A 54 -8.10 -9.81 5.83
CA ILE A 54 -7.50 -8.48 6.00
C ILE A 54 -6.05 -8.65 6.47
N GLN A 55 -5.82 -9.68 7.29
CA GLN A 55 -4.55 -10.07 7.84
C GLN A 55 -3.62 -10.45 6.68
N ARG A 56 -3.98 -11.47 5.88
CA ARG A 56 -3.19 -11.92 4.72
C ARG A 56 -2.92 -10.75 3.78
N ARG A 57 -3.90 -9.86 3.58
CA ARG A 57 -3.74 -8.70 2.72
C ARG A 57 -2.65 -7.81 3.31
N MET A 58 -2.69 -7.53 4.63
CA MET A 58 -1.71 -6.71 5.32
C MET A 58 -0.33 -7.37 5.25
N ASP A 59 -0.24 -8.69 5.45
CA ASP A 59 1.01 -9.45 5.41
C ASP A 59 1.69 -9.23 4.06
N ILE A 60 0.93 -9.41 2.98
CA ILE A 60 1.38 -9.26 1.59
C ILE A 60 1.71 -7.81 1.29
N ALA A 61 1.04 -6.85 1.92
CA ALA A 61 1.30 -5.44 1.72
C ALA A 61 2.61 -5.09 2.44
N LEU A 62 2.80 -5.56 3.67
CA LEU A 62 3.99 -5.29 4.49
C LEU A 62 5.25 -5.86 3.87
N LEU A 63 5.13 -6.94 3.10
CA LEU A 63 6.27 -7.57 2.45
C LEU A 63 6.78 -6.75 1.26
N GLN A 64 6.14 -5.62 0.94
CA GLN A 64 6.59 -4.80 -0.18
C GLN A 64 7.71 -3.84 0.29
N HIS A 65 8.01 -3.77 1.60
CA HIS A 65 9.07 -2.93 2.14
C HIS A 65 10.41 -3.43 1.63
N GLY A 66 11.06 -2.63 0.79
CA GLY A 66 12.36 -2.94 0.19
C GLY A 66 12.26 -3.28 -1.31
N THR A 67 11.05 -3.44 -1.86
CA THR A 67 10.87 -3.71 -3.28
C THR A 67 11.33 -2.49 -4.08
N LEU A 68 11.84 -2.73 -5.28
CA LEU A 68 12.30 -1.72 -6.21
C LEU A 68 11.14 -1.52 -7.17
N LEU A 69 10.48 -0.38 -7.06
CA LEU A 69 9.35 0.00 -7.87
C LEU A 69 9.87 0.99 -8.89
N LYS A 70 9.91 0.59 -10.15
CA LYS A 70 10.41 1.41 -11.27
C LYS A 70 11.78 2.03 -10.94
N GLU A 71 12.68 1.14 -10.50
CA GLU A 71 14.06 1.38 -10.11
C GLU A 71 14.23 2.41 -8.97
N LYS A 72 13.31 2.36 -7.99
CA LYS A 72 13.28 3.20 -6.80
C LYS A 72 12.93 2.29 -5.64
N LYS A 73 13.84 2.17 -4.66
CA LYS A 73 13.58 1.30 -3.51
C LYS A 73 12.63 2.04 -2.57
N ILE A 74 11.37 1.63 -2.54
CA ILE A 74 10.32 2.22 -1.71
C ILE A 74 10.36 1.75 -0.25
N ASN A 75 9.54 2.36 0.61
CA ASN A 75 9.36 2.03 2.01
C ASN A 75 7.88 1.73 2.22
N VAL A 76 7.54 0.86 3.17
CA VAL A 76 6.17 0.47 3.50
C VAL A 76 6.12 0.38 5.03
N GLU A 77 5.25 1.15 5.68
CA GLU A 77 5.08 1.19 7.13
C GLU A 77 3.59 1.25 7.51
N LEU A 78 3.30 1.21 8.81
CA LEU A 78 1.95 1.25 9.37
C LEU A 78 1.36 2.66 9.44
N THR A 79 0.02 2.77 9.39
CA THR A 79 -0.69 4.03 9.49
C THR A 79 -2.03 3.74 10.17
N VAL A 80 -2.37 4.51 11.21
CA VAL A 80 -3.62 4.36 11.96
C VAL A 80 -3.73 2.92 12.54
N GLY A 81 -4.92 2.51 12.99
CA GLY A 81 -5.18 1.19 13.54
C GLY A 81 -5.27 1.26 15.04
N GLY A 82 -6.45 1.61 15.54
CA GLY A 82 -6.83 1.75 16.93
C GLY A 82 -8.32 2.00 16.95
N GLY A 1 -9.67 0.17 14.24
CA GLY A 1 -11.08 0.11 13.84
C GLY A 1 -11.25 -0.88 12.70
N ASN A 2 -12.14 -0.63 11.73
CA ASN A 2 -12.36 -1.53 10.59
C ASN A 2 -11.67 -1.12 9.30
N ARG A 3 -11.16 0.10 9.21
CA ARG A 3 -10.50 0.58 8.00
C ARG A 3 -9.08 0.97 8.37
N PHE A 4 -8.14 0.20 7.84
CA PHE A 4 -6.72 0.35 8.03
C PHE A 4 -6.11 0.99 6.78
N ILE A 5 -4.91 1.55 6.91
CA ILE A 5 -4.15 2.21 5.87
C ILE A 5 -2.71 1.71 5.96
N VAL A 6 -2.04 1.67 4.82
CA VAL A 6 -0.66 1.27 4.64
C VAL A 6 0.04 2.49 4.06
N PHE A 7 1.10 2.93 4.74
CA PHE A 7 1.91 4.06 4.33
C PHE A 7 2.89 3.50 3.32
N VAL A 8 3.05 4.16 2.17
CA VAL A 8 4.01 3.71 1.16
C VAL A 8 4.72 4.97 0.68
N GLY A 9 6.06 5.06 0.77
CA GLY A 9 6.80 6.25 0.32
C GLY A 9 8.05 5.91 -0.47
N SER A 10 8.76 6.96 -0.90
CA SER A 10 9.97 6.92 -1.73
C SER A 10 9.66 6.51 -3.18
N LEU A 11 8.39 6.64 -3.58
CA LEU A 11 7.92 6.27 -4.91
C LEU A 11 8.61 7.13 -5.98
N PRO A 12 8.82 6.57 -7.18
CA PRO A 12 9.44 7.26 -8.30
C PRO A 12 8.55 8.37 -8.81
N ARG A 13 9.11 9.43 -9.38
CA ARG A 13 8.30 10.53 -9.91
C ARG A 13 7.42 10.07 -11.07
N ASP A 14 7.86 9.07 -11.85
CA ASP A 14 7.13 8.55 -13.00
C ASP A 14 6.16 7.40 -12.67
N ILE A 15 5.90 7.15 -11.39
CA ILE A 15 4.99 6.11 -10.90
C ILE A 15 3.60 6.28 -11.54
N THR A 16 2.87 5.20 -11.77
CA THR A 16 1.54 5.22 -12.35
C THR A 16 0.55 4.43 -11.49
N ALA A 17 -0.74 4.75 -11.62
CA ALA A 17 -1.79 4.06 -10.89
C ALA A 17 -1.85 2.59 -11.31
N VAL A 18 -1.53 2.30 -12.58
CA VAL A 18 -1.55 0.92 -13.07
C VAL A 18 -0.51 0.10 -12.33
N GLU A 19 0.69 0.64 -12.14
CA GLU A 19 1.76 -0.06 -11.45
C GLU A 19 1.45 -0.16 -9.97
N LEU A 20 0.82 0.86 -9.38
CA LEU A 20 0.47 0.81 -7.97
C LEU A 20 -0.52 -0.31 -7.76
N GLN A 21 -1.54 -0.39 -8.62
CA GLN A 21 -2.53 -1.45 -8.51
C GLN A 21 -1.79 -2.78 -8.62
N ASN A 22 -0.95 -2.94 -9.63
CA ASN A 22 -0.20 -4.18 -9.86
C ASN A 22 0.64 -4.61 -8.66
N HIS A 23 1.36 -3.70 -8.00
CA HIS A 23 2.20 -4.06 -6.85
C HIS A 23 1.42 -4.52 -5.63
N PHE A 24 0.19 -4.03 -5.42
CA PHE A 24 -0.64 -4.40 -4.27
C PHE A 24 -1.88 -5.21 -4.68
N LYS A 25 -2.00 -5.59 -5.94
CA LYS A 25 -3.12 -6.36 -6.50
C LYS A 25 -3.33 -7.64 -5.70
N ASN A 26 -2.25 -8.35 -5.36
CA ASN A 26 -2.30 -9.59 -4.60
C ASN A 26 -2.92 -9.37 -3.20
N SER A 27 -2.66 -8.21 -2.59
CA SER A 27 -3.18 -7.81 -1.27
C SER A 27 -4.57 -7.17 -1.39
N SER A 28 -4.98 -6.75 -2.58
CA SER A 28 -6.28 -6.15 -2.90
C SER A 28 -6.68 -4.90 -2.05
N PRO A 29 -6.07 -3.73 -2.25
CA PRO A 29 -6.41 -2.51 -1.53
C PRO A 29 -7.80 -2.02 -1.94
N ASP A 30 -8.40 -1.17 -1.13
CA ASP A 30 -9.72 -0.58 -1.32
C ASP A 30 -9.57 0.71 -2.09
N GLN A 31 -8.60 1.53 -1.66
CA GLN A 31 -8.34 2.83 -2.25
C GLN A 31 -6.87 3.03 -2.55
N ILE A 32 -6.58 3.93 -3.50
CA ILE A 32 -5.24 4.28 -3.95
C ILE A 32 -5.25 5.76 -4.34
N ARG A 33 -4.37 6.55 -3.72
CA ARG A 33 -4.15 7.97 -3.91
C ARG A 33 -2.64 8.20 -3.93
N LEU A 34 -2.06 8.45 -5.11
CA LEU A 34 -0.62 8.67 -5.28
C LEU A 34 -0.30 10.15 -5.22
N ARG A 35 0.40 10.59 -4.17
CA ARG A 35 0.82 11.98 -4.01
C ARG A 35 2.27 12.05 -4.51
N ALA A 36 2.45 12.18 -5.83
CA ALA A 36 3.77 12.26 -6.46
C ALA A 36 4.60 13.39 -5.86
N ASP A 37 3.96 14.45 -5.39
CA ASP A 37 4.53 15.65 -4.77
C ASP A 37 5.51 15.31 -3.64
N LYS A 38 5.25 14.22 -2.92
CA LYS A 38 6.08 13.73 -1.81
C LYS A 38 6.56 12.29 -2.10
N GLY A 39 6.09 11.69 -3.20
CA GLY A 39 6.43 10.33 -3.63
C GLY A 39 5.92 9.34 -2.60
N ILE A 40 4.67 9.49 -2.19
CA ILE A 40 4.00 8.65 -1.22
C ILE A 40 2.60 8.33 -1.72
N ALA A 41 2.01 7.30 -1.14
CA ALA A 41 0.69 6.82 -1.45
C ALA A 41 -0.02 6.48 -0.14
N PHE A 42 -1.33 6.30 -0.23
CA PHE A 42 -2.21 5.95 0.89
C PHE A 42 -3.10 4.82 0.41
N LEU A 43 -2.83 3.60 0.84
CA LEU A 43 -3.59 2.42 0.43
C LEU A 43 -4.46 2.03 1.60
N GLU A 44 -5.76 2.16 1.42
CA GLU A 44 -6.78 1.86 2.42
C GLU A 44 -7.23 0.41 2.22
N PHE A 45 -7.71 -0.23 3.28
CA PHE A 45 -8.19 -1.60 3.27
C PHE A 45 -9.33 -1.73 4.29
N ASP A 46 -10.41 -2.42 3.92
CA ASP A 46 -11.60 -2.64 4.76
C ASP A 46 -11.60 -4.03 5.37
N ALA A 47 -11.42 -4.07 6.69
CA ALA A 47 -11.41 -5.23 7.55
C ALA A 47 -12.83 -5.72 7.78
N ASP A 48 -13.84 -4.88 7.61
CA ASP A 48 -15.23 -5.32 7.78
C ASP A 48 -15.50 -6.39 6.74
N LYS A 49 -14.83 -6.29 5.58
CA LYS A 49 -14.94 -7.25 4.50
C LYS A 49 -14.49 -8.64 4.95
N ASP A 50 -13.49 -8.77 5.84
CA ASP A 50 -13.02 -10.08 6.30
C ASP A 50 -12.31 -10.06 7.66
N ARG A 51 -12.96 -10.61 8.68
CA ARG A 51 -12.38 -10.68 10.02
C ARG A 51 -11.19 -11.64 10.10
N THR A 52 -11.01 -12.58 9.17
CA THR A 52 -9.88 -13.52 9.25
C THR A 52 -8.95 -13.50 8.01
N GLY A 53 -9.05 -12.47 7.14
CA GLY A 53 -8.25 -12.30 5.94
C GLY A 53 -7.62 -10.91 5.77
N ILE A 54 -8.11 -9.85 6.44
CA ILE A 54 -7.53 -8.51 6.32
C ILE A 54 -6.05 -8.55 6.74
N GLN A 55 -5.74 -9.47 7.65
CA GLN A 55 -4.43 -9.70 8.22
C GLN A 55 -3.46 -10.17 7.11
N ARG A 56 -3.81 -11.24 6.43
CA ARG A 56 -3.04 -11.82 5.31
C ARG A 56 -2.84 -10.80 4.19
N ARG A 57 -3.74 -9.84 4.04
CA ARG A 57 -3.60 -8.81 3.03
C ARG A 57 -2.56 -7.81 3.51
N MET A 58 -2.63 -7.39 4.77
CA MET A 58 -1.70 -6.45 5.38
C MET A 58 -0.29 -7.03 5.28
N ASP A 59 -0.14 -8.33 5.51
CA ASP A 59 1.14 -9.06 5.44
C ASP A 59 1.80 -8.86 4.07
N ILE A 60 1.03 -9.06 3.00
CA ILE A 60 1.49 -8.90 1.62
C ILE A 60 1.86 -7.44 1.37
N ALA A 61 1.06 -6.50 1.86
CA ALA A 61 1.34 -5.08 1.69
C ALA A 61 2.66 -4.76 2.37
N LEU A 62 2.88 -5.25 3.59
CA LEU A 62 4.10 -5.03 4.38
C LEU A 62 5.29 -5.67 3.67
N LEU A 63 5.08 -6.79 2.97
CA LEU A 63 6.15 -7.47 2.24
C LEU A 63 6.70 -6.58 1.12
N GLN A 64 6.05 -5.45 0.78
CA GLN A 64 6.53 -4.56 -0.26
C GLN A 64 7.55 -3.56 0.31
N HIS A 65 7.86 -3.58 1.61
CA HIS A 65 8.83 -2.67 2.22
C HIS A 65 10.19 -2.98 1.61
N GLY A 66 10.70 -2.02 0.85
CA GLY A 66 11.97 -2.11 0.17
C GLY A 66 11.85 -2.51 -1.30
N THR A 67 10.64 -2.71 -1.86
CA THR A 67 10.55 -3.09 -3.26
C THR A 67 11.06 -1.95 -4.17
N LEU A 68 11.75 -2.34 -5.23
CA LEU A 68 12.33 -1.44 -6.21
C LEU A 68 11.32 -1.21 -7.31
N LEU A 69 10.88 0.03 -7.45
CA LEU A 69 9.90 0.47 -8.44
C LEU A 69 10.59 1.55 -9.23
N LYS A 70 10.73 1.37 -10.54
CA LYS A 70 11.39 2.29 -11.47
C LYS A 70 12.70 2.80 -10.87
N GLU A 71 13.49 1.87 -10.35
CA GLU A 71 14.81 2.09 -9.72
C GLU A 71 14.78 3.03 -8.50
N LYS A 72 13.69 2.98 -7.74
CA LYS A 72 13.49 3.77 -6.52
C LYS A 72 13.04 2.77 -5.48
N LYS A 73 13.84 2.61 -4.43
CA LYS A 73 13.54 1.68 -3.35
C LYS A 73 12.49 2.32 -2.46
N ILE A 74 11.29 1.80 -2.53
CA ILE A 74 10.14 2.28 -1.76
C ILE A 74 10.19 1.74 -0.32
N ASN A 75 9.31 2.25 0.53
CA ASN A 75 9.18 1.88 1.94
C ASN A 75 7.72 1.65 2.26
N VAL A 76 7.44 0.85 3.29
CA VAL A 76 6.08 0.55 3.71
C VAL A 76 5.98 0.54 5.24
N GLU A 77 4.97 1.20 5.81
CA GLU A 77 4.73 1.27 7.25
C GLU A 77 3.22 1.26 7.49
N LEU A 78 2.82 1.23 8.77
CA LEU A 78 1.41 1.24 9.17
C LEU A 78 1.01 2.66 9.53
N THR A 79 -0.28 2.96 9.33
CA THR A 79 -0.82 4.26 9.66
C THR A 79 -2.28 4.07 10.06
N VAL A 80 -2.50 3.71 11.32
CA VAL A 80 -3.84 3.47 11.89
C VAL A 80 -3.74 3.38 13.40
N GLY A 81 -3.02 2.38 13.89
CA GLY A 81 -2.82 2.15 15.32
C GLY A 81 -1.97 3.24 15.95
N GLY A 82 -1.02 3.80 15.19
CA GLY A 82 -0.10 4.84 15.57
C GLY A 82 0.73 5.14 14.35
#